data_5U4W
#
_entry.id   5U4W
#
_cell.length_a   1
_cell.length_b   1
_cell.length_c   1
_cell.angle_alpha   90.00
_cell.angle_beta   90.00
_cell.angle_gamma   90.00
#
_symmetry.space_group_name_H-M   'P 1'
#
loop_
_entity.id
_entity.type
_entity.pdbx_description
1 polymer 'E protein'
2 polymer 'pr domain'
3 polymer 'Protein E'
4 polymer 'M protein'
5 non-polymer 2-acetamido-2-deoxy-beta-D-glucopyranose
6 non-polymer beta-D-mannopyranose
#
loop_
_entity_poly.entity_id
_entity_poly.type
_entity_poly.pdbx_seq_one_letter_code
_entity_poly.pdbx_strand_id
1 'polypeptide(L)'
;GENLYFQGMRCIGMSNRDFVEGVSGGSWVDIVLEHGSCVTTMAKNKPTLDFELIKTEAKQPATLRKYCIEAKLTNTTTES
RCPTQGEPSLNEEQDKRFVCKHSMVDRGWGNGCGLFGKGGIVTCAMFRCKKNMEGKVVQPENLEYTIVITPHSGEEHAVG
NDTGKHGKEIKITPQSSITEAELTGYGTVTMECSPRTGLDFNEMVLLQMENKAWLVHRQWFLDLPLPWLPGADTQGSNWI
QKETLVTFKNPHAKKQDVVVLGSQEGAMHTALTGATEIQMSSGNLLFTGHLKCRLRMDKLQLKGMSYSMCTGKFKVVKEI
AETQHGTIVIRVQYEGDGSPCKIPFEIMDLEKRHVLGRLITVNPIVTEKDSPVNIEAEPPFGDSYIIIGVEPGQLKLNWF
KK
;
A,C,E
2 'polypeptide(L)'
;FHLTTRNGEPHMIVSRQEKGKSLLFKTEDGVNMCTLMAMDLGELCEDTITYKCPLLRQNEPEDIDCWCNSTSTWVTYGTC
T
;
B,D,F
3 'polypeptide(L)' GALNSLGKGIHQIFGAAFKSLFGGMSWFSQILIGTLLMWLGLNTKNGSISLMCLALGGVLIFLSTA G,I,K
4 'polypeptide(L)' REYTKHLIRVENWIFRNPGFALAAAAIAWLLGSSTSQKVIYLVMILLIAPAYS H,J,L
#
# COMPACT_ATOMS: atom_id res chain seq x y z
N TYR A 5 -30.79 27.38 -45.86
CA TYR A 5 -31.87 27.66 -46.85
C TYR A 5 -31.40 28.04 -48.25
N PHE A 6 -30.12 28.33 -48.43
CA PHE A 6 -29.62 28.68 -49.77
C PHE A 6 -28.43 27.82 -50.18
N GLN A 7 -28.22 27.69 -51.49
CA GLN A 7 -27.16 26.86 -52.04
C GLN A 7 -25.75 27.42 -51.87
N GLY A 8 -24.95 26.75 -51.03
CA GLY A 8 -23.60 27.21 -50.80
C GLY A 8 -23.46 27.72 -49.37
N MET A 9 -24.56 27.63 -48.63
CA MET A 9 -24.58 28.10 -47.26
C MET A 9 -23.82 27.17 -46.32
N ARG A 10 -23.92 25.87 -46.56
CA ARG A 10 -23.25 24.91 -45.71
C ARG A 10 -21.78 25.26 -45.52
N CYS A 11 -21.09 25.53 -46.61
CA CYS A 11 -19.67 25.85 -46.54
C CYS A 11 -19.40 27.19 -45.89
N ILE A 12 -20.31 28.15 -46.08
CA ILE A 12 -20.13 29.47 -45.47
C ILE A 12 -20.24 29.36 -43.96
N GLY A 13 -21.08 28.44 -43.49
CA GLY A 13 -21.27 28.27 -42.06
C GLY A 13 -20.20 27.45 -41.40
N MET A 14 -19.26 26.94 -42.19
CA MET A 14 -18.20 26.14 -41.61
C MET A 14 -17.00 27.00 -41.21
N SER A 15 -16.39 26.65 -40.09
CA SER A 15 -15.24 27.39 -39.60
C SER A 15 -14.00 27.00 -40.40
N ASN A 16 -13.90 25.73 -40.77
CA ASN A 16 -12.78 25.27 -41.57
C ASN A 16 -13.12 25.34 -43.05
N ARG A 17 -12.72 26.43 -43.68
CA ARG A 17 -13.00 26.65 -45.08
C ARG A 17 -11.77 27.22 -45.80
N ASP A 18 -11.30 26.51 -46.83
CA ASP A 18 -10.16 26.95 -47.63
C ASP A 18 -10.61 27.59 -48.95
N PHE A 19 -9.92 28.65 -49.38
CA PHE A 19 -10.22 29.29 -50.63
C PHE A 19 -9.07 28.99 -51.57
N VAL A 20 -9.36 28.30 -52.66
CA VAL A 20 -8.33 27.94 -53.62
C VAL A 20 -8.63 28.53 -54.99
N GLU A 21 -7.59 28.89 -55.73
CA GLU A 21 -7.76 29.45 -57.07
C GLU A 21 -6.60 29.04 -57.96
N GLY A 22 -6.87 28.77 -59.22
CA GLY A 22 -5.80 28.35 -60.13
C GLY A 22 -4.99 29.52 -60.66
N VAL A 23 -3.66 29.43 -60.57
CA VAL A 23 -2.78 30.49 -61.06
C VAL A 23 -2.56 30.41 -62.57
N SER A 24 -3.24 29.47 -63.21
CA SER A 24 -3.11 29.28 -64.66
C SER A 24 -4.50 29.17 -65.28
N GLY A 25 -4.56 28.66 -66.50
CA GLY A 25 -5.84 28.52 -67.18
C GLY A 25 -5.89 27.13 -67.80
N GLY A 26 -6.92 26.37 -67.49
CA GLY A 26 -7.02 25.02 -68.02
C GLY A 26 -6.12 24.09 -67.23
N SER A 27 -5.40 24.67 -66.26
CA SER A 27 -4.49 23.90 -65.42
C SER A 27 -5.22 23.13 -64.33
N TRP A 28 -4.48 22.29 -63.62
CA TRP A 28 -5.06 21.54 -62.51
C TRP A 28 -4.88 22.38 -61.25
N VAL A 29 -5.84 22.28 -60.34
CA VAL A 29 -5.75 23.00 -59.08
C VAL A 29 -5.79 21.94 -57.98
N ASP A 30 -4.90 22.05 -57.01
CA ASP A 30 -4.88 21.08 -55.92
C ASP A 30 -5.68 21.56 -54.72
N ILE A 31 -6.34 20.63 -54.04
CA ILE A 31 -7.10 20.94 -52.85
C ILE A 31 -6.98 19.77 -51.89
N VAL A 32 -7.15 20.04 -50.62
CA VAL A 32 -7.08 19.02 -49.59
C VAL A 32 -8.46 18.91 -48.93
N LEU A 33 -9.03 17.71 -48.95
CA LEU A 33 -10.34 17.49 -48.36
C LEU A 33 -10.25 16.77 -47.02
N GLU A 34 -10.99 17.28 -46.04
CA GLU A 34 -11.02 16.74 -44.67
C GLU A 34 -12.46 16.68 -44.19
N HIS A 35 -12.75 15.75 -43.27
CA HIS A 35 -14.10 15.64 -42.70
C HIS A 35 -14.33 16.87 -41.83
N GLY A 36 -15.50 17.50 -42.00
CA GLY A 36 -15.82 18.67 -41.22
C GLY A 36 -15.33 19.99 -41.80
N SER A 37 -14.67 19.93 -42.96
CA SER A 37 -14.17 21.14 -43.59
C SER A 37 -14.70 21.20 -45.01
N CYS A 38 -14.49 22.33 -45.66
CA CYS A 38 -14.91 22.45 -47.05
C CYS A 38 -13.92 23.34 -47.76
N VAL A 39 -13.88 23.21 -49.08
CA VAL A 39 -12.98 24.00 -49.89
C VAL A 39 -13.79 24.69 -50.97
N THR A 40 -13.55 25.99 -51.12
CA THR A 40 -14.23 26.79 -52.14
C THR A 40 -13.23 27.12 -53.24
N THR A 41 -13.55 26.75 -54.47
CA THR A 41 -12.65 27.06 -55.58
C THR A 41 -13.22 28.15 -56.47
N MET A 42 -12.33 28.96 -57.02
CA MET A 42 -12.73 30.04 -57.88
C MET A 42 -11.80 30.16 -59.08
N ALA A 43 -12.33 30.69 -60.17
CA ALA A 43 -11.54 30.89 -61.38
C ALA A 43 -12.25 31.90 -62.25
N LYS A 44 -11.47 32.63 -63.05
CA LYS A 44 -11.99 33.64 -63.94
C LYS A 44 -13.02 33.04 -64.89
N ASN A 45 -14.21 33.65 -64.94
CA ASN A 45 -15.28 33.18 -65.82
C ASN A 45 -15.74 31.75 -65.59
N LYS A 46 -15.61 31.28 -64.37
CA LYS A 46 -16.00 29.92 -64.01
C LYS A 46 -16.82 30.03 -62.73
N PRO A 47 -17.78 29.13 -62.52
CA PRO A 47 -18.53 29.27 -61.28
C PRO A 47 -17.67 28.86 -60.11
N THR A 48 -18.03 29.36 -58.94
CA THR A 48 -17.33 29.06 -57.73
C THR A 48 -17.98 27.78 -57.23
N LEU A 49 -17.17 26.82 -56.80
CA LEU A 49 -17.66 25.54 -56.31
C LEU A 49 -17.25 25.24 -54.86
N ASP A 50 -18.07 24.44 -54.20
CA ASP A 50 -17.79 24.02 -52.82
C ASP A 50 -17.58 22.51 -52.82
N PHE A 51 -16.53 22.08 -52.13
CA PHE A 51 -16.19 20.67 -52.02
C PHE A 51 -16.15 20.20 -50.56
N GLU A 52 -16.78 19.06 -50.30
CA GLU A 52 -16.77 18.50 -48.96
C GLU A 52 -16.70 16.97 -48.98
N LEU A 53 -15.84 16.42 -48.15
CA LEU A 53 -15.73 14.97 -48.04
C LEU A 53 -16.66 14.61 -46.87
N ILE A 54 -17.80 14.00 -47.17
CA ILE A 54 -18.76 13.67 -46.11
C ILE A 54 -18.71 12.23 -45.57
N LYS A 55 -18.36 11.26 -46.40
CA LYS A 55 -18.29 9.90 -45.91
C LYS A 55 -17.07 9.10 -46.38
N THR A 56 -16.58 8.24 -45.50
CA THR A 56 -15.44 7.38 -45.79
C THR A 56 -15.75 6.03 -45.17
N GLU A 57 -16.15 5.06 -45.99
CA GLU A 57 -16.47 3.74 -45.48
C GLU A 57 -15.90 2.58 -46.27
N ALA A 58 -15.64 1.49 -45.55
CA ALA A 58 -15.12 0.28 -46.16
C ALA A 58 -16.33 -0.55 -46.54
N LYS A 59 -16.35 -1.04 -47.78
CA LYS A 59 -17.45 -1.86 -48.25
C LYS A 59 -17.00 -3.32 -48.36
N GLN A 60 -17.76 -4.20 -47.72
CA GLN A 60 -17.49 -5.63 -47.70
C GLN A 60 -16.02 -6.03 -47.57
N PRO A 61 -15.39 -5.64 -46.44
CA PRO A 61 -13.99 -5.98 -46.20
C PRO A 61 -13.86 -7.45 -45.82
N ALA A 62 -12.73 -8.05 -46.20
CA ALA A 62 -12.50 -9.46 -45.92
C ALA A 62 -12.64 -9.87 -44.45
N THR A 63 -13.43 -10.91 -44.21
CA THR A 63 -13.65 -11.42 -42.85
C THR A 63 -12.51 -12.37 -42.50
N LEU A 64 -11.78 -12.03 -41.45
CA LEU A 64 -10.64 -12.83 -41.03
C LEU A 64 -11.00 -14.05 -40.19
N ARG A 65 -11.73 -13.84 -39.10
CA ARG A 65 -12.08 -14.94 -38.24
C ARG A 65 -13.34 -14.68 -37.43
N LYS A 66 -14.20 -15.69 -37.32
CA LYS A 66 -15.43 -15.59 -36.55
C LYS A 66 -15.20 -16.25 -35.19
N TYR A 67 -15.43 -15.49 -34.13
CA TYR A 67 -15.27 -16.02 -32.78
C TYR A 67 -16.60 -16.25 -32.12
N CYS A 68 -16.78 -17.43 -31.54
CA CYS A 68 -18.01 -17.73 -30.84
C CYS A 68 -17.84 -17.15 -29.42
N ILE A 69 -18.85 -16.45 -28.91
CA ILE A 69 -18.74 -15.89 -27.56
C ILE A 69 -19.82 -16.40 -26.60
N GLU A 70 -20.67 -17.28 -27.10
CA GLU A 70 -21.73 -17.86 -26.31
C GLU A 70 -22.23 -19.11 -27.00
N ALA A 71 -22.31 -20.20 -26.24
CA ALA A 71 -22.75 -21.45 -26.84
C ALA A 71 -23.60 -22.30 -25.91
N LYS A 72 -24.16 -23.36 -26.49
CA LYS A 72 -24.97 -24.29 -25.74
C LYS A 72 -24.45 -25.70 -26.06
N LEU A 73 -24.79 -26.66 -25.21
CA LEU A 73 -24.38 -28.04 -25.41
C LEU A 73 -25.62 -28.92 -25.43
N THR A 74 -25.61 -29.95 -26.26
CA THR A 74 -26.72 -30.89 -26.33
C THR A 74 -26.13 -32.29 -26.56
N ASN A 75 -26.99 -33.30 -26.47
CA ASN A 75 -26.59 -34.69 -26.66
C ASN A 75 -25.19 -35.02 -26.16
N THR A 76 -25.01 -34.97 -24.85
CA THR A 76 -23.74 -35.29 -24.26
C THR A 76 -23.72 -36.83 -24.15
N THR A 77 -22.67 -37.46 -24.67
CA THR A 77 -22.58 -38.91 -24.63
C THR A 77 -21.26 -39.42 -24.07
N THR A 78 -21.34 -40.47 -23.26
CA THR A 78 -20.13 -41.02 -22.66
C THR A 78 -19.91 -42.50 -22.95
N GLU A 79 -18.66 -42.86 -23.15
CA GLU A 79 -18.26 -44.24 -23.43
C GLU A 79 -16.98 -44.52 -22.66
N SER A 80 -16.86 -45.71 -22.09
CA SER A 80 -15.65 -46.03 -21.35
C SER A 80 -15.32 -47.52 -21.36
N ARG A 81 -14.03 -47.86 -21.31
CA ARG A 81 -13.63 -49.26 -21.30
C ARG A 81 -12.88 -49.64 -20.04
N CYS A 82 -12.81 -50.94 -19.77
CA CYS A 82 -12.14 -51.46 -18.59
C CYS A 82 -10.64 -51.38 -18.69
N PRO A 83 -9.93 -51.54 -17.56
CA PRO A 83 -8.46 -51.48 -17.63
C PRO A 83 -8.04 -52.63 -18.56
N THR A 84 -7.05 -52.38 -19.40
CA THR A 84 -6.55 -53.42 -20.31
C THR A 84 -7.15 -53.47 -21.71
N GLN A 85 -8.30 -52.85 -21.92
CA GLN A 85 -8.93 -52.92 -23.24
C GLN A 85 -8.85 -51.72 -24.16
N GLY A 86 -7.74 -50.99 -24.08
CA GLY A 86 -7.54 -49.83 -24.94
C GLY A 86 -8.46 -48.64 -24.79
N GLU A 87 -8.25 -47.65 -25.67
CA GLU A 87 -9.01 -46.40 -25.68
C GLU A 87 -10.37 -46.52 -26.35
N PRO A 88 -11.45 -46.16 -25.64
CA PRO A 88 -12.79 -46.25 -26.20
C PRO A 88 -12.97 -45.16 -27.25
N SER A 89 -14.04 -45.25 -28.02
CA SER A 89 -14.28 -44.26 -29.05
C SER A 89 -15.75 -44.10 -29.34
N LEU A 90 -16.09 -42.95 -29.89
CA LEU A 90 -17.47 -42.64 -30.26
C LEU A 90 -17.37 -42.10 -31.68
N ASN A 91 -18.27 -42.52 -32.56
CA ASN A 91 -18.21 -42.04 -33.94
C ASN A 91 -18.44 -40.53 -34.04
N GLU A 92 -19.22 -39.96 -33.12
CA GLU A 92 -19.47 -38.53 -33.14
C GLU A 92 -18.16 -37.78 -32.87
N GLU A 93 -17.12 -38.54 -32.55
CA GLU A 93 -15.81 -37.97 -32.29
C GLU A 93 -15.21 -37.58 -33.64
N GLN A 94 -15.94 -37.90 -34.71
CA GLN A 94 -15.54 -37.61 -36.09
C GLN A 94 -16.46 -36.53 -36.68
N ASP A 95 -17.46 -36.14 -35.91
CA ASP A 95 -18.42 -35.12 -36.32
C ASP A 95 -17.89 -33.78 -35.80
N LYS A 96 -17.50 -32.91 -36.71
CA LYS A 96 -16.93 -31.61 -36.35
C LYS A 96 -17.81 -30.68 -35.49
N ARG A 97 -19.06 -31.03 -35.28
CA ARG A 97 -19.94 -30.20 -34.46
C ARG A 97 -19.83 -30.54 -32.98
N PHE A 98 -19.08 -31.58 -32.64
CA PHE A 98 -18.94 -32.00 -31.24
C PHE A 98 -17.62 -31.63 -30.60
N VAL A 99 -17.63 -31.50 -29.28
CA VAL A 99 -16.44 -31.21 -28.53
C VAL A 99 -16.28 -32.50 -27.74
N CYS A 100 -15.06 -33.03 -27.70
CA CYS A 100 -14.83 -34.28 -27.00
C CYS A 100 -13.54 -34.23 -26.21
N LYS A 101 -13.42 -35.13 -25.23
CA LYS A 101 -12.22 -35.21 -24.42
C LYS A 101 -11.96 -36.67 -24.08
N HIS A 102 -10.69 -37.02 -23.98
CA HIS A 102 -10.33 -38.38 -23.62
C HIS A 102 -9.72 -38.27 -22.24
N SER A 103 -10.05 -39.24 -21.38
CA SER A 103 -9.53 -39.26 -20.00
C SER A 103 -9.40 -40.70 -19.52
N MET A 104 -8.98 -40.83 -18.26
CA MET A 104 -8.83 -42.12 -17.62
C MET A 104 -9.63 -42.01 -16.33
N VAL A 105 -10.29 -43.09 -15.94
CA VAL A 105 -11.08 -43.08 -14.71
C VAL A 105 -10.96 -44.46 -14.05
N ASP A 106 -11.03 -44.48 -12.72
CA ASP A 106 -10.95 -45.74 -11.99
C ASP A 106 -12.12 -46.63 -12.41
N ARG A 107 -11.87 -47.93 -12.48
CA ARG A 107 -12.89 -48.90 -12.84
C ARG A 107 -12.74 -50.10 -11.91
N GLY A 108 -13.64 -51.07 -11.99
CA GLY A 108 -13.53 -52.22 -11.10
C GLY A 108 -14.81 -53.05 -11.05
N TRP A 109 -14.86 -53.98 -10.11
CA TRP A 109 -16.02 -54.87 -9.97
C TRP A 109 -17.33 -54.12 -9.76
N GLY A 110 -17.24 -52.99 -9.08
CA GLY A 110 -18.43 -52.20 -8.82
C GLY A 110 -19.08 -51.59 -10.05
N ASN A 111 -18.37 -51.53 -11.18
CA ASN A 111 -18.96 -50.96 -12.37
C ASN A 111 -18.78 -51.76 -13.63
N GLY A 112 -18.77 -53.08 -13.50
CA GLY A 112 -18.67 -53.94 -14.66
C GLY A 112 -17.33 -54.41 -15.19
N CYS A 113 -16.25 -54.19 -14.45
CA CYS A 113 -14.95 -54.62 -14.93
C CYS A 113 -14.37 -55.78 -14.12
N GLY A 114 -13.57 -56.60 -14.80
CA GLY A 114 -12.96 -57.74 -14.12
C GLY A 114 -11.81 -57.34 -13.21
N LEU A 115 -11.05 -56.33 -13.66
CA LEU A 115 -9.89 -55.82 -12.95
C LEU A 115 -10.10 -54.44 -12.37
N PHE A 116 -9.40 -54.13 -11.29
CA PHE A 116 -9.48 -52.80 -10.73
C PHE A 116 -8.30 -52.09 -11.38
N GLY A 117 -8.50 -50.83 -11.76
CA GLY A 117 -7.45 -50.09 -12.41
C GLY A 117 -8.04 -48.98 -13.25
N LYS A 118 -7.18 -48.18 -13.86
CA LYS A 118 -7.64 -47.08 -14.69
C LYS A 118 -8.16 -47.58 -16.03
N GLY A 119 -9.25 -46.98 -16.49
CA GLY A 119 -9.84 -47.35 -17.76
C GLY A 119 -10.00 -46.13 -18.63
N GLY A 120 -10.13 -46.35 -19.93
CA GLY A 120 -10.28 -45.23 -20.84
C GLY A 120 -11.73 -44.79 -20.98
N ILE A 121 -11.96 -43.48 -20.90
CA ILE A 121 -13.30 -42.94 -21.03
C ILE A 121 -13.25 -41.76 -21.99
N VAL A 122 -14.35 -41.56 -22.72
CA VAL A 122 -14.46 -40.48 -23.69
C VAL A 122 -15.87 -39.87 -23.62
N THR A 123 -15.95 -38.56 -23.76
CA THR A 123 -17.24 -37.87 -23.67
C THR A 123 -17.35 -36.81 -24.76
N CYS A 124 -18.51 -36.75 -25.41
CA CYS A 124 -18.70 -35.75 -26.46
C CYS A 124 -20.05 -35.07 -26.26
N ALA A 125 -20.11 -33.82 -26.68
CA ALA A 125 -21.33 -33.04 -26.58
C ALA A 125 -21.41 -32.19 -27.84
N MET A 126 -22.60 -32.06 -28.40
CA MET A 126 -22.75 -31.24 -29.59
C MET A 126 -22.60 -29.80 -29.13
N PHE A 127 -21.80 -29.03 -29.86
CA PHE A 127 -21.52 -27.63 -29.57
C PHE A 127 -22.31 -26.75 -30.52
N ARG A 128 -23.16 -25.90 -29.97
CA ARG A 128 -23.99 -25.00 -30.76
C ARG A 128 -23.75 -23.54 -30.37
N CYS A 129 -23.11 -22.78 -31.27
CA CYS A 129 -22.82 -21.38 -31.01
C CYS A 129 -24.12 -20.56 -31.10
N LYS A 130 -24.35 -19.70 -30.09
CA LYS A 130 -25.56 -18.90 -30.06
C LYS A 130 -25.33 -17.41 -30.34
N LYS A 131 -24.08 -16.96 -30.17
CA LYS A 131 -23.74 -15.57 -30.40
C LYS A 131 -22.25 -15.49 -30.67
N ASN A 132 -21.89 -14.90 -31.81
CA ASN A 132 -20.49 -14.78 -32.20
C ASN A 132 -20.16 -13.36 -32.62
N MET A 133 -18.87 -13.10 -32.74
CA MET A 133 -18.38 -11.81 -33.19
C MET A 133 -17.41 -12.09 -34.32
N GLU A 134 -17.16 -11.11 -35.18
CA GLU A 134 -16.24 -11.31 -36.28
C GLU A 134 -15.32 -10.12 -36.49
N GLY A 135 -14.06 -10.41 -36.75
CA GLY A 135 -13.09 -9.35 -37.00
C GLY A 135 -12.81 -9.28 -38.48
N LYS A 136 -12.81 -8.07 -39.03
CA LYS A 136 -12.56 -7.90 -40.44
C LYS A 136 -11.27 -7.14 -40.73
N VAL A 137 -10.77 -7.32 -41.95
CA VAL A 137 -9.56 -6.64 -42.36
C VAL A 137 -9.92 -5.61 -43.45
N VAL A 138 -9.66 -4.35 -43.15
CA VAL A 138 -9.95 -3.27 -44.07
C VAL A 138 -8.74 -2.97 -44.96
N GLN A 139 -8.94 -3.09 -46.27
CA GLN A 139 -7.86 -2.81 -47.23
C GLN A 139 -7.95 -1.33 -47.63
N PRO A 140 -6.80 -0.64 -47.68
CA PRO A 140 -6.78 0.78 -48.06
C PRO A 140 -7.60 0.98 -49.34
N GLU A 141 -7.43 0.06 -50.28
CA GLU A 141 -8.18 0.12 -51.52
C GLU A 141 -9.58 -0.33 -51.12
N ASN A 142 -10.52 -0.30 -52.06
CA ASN A 142 -11.88 -0.71 -51.72
C ASN A 142 -12.51 0.18 -50.64
N LEU A 143 -11.80 1.22 -50.23
CA LEU A 143 -12.36 2.16 -49.26
C LEU A 143 -13.12 3.09 -50.19
N GLU A 144 -14.26 3.61 -49.76
CA GLU A 144 -15.03 4.47 -50.63
C GLU A 144 -15.34 5.83 -50.03
N TYR A 145 -14.81 6.87 -50.65
CA TYR A 145 -15.01 8.24 -50.16
C TYR A 145 -16.16 8.93 -50.89
N THR A 146 -17.02 9.60 -50.13
CA THR A 146 -18.15 10.32 -50.74
C THR A 146 -17.83 11.80 -50.69
N ILE A 147 -17.92 12.45 -51.84
CA ILE A 147 -17.62 13.88 -51.94
C ILE A 147 -18.77 14.61 -52.59
N VAL A 148 -19.16 15.73 -51.98
CA VAL A 148 -20.24 16.54 -52.52
C VAL A 148 -19.67 17.80 -53.13
N ILE A 149 -20.07 18.08 -54.36
CA ILE A 149 -19.60 19.23 -55.09
C ILE A 149 -20.82 20.11 -55.28
N THR A 150 -20.85 21.22 -54.53
CA THR A 150 -21.99 22.14 -54.58
C THR A 150 -21.67 23.45 -55.28
N PRO A 151 -22.52 23.87 -56.22
CA PRO A 151 -22.31 25.13 -56.95
C PRO A 151 -22.57 26.29 -55.97
N HIS A 152 -21.65 27.24 -55.88
CA HIS A 152 -21.78 28.39 -54.99
C HIS A 152 -22.56 29.46 -55.76
N SER A 153 -23.87 29.36 -55.71
CA SER A 153 -24.75 30.25 -56.45
C SER A 153 -25.56 31.17 -55.55
N GLY A 154 -25.91 30.67 -54.37
CA GLY A 154 -26.70 31.45 -53.44
C GLY A 154 -28.20 31.20 -53.62
N GLU A 155 -28.59 30.43 -54.64
CA GLU A 155 -29.99 30.12 -54.89
C GLU A 155 -30.67 29.58 -53.63
N GLU A 156 -32.00 29.64 -53.54
CA GLU A 156 -32.65 29.17 -52.33
C GLU A 156 -33.41 27.88 -52.32
N HIS A 157 -33.58 27.38 -51.10
CA HIS A 157 -34.36 26.18 -50.77
C HIS A 157 -35.13 26.20 -49.45
N ALA A 158 -34.52 26.00 -48.25
CA ALA A 158 -35.32 26.00 -46.95
C ALA A 158 -35.22 24.66 -46.16
N GLY A 164 -33.69 19.30 -53.78
CA GLY A 164 -34.06 19.88 -55.06
C GLY A 164 -32.93 20.71 -55.65
N LYS A 165 -31.93 21.02 -54.83
CA LYS A 165 -30.77 21.78 -55.28
C LYS A 165 -29.48 21.21 -54.69
N HIS A 166 -29.50 19.91 -54.41
CA HIS A 166 -28.30 19.23 -53.90
C HIS A 166 -27.11 19.45 -54.81
N GLY A 167 -25.92 19.58 -54.20
CA GLY A 167 -24.68 19.39 -54.92
C GLY A 167 -24.51 17.96 -55.40
N LYS A 168 -23.80 17.80 -56.51
CA LYS A 168 -23.55 16.49 -57.07
C LYS A 168 -22.79 15.65 -56.04
N GLU A 169 -23.23 14.41 -55.85
CA GLU A 169 -22.58 13.53 -54.92
C GLU A 169 -21.84 12.51 -55.78
N ILE A 170 -20.59 12.24 -55.46
CA ILE A 170 -19.82 11.25 -56.21
C ILE A 170 -19.02 10.37 -55.25
N LYS A 171 -18.95 9.08 -55.57
CA LYS A 171 -18.24 8.12 -54.73
C LYS A 171 -17.07 7.60 -55.50
N ILE A 172 -15.90 7.58 -54.87
CA ILE A 172 -14.72 7.10 -55.56
C ILE A 172 -13.90 6.16 -54.70
N THR A 173 -12.96 5.46 -55.34
CA THR A 173 -12.08 4.51 -54.67
C THR A 173 -10.65 4.78 -55.10
N PRO A 174 -9.67 4.50 -54.23
CA PRO A 174 -8.30 4.78 -54.67
C PRO A 174 -7.94 4.01 -55.94
N GLN A 175 -8.85 3.15 -56.39
CA GLN A 175 -8.61 2.37 -57.60
C GLN A 175 -9.45 2.84 -58.78
N SER A 176 -10.41 3.73 -58.54
CA SER A 176 -11.24 4.23 -59.62
C SER A 176 -10.47 5.28 -60.42
N SER A 177 -10.86 5.47 -61.68
CA SER A 177 -10.17 6.42 -62.53
C SER A 177 -10.68 7.85 -62.34
N ILE A 178 -10.06 8.79 -63.06
CA ILE A 178 -10.45 10.18 -62.97
C ILE A 178 -11.95 10.35 -63.19
N THR A 179 -12.56 11.10 -62.29
CA THR A 179 -14.00 11.33 -62.33
C THR A 179 -14.40 12.56 -63.10
N GLU A 180 -15.49 12.45 -63.85
CA GLU A 180 -16.05 13.56 -64.60
C GLU A 180 -17.45 13.78 -64.04
N ALA A 181 -17.58 14.74 -63.13
CA ALA A 181 -18.86 15.01 -62.50
C ALA A 181 -19.65 16.09 -63.18
N GLU A 182 -20.91 15.79 -63.46
CA GLU A 182 -21.78 16.76 -64.11
C GLU A 182 -22.51 17.59 -63.08
N LEU A 183 -22.50 18.90 -63.30
CA LEU A 183 -23.20 19.84 -62.45
C LEU A 183 -24.27 20.49 -63.30
N THR A 184 -25.52 20.05 -63.09
CA THR A 184 -26.66 20.56 -63.85
C THR A 184 -26.61 22.07 -64.02
N GLY A 185 -26.46 22.47 -65.27
CA GLY A 185 -26.41 23.88 -65.61
C GLY A 185 -25.03 24.46 -65.86
N TYR A 186 -23.97 23.86 -65.32
CA TYR A 186 -22.66 24.45 -65.48
C TYR A 186 -21.65 23.65 -66.29
N GLY A 187 -21.98 22.39 -66.54
CA GLY A 187 -21.08 21.53 -67.29
C GLY A 187 -20.55 20.41 -66.41
N THR A 188 -19.29 20.05 -66.56
CA THR A 188 -18.74 18.99 -65.73
C THR A 188 -17.43 19.46 -65.13
N VAL A 189 -17.04 18.82 -64.05
CA VAL A 189 -15.79 19.16 -63.39
C VAL A 189 -15.06 17.86 -63.34
N THR A 190 -13.76 17.88 -63.62
CA THR A 190 -12.99 16.64 -63.60
C THR A 190 -12.03 16.65 -62.45
N MET A 191 -12.00 15.55 -61.70
CA MET A 191 -11.11 15.46 -60.55
C MET A 191 -10.62 14.05 -60.25
N GLU A 192 -9.47 13.96 -59.60
CA GLU A 192 -8.88 12.69 -59.22
C GLU A 192 -8.36 12.81 -57.79
N CYS A 193 -8.53 11.77 -56.99
CA CYS A 193 -8.09 11.84 -55.61
C CYS A 193 -7.18 10.72 -55.17
N SER A 194 -6.44 10.97 -54.10
CA SER A 194 -5.53 10.00 -53.53
C SER A 194 -5.77 9.99 -52.03
N PRO A 195 -5.89 8.80 -51.43
CA PRO A 195 -6.12 8.64 -50.00
C PRO A 195 -4.91 9.09 -49.20
N ARG A 196 -4.08 9.94 -49.80
CA ARG A 196 -2.87 10.41 -49.15
C ARG A 196 -2.93 10.46 -47.63
N THR A 197 -2.14 9.58 -47.03
CA THR A 197 -2.00 9.40 -45.59
C THR A 197 -3.02 10.16 -44.75
N LEU A 199 -3.93 6.85 -42.00
CA LEU A 199 -4.86 5.72 -42.04
C LEU A 199 -4.09 4.39 -42.20
N ASP A 200 -4.11 3.56 -41.15
CA ASP A 200 -3.41 2.28 -41.18
C ASP A 200 -4.36 1.08 -41.15
N PHE A 201 -3.96 -0.01 -41.80
CA PHE A 201 -4.76 -1.23 -41.86
C PHE A 201 -3.89 -2.44 -42.17
N GLU A 203 -1.08 -3.29 -39.79
CA GLU A 203 -1.58 -4.59 -39.32
C GLU A 203 -2.57 -4.45 -38.17
N MET A 204 -3.81 -4.10 -38.51
CA MET A 204 -4.85 -3.94 -37.52
C MET A 204 -6.07 -4.76 -37.94
N VAL A 205 -7.09 -4.77 -37.08
CA VAL A 205 -8.31 -5.53 -37.36
C VAL A 205 -9.51 -4.79 -36.80
N LEU A 206 -10.67 -4.99 -37.41
CA LEU A 206 -11.88 -4.37 -36.92
C LEU A 206 -12.89 -5.39 -36.39
N LEU A 207 -13.02 -5.38 -35.07
CA LEU A 207 -13.89 -6.28 -34.33
C LEU A 207 -15.35 -5.83 -34.28
N GLN A 208 -16.25 -6.73 -34.68
CA GLN A 208 -17.67 -6.42 -34.67
C GLN A 208 -18.49 -7.27 -33.67
N MET A 209 -18.98 -6.63 -32.62
CA MET A 209 -19.80 -7.29 -31.62
C MET A 209 -21.24 -6.80 -31.70
N GLU A 210 -21.98 -7.36 -32.64
CA GLU A 210 -23.38 -7.01 -32.82
C GLU A 210 -23.62 -5.53 -33.12
N ASN A 211 -23.29 -5.15 -34.35
CA ASN A 211 -23.47 -3.77 -34.84
C ASN A 211 -22.64 -2.68 -34.17
N LYS A 212 -21.74 -3.07 -33.27
CA LYS A 212 -20.87 -2.10 -32.60
C LYS A 212 -19.47 -2.61 -32.89
N ALA A 213 -18.61 -1.75 -33.43
CA ALA A 213 -17.25 -2.18 -33.77
C ALA A 213 -16.12 -1.43 -33.09
N TRP A 214 -14.93 -2.01 -33.16
CA TRP A 214 -13.72 -1.46 -32.57
C TRP A 214 -12.55 -1.77 -33.48
N LEU A 215 -11.48 -0.99 -33.36
CA LEU A 215 -10.27 -1.22 -34.14
C LEU A 215 -9.31 -1.85 -33.15
N VAL A 216 -8.84 -3.05 -33.44
CA VAL A 216 -7.93 -3.75 -32.54
C VAL A 216 -6.68 -4.22 -33.28
N HIS A 217 -5.58 -4.40 -32.53
CA HIS A 217 -4.36 -4.87 -33.14
C HIS A 217 -4.46 -6.34 -33.46
N ARG A 218 -3.73 -6.78 -34.48
CA ARG A 218 -3.73 -8.18 -34.86
C ARG A 218 -2.88 -8.93 -33.84
N GLN A 219 -2.84 -10.25 -33.96
CA GLN A 219 -2.07 -11.08 -33.03
C GLN A 219 -2.68 -11.06 -31.64
N TRP A 220 -3.61 -10.14 -31.42
CA TRP A 220 -4.31 -10.06 -30.14
C TRP A 220 -5.65 -10.69 -30.45
N PHE A 221 -6.17 -10.32 -31.61
CA PHE A 221 -7.44 -10.83 -32.11
C PHE A 221 -7.23 -12.32 -32.37
N LEU A 222 -6.09 -12.64 -32.99
CA LEU A 222 -5.73 -14.01 -33.34
C LEU A 222 -5.38 -14.88 -32.14
N ASP A 223 -5.12 -14.24 -31.00
CA ASP A 223 -4.76 -14.98 -29.80
C ASP A 223 -5.93 -15.21 -28.86
N LEU A 224 -7.04 -14.51 -29.11
CA LEU A 224 -8.23 -14.65 -28.28
C LEU A 224 -8.57 -16.12 -28.02
N PRO A 225 -8.73 -16.49 -26.74
CA PRO A 225 -9.07 -17.86 -26.35
C PRO A 225 -10.57 -18.07 -26.47
N LEU A 226 -11.04 -18.27 -27.69
CA LEU A 226 -12.44 -18.51 -27.93
C LEU A 226 -12.57 -19.37 -29.17
N PRO A 227 -13.67 -20.12 -29.27
CA PRO A 227 -13.85 -20.97 -30.44
C PRO A 227 -13.95 -20.08 -31.68
N TRP A 228 -13.37 -20.51 -32.80
CA TRP A 228 -13.41 -19.70 -34.02
C TRP A 228 -13.52 -20.53 -35.29
N LEU A 229 -13.75 -19.83 -36.39
CA LEU A 229 -13.88 -20.45 -37.69
C LEU A 229 -13.18 -19.57 -38.73
N PRO A 230 -12.50 -20.19 -39.71
CA PRO A 230 -11.82 -19.38 -40.73
C PRO A 230 -12.85 -18.45 -41.40
N GLY A 231 -12.43 -17.22 -41.67
CA GLY A 231 -13.32 -16.24 -42.28
C GLY A 231 -14.25 -16.69 -43.40
N ALA A 232 -13.72 -17.43 -44.37
CA ALA A 232 -14.53 -17.89 -45.50
C ALA A 232 -15.46 -19.05 -45.22
N ASP A 233 -16.13 -19.04 -44.07
CA ASP A 233 -17.05 -20.11 -43.72
C ASP A 233 -18.49 -19.67 -43.83
N THR A 234 -19.41 -20.64 -43.84
CA THR A 234 -20.83 -20.34 -43.93
C THR A 234 -21.62 -21.41 -43.19
N GLN A 235 -20.93 -22.50 -42.85
CA GLN A 235 -21.55 -23.59 -42.11
C GLN A 235 -21.86 -23.05 -40.72
N GLY A 236 -20.82 -22.49 -40.09
CA GLY A 236 -20.96 -21.95 -38.75
C GLY A 236 -21.09 -23.04 -37.72
N SER A 237 -20.64 -24.25 -38.08
CA SER A 237 -20.75 -25.39 -37.18
C SER A 237 -19.43 -25.98 -36.69
N ASN A 238 -18.48 -26.15 -37.61
CA ASN A 238 -17.19 -26.76 -37.30
C ASN A 238 -16.14 -25.98 -36.50
N TRP A 239 -16.58 -25.33 -35.43
CA TRP A 239 -15.72 -24.52 -34.58
C TRP A 239 -14.40 -25.14 -34.15
N ILE A 240 -13.38 -24.29 -34.07
CA ILE A 240 -12.03 -24.69 -33.68
C ILE A 240 -11.77 -24.27 -32.24
N GLN A 241 -11.20 -25.19 -31.45
CA GLN A 241 -10.90 -25.00 -30.05
C GLN A 241 -12.12 -24.64 -29.21
N LYS A 242 -13.12 -25.52 -29.28
CA LYS A 242 -14.36 -25.39 -28.54
C LYS A 242 -14.12 -25.52 -27.05
N GLU A 243 -13.08 -26.27 -26.68
CA GLU A 243 -12.75 -26.48 -25.26
C GLU A 243 -12.59 -25.16 -24.52
N THR A 244 -12.36 -24.08 -25.25
CA THR A 244 -12.22 -22.77 -24.63
C THR A 244 -13.51 -22.36 -23.90
N LEU A 245 -14.66 -22.81 -24.40
CA LEU A 245 -15.95 -22.50 -23.76
C LEU A 245 -16.55 -23.73 -23.11
N VAL A 246 -15.79 -24.80 -23.01
CA VAL A 246 -16.31 -26.01 -22.42
C VAL A 246 -15.42 -26.51 -21.31
N THR A 247 -16.06 -27.09 -20.30
CA THR A 247 -15.33 -27.64 -19.18
C THR A 247 -15.83 -29.05 -18.95
N PHE A 248 -14.89 -29.97 -18.85
CA PHE A 248 -15.22 -31.36 -18.60
C PHE A 248 -14.91 -31.63 -17.12
N LYS A 249 -15.94 -31.97 -16.35
CA LYS A 249 -15.79 -32.27 -14.94
C LYS A 249 -15.03 -33.58 -14.80
N ASN A 250 -14.58 -33.91 -13.59
CA ASN A 250 -13.86 -35.16 -13.38
C ASN A 250 -14.82 -36.26 -13.77
N PRO A 251 -14.33 -37.26 -14.51
CA PRO A 251 -15.21 -38.34 -14.93
C PRO A 251 -15.58 -39.36 -13.85
N HIS A 252 -16.55 -40.20 -14.16
CA HIS A 252 -16.98 -41.26 -13.28
C HIS A 252 -16.89 -42.51 -14.14
N ALA A 253 -16.93 -43.68 -13.51
CA ALA A 253 -16.82 -44.93 -14.22
C ALA A 253 -17.54 -45.00 -15.57
N LYS A 254 -18.78 -44.52 -15.65
CA LYS A 254 -19.54 -44.62 -16.89
C LYS A 254 -20.15 -43.33 -17.43
N LYS A 255 -20.05 -42.24 -16.67
CA LYS A 255 -20.60 -40.96 -17.13
C LYS A 255 -19.69 -39.83 -16.71
N GLN A 256 -19.84 -38.70 -17.39
CA GLN A 256 -19.04 -37.54 -17.13
C GLN A 256 -19.88 -36.33 -17.51
N ASP A 257 -19.83 -35.29 -16.69
CA ASP A 257 -20.60 -34.09 -16.98
C ASP A 257 -19.78 -33.10 -17.76
N VAL A 258 -20.45 -32.33 -18.61
CA VAL A 258 -19.78 -31.31 -19.39
C VAL A 258 -20.62 -30.05 -19.30
N VAL A 259 -20.00 -28.95 -18.92
CA VAL A 259 -20.73 -27.67 -18.83
C VAL A 259 -20.02 -26.64 -19.68
N VAL A 260 -20.80 -25.69 -20.18
CA VAL A 260 -20.26 -24.65 -21.02
C VAL A 260 -20.21 -23.35 -20.23
N LEU A 261 -19.16 -22.55 -20.47
CA LEU A 261 -19.04 -21.26 -19.80
C LEU A 261 -20.22 -20.40 -20.21
N GLY A 262 -20.42 -19.30 -19.48
CA GLY A 262 -21.51 -18.41 -19.83
C GLY A 262 -21.05 -17.45 -20.91
N SER A 263 -21.97 -16.64 -21.43
CA SER A 263 -21.65 -15.67 -22.47
C SER A 263 -20.39 -14.89 -22.13
N GLN A 264 -19.64 -14.50 -23.15
CA GLN A 264 -18.41 -13.75 -22.94
C GLN A 264 -18.56 -12.33 -23.51
N GLU A 265 -19.75 -11.99 -23.96
CA GLU A 265 -19.99 -10.66 -24.51
C GLU A 265 -19.52 -9.62 -23.49
N GLY A 266 -19.88 -9.84 -22.23
CA GLY A 266 -19.48 -8.93 -21.17
C GLY A 266 -17.99 -8.91 -20.94
N ALA A 267 -17.39 -10.09 -20.79
CA ALA A 267 -15.95 -10.16 -20.57
C ALA A 267 -15.23 -9.45 -21.71
N MET A 268 -15.86 -9.47 -22.88
CA MET A 268 -15.28 -8.85 -24.06
C MET A 268 -15.41 -7.33 -23.98
N HIS A 269 -16.64 -6.85 -23.82
CA HIS A 269 -16.93 -5.42 -23.71
C HIS A 269 -15.96 -4.73 -22.76
N THR A 270 -16.05 -5.06 -21.48
CA THR A 270 -15.19 -4.46 -20.48
C THR A 270 -13.73 -4.83 -20.69
N ALA A 271 -13.41 -5.43 -21.84
CA ALA A 271 -12.03 -5.82 -22.16
C ALA A 271 -11.53 -4.95 -23.31
N LEU A 272 -12.48 -4.41 -24.08
CA LEU A 272 -12.18 -3.55 -25.22
C LEU A 272 -12.09 -2.07 -24.84
N THR A 273 -12.52 -1.74 -23.63
CA THR A 273 -12.46 -0.35 -23.19
C THR A 273 -11.01 0.13 -23.40
N GLY A 274 -10.86 1.25 -24.11
CA GLY A 274 -9.53 1.77 -24.37
C GLY A 274 -9.23 1.84 -25.86
N ALA A 275 -9.54 0.76 -26.58
CA ALA A 275 -9.30 0.70 -28.02
C ALA A 275 -10.27 1.61 -28.77
N THR A 276 -9.76 2.31 -29.78
CA THR A 276 -10.58 3.24 -30.57
C THR A 276 -11.86 2.61 -31.10
N GLU A 277 -13.00 3.17 -30.70
CA GLU A 277 -14.28 2.68 -31.16
C GLU A 277 -14.54 3.16 -32.58
N ILE A 278 -15.12 2.29 -33.41
CA ILE A 278 -15.39 2.65 -34.80
C ILE A 278 -16.87 2.64 -35.08
N GLN A 279 -17.36 3.76 -35.61
CA GLN A 279 -18.78 3.90 -35.94
C GLN A 279 -19.07 2.99 -37.13
N MET A 280 -20.35 2.78 -37.41
CA MET A 280 -20.74 1.95 -38.53
C MET A 280 -22.25 1.95 -38.75
N SER A 281 -22.67 1.51 -39.92
CA SER A 281 -24.08 1.45 -40.26
C SER A 281 -24.27 0.60 -41.51
N SER A 282 -25.43 -0.06 -41.60
CA SER A 282 -25.72 -0.91 -42.74
C SER A 282 -24.62 -1.95 -42.92
N GLY A 283 -24.02 -2.35 -41.80
CA GLY A 283 -22.97 -3.35 -41.84
C GLY A 283 -21.62 -2.81 -42.25
N ASN A 284 -21.60 -1.59 -42.79
CA ASN A 284 -20.34 -1.00 -43.23
C ASN A 284 -19.66 -0.21 -42.12
N LEU A 285 -18.33 -0.22 -42.14
CA LEU A 285 -17.56 0.51 -41.14
C LEU A 285 -17.29 1.91 -41.69
N LEU A 286 -17.28 2.90 -40.80
CA LEU A 286 -17.04 4.27 -41.22
C LEU A 286 -15.76 4.80 -40.60
N PHE A 287 -15.06 5.66 -41.32
CA PHE A 287 -13.84 6.25 -40.80
C PHE A 287 -13.84 7.70 -41.18
N THR A 288 -12.89 8.44 -40.64
CA THR A 288 -12.73 9.84 -40.95
C THR A 288 -11.51 9.88 -41.88
N GLY A 289 -11.79 9.89 -43.18
CA GLY A 289 -10.72 9.89 -44.17
C GLY A 289 -10.05 11.22 -44.46
N HIS A 290 -8.97 11.15 -45.23
CA HIS A 290 -8.19 12.32 -45.61
C HIS A 290 -7.87 12.20 -47.11
N LEU A 291 -8.24 13.19 -47.89
CA LEU A 291 -7.98 13.13 -49.32
C LEU A 291 -7.22 14.33 -49.89
N LYS A 292 -6.49 14.05 -50.96
CA LYS A 292 -5.75 15.06 -51.71
C LYS A 292 -6.30 14.89 -53.12
N CYS A 293 -6.80 15.95 -53.73
CA CYS A 293 -7.34 15.82 -55.06
C CYS A 293 -6.86 16.94 -55.95
N ARG A 294 -7.03 16.74 -57.25
CA ARG A 294 -6.68 17.72 -58.25
C ARG A 294 -7.88 17.82 -59.17
N LEU A 295 -8.28 19.03 -59.51
CA LEU A 295 -9.44 19.18 -60.37
C LEU A 295 -9.18 20.15 -61.50
N ARG A 296 -9.92 19.99 -62.60
CA ARG A 296 -9.79 20.82 -63.78
C ARG A 296 -11.18 21.37 -64.08
N MET A 297 -11.25 22.65 -64.44
CA MET A 297 -12.52 23.32 -64.71
C MET A 297 -12.74 23.74 -66.17
N ASP A 298 -11.88 23.27 -67.07
CA ASP A 298 -12.02 23.62 -68.47
C ASP A 298 -13.38 23.27 -69.07
N LYS A 299 -14.11 22.36 -68.45
CA LYS A 299 -15.44 21.98 -68.97
C LYS A 299 -16.60 22.61 -68.20
N LEU A 300 -16.29 23.54 -67.30
CA LEU A 300 -17.31 24.25 -66.54
C LEU A 300 -17.55 25.61 -67.16
N GLN A 301 -18.75 26.13 -67.00
CA GLN A 301 -19.02 27.45 -67.52
C GLN A 301 -20.12 28.05 -66.70
N LEU A 302 -20.25 29.37 -66.74
CA LEU A 302 -21.27 30.07 -65.95
C LEU A 302 -22.68 29.79 -66.42
N LYS A 303 -23.56 29.48 -65.47
CA LYS A 303 -24.97 29.21 -65.77
C LYS A 303 -25.72 30.53 -65.86
N GLY A 304 -26.19 30.88 -67.05
CA GLY A 304 -26.94 32.11 -67.18
C GLY A 304 -26.33 33.19 -68.03
N MET A 305 -25.14 32.97 -68.57
CA MET A 305 -24.54 33.98 -69.42
C MET A 305 -25.54 34.25 -70.54
N SER A 306 -25.50 35.45 -71.11
CA SER A 306 -26.40 35.84 -72.18
C SER A 306 -27.83 36.01 -71.70
N TYR A 307 -28.00 36.87 -70.71
CA TYR A 307 -29.30 37.22 -70.16
C TYR A 307 -29.30 38.72 -70.25
N SER A 308 -30.25 39.34 -69.59
CA SER A 308 -30.33 40.80 -69.57
C SER A 308 -29.80 41.26 -68.21
N MET A 309 -29.39 42.54 -68.13
CA MET A 309 -28.87 43.08 -66.87
C MET A 309 -30.08 43.66 -66.14
N CYS A 310 -30.58 42.95 -65.12
CA CYS A 310 -31.75 43.39 -64.37
C CYS A 310 -31.84 44.89 -64.40
N THR A 311 -32.99 45.41 -64.80
CA THR A 311 -33.18 46.85 -64.79
C THR A 311 -34.37 47.04 -63.87
N GLY A 312 -34.13 47.07 -62.56
CA GLY A 312 -35.25 47.22 -61.62
C GLY A 312 -34.90 47.49 -60.17
N LYS A 313 -35.63 46.88 -59.24
CA LYS A 313 -35.39 47.08 -57.79
C LYS A 313 -35.22 45.87 -56.89
N PHE A 314 -34.48 46.08 -55.81
CA PHE A 314 -34.24 45.06 -54.81
C PHE A 314 -34.39 45.62 -53.41
N LYS A 315 -34.97 44.82 -52.55
CA LYS A 315 -35.16 45.20 -51.16
C LYS A 315 -34.36 44.18 -50.34
N VAL A 316 -33.33 44.64 -49.65
CA VAL A 316 -32.53 43.75 -48.84
C VAL A 316 -33.50 42.99 -47.92
N VAL A 317 -33.67 41.70 -48.18
CA VAL A 317 -34.58 40.86 -47.41
C VAL A 317 -34.42 41.02 -45.89
N LYS A 318 -33.19 41.02 -45.41
CA LYS A 318 -32.96 41.19 -43.98
C LYS A 318 -31.56 41.71 -43.69
N GLU A 319 -31.16 41.68 -42.42
CA GLU A 319 -29.86 42.16 -41.99
C GLU A 319 -28.67 41.51 -42.69
N ILE A 320 -27.83 42.35 -43.32
CA ILE A 320 -26.64 41.86 -44.00
C ILE A 320 -25.86 41.07 -42.97
N ALA A 321 -25.30 39.93 -43.39
CA ALA A 321 -24.56 39.09 -42.46
C ALA A 321 -23.07 39.04 -42.74
N GLU A 322 -22.31 38.89 -41.65
CA GLU A 322 -20.86 38.79 -41.71
C GLU A 322 -20.51 37.32 -41.48
N THR A 323 -19.67 36.77 -42.35
CA THR A 323 -19.29 35.37 -42.20
C THR A 323 -18.00 35.27 -41.40
N GLN A 324 -17.56 34.05 -41.17
CA GLN A 324 -16.33 33.82 -40.43
C GLN A 324 -15.13 33.97 -41.36
N HIS A 325 -15.37 34.35 -42.62
CA HIS A 325 -14.28 34.45 -43.57
C HIS A 325 -14.06 35.77 -44.29
N GLY A 326 -14.22 36.88 -43.57
CA GLY A 326 -14.00 38.17 -44.17
C GLY A 326 -14.90 38.44 -45.34
N THR A 327 -16.09 37.84 -45.32
CA THR A 327 -17.03 38.04 -46.41
C THR A 327 -18.41 38.34 -45.87
N ILE A 328 -19.29 38.77 -46.76
CA ILE A 328 -20.66 39.10 -46.37
C ILE A 328 -21.69 38.38 -47.23
N VAL A 329 -22.87 38.15 -46.68
CA VAL A 329 -23.95 37.50 -47.41
C VAL A 329 -25.15 38.44 -47.50
N ILE A 330 -25.39 39.03 -48.66
CA ILE A 330 -26.51 39.95 -48.83
C ILE A 330 -27.72 39.32 -49.51
N ARG A 331 -28.84 39.24 -48.79
CA ARG A 331 -30.09 38.70 -49.34
C ARG A 331 -30.82 39.82 -50.08
N VAL A 332 -31.27 39.58 -51.29
CA VAL A 332 -32.00 40.61 -52.03
C VAL A 332 -33.04 39.91 -52.89
N GLN A 333 -34.09 40.63 -53.24
CA GLN A 333 -35.13 40.06 -54.07
C GLN A 333 -35.69 41.14 -54.96
N TYR A 334 -35.82 40.82 -56.25
CA TYR A 334 -36.33 41.78 -57.22
C TYR A 334 -37.70 42.23 -56.72
N GLY A 336 -39.56 43.25 -58.24
CA GLY A 336 -38.82 44.15 -59.13
C GLY A 336 -39.01 44.03 -60.65
N ASP A 337 -38.77 45.12 -61.37
CA ASP A 337 -38.85 45.27 -62.85
C ASP A 337 -38.17 44.37 -63.87
N GLY A 338 -38.40 43.07 -63.89
CA GLY A 338 -37.67 42.34 -64.91
C GLY A 338 -37.70 40.83 -65.01
N SER A 339 -37.03 40.36 -66.04
CA SER A 339 -36.90 38.97 -66.40
C SER A 339 -36.11 38.29 -65.28
N PRO A 340 -35.96 36.98 -65.36
CA PRO A 340 -35.21 36.22 -64.37
C PRO A 340 -33.88 36.77 -64.90
N CYS A 341 -33.22 37.66 -64.15
CA CYS A 341 -32.02 38.31 -64.69
C CYS A 341 -30.73 38.33 -63.90
N LYS A 342 -29.70 38.85 -64.56
CA LYS A 342 -28.36 39.02 -63.97
C LYS A 342 -28.52 40.14 -62.95
N ILE A 343 -27.94 40.43 -62.16
CA ILE A 343 -27.91 41.44 -61.11
C ILE A 343 -26.72 42.36 -61.25
N PRO A 344 -26.76 43.40 -61.16
CA PRO A 344 -25.61 44.33 -61.15
C PRO A 344 -25.03 44.49 -59.75
N PHE A 345 -23.95 43.77 -59.48
CA PHE A 345 -23.32 43.86 -58.19
C PHE A 345 -21.98 44.52 -58.43
N GLU A 346 -21.55 45.34 -57.48
CA GLU A 346 -20.27 45.99 -57.64
C GLU A 346 -19.92 46.69 -56.34
N ILE A 347 -18.72 46.40 -55.84
CA ILE A 347 -18.25 47.01 -54.61
C ILE A 347 -17.16 48.03 -54.94
N MET A 348 -17.46 49.30 -54.71
CA MET A 348 -16.49 50.35 -55.01
C MET A 348 -16.06 51.09 -53.77
N ASP A 349 -15.28 52.15 -53.97
CA ASP A 349 -14.83 52.97 -52.86
C ASP A 349 -15.93 53.99 -52.50
N LEU A 350 -15.68 54.80 -51.48
CA LEU A 350 -16.66 55.79 -51.06
C LEU A 350 -16.99 56.77 -52.17
N GLU A 351 -16.05 56.97 -53.08
CA GLU A 351 -16.25 57.89 -54.19
C GLU A 351 -16.83 57.23 -55.43
N LYS A 352 -17.04 55.92 -55.37
CA LYS A 352 -17.58 55.20 -56.52
C LYS A 352 -16.69 55.38 -57.76
N ARG A 353 -15.37 55.51 -57.56
CA ARG A 353 -14.45 55.69 -58.69
C ARG A 353 -13.83 54.38 -59.19
N HIS A 354 -13.28 53.58 -58.28
CA HIS A 354 -12.69 52.31 -58.69
C HIS A 354 -13.41 51.11 -58.05
N VAL A 355 -13.21 49.94 -58.64
CA VAL A 355 -13.82 48.72 -58.14
C VAL A 355 -12.91 48.13 -57.07
N LEU A 356 -13.51 47.67 -55.98
CA LEU A 356 -12.77 47.07 -54.89
C LEU A 356 -13.43 45.74 -54.54
N GLY A 357 -12.76 44.92 -53.74
CA GLY A 357 -13.34 43.63 -53.37
C GLY A 357 -13.72 42.77 -54.57
N ARG A 358 -14.44 41.68 -54.30
CA ARG A 358 -14.87 40.74 -55.33
C ARG A 358 -15.97 39.82 -54.85
N LEU A 359 -16.65 39.22 -55.81
CA LEU A 359 -17.75 38.30 -55.53
C LEU A 359 -17.26 36.87 -55.38
N ILE A 360 -17.89 36.14 -54.47
CA ILE A 360 -17.58 34.72 -54.25
C ILE A 360 -18.73 34.03 -55.03
N THR A 361 -19.89 34.65 -54.97
CA THR A 361 -21.07 34.23 -55.73
C THR A 361 -20.72 34.88 -57.05
N VAL A 362 -20.83 34.17 -58.16
CA VAL A 362 -20.46 34.80 -59.41
C VAL A 362 -21.66 34.76 -60.33
N ASN A 363 -21.78 35.76 -61.20
CA ASN A 363 -22.92 35.90 -62.10
C ASN A 363 -24.20 35.66 -61.33
N PRO A 364 -24.36 36.39 -60.23
CA PRO A 364 -25.54 36.28 -59.37
C PRO A 364 -26.75 36.59 -60.23
N ILE A 365 -27.81 35.80 -60.07
CA ILE A 365 -28.99 35.99 -60.89
C ILE A 365 -30.29 35.73 -60.12
N VAL A 366 -31.38 36.29 -60.63
CA VAL A 366 -32.70 36.11 -60.03
C VAL A 366 -33.53 35.13 -60.85
N THR A 367 -34.08 34.12 -60.20
CA THR A 367 -34.90 33.12 -60.88
C THR A 367 -36.38 33.45 -60.81
N GLU A 368 -36.80 34.04 -59.70
CA GLU A 368 -38.21 34.38 -59.51
C GLU A 368 -38.44 35.74 -58.87
N LYS A 369 -39.65 36.25 -59.06
CA LYS A 369 -40.04 37.50 -58.45
C LYS A 369 -40.32 37.07 -57.01
N ASP A 370 -39.71 37.76 -56.05
CA ASP A 370 -39.88 37.39 -54.65
C ASP A 370 -39.25 36.02 -54.41
N SER A 371 -37.93 35.97 -54.60
CA SER A 371 -37.14 34.76 -54.40
C SER A 371 -35.80 35.25 -53.83
N PRO A 372 -35.71 35.33 -52.50
CA PRO A 372 -34.47 35.79 -51.85
C PRO A 372 -33.19 35.21 -52.47
N VAL A 373 -32.43 36.06 -53.13
CA VAL A 373 -31.20 35.60 -53.76
C VAL A 373 -29.99 35.95 -52.92
N ASN A 374 -29.55 35.02 -52.07
CA ASN A 374 -28.38 35.27 -51.25
C ASN A 374 -27.16 35.49 -52.12
N ILE A 375 -26.28 36.39 -51.69
CA ILE A 375 -25.07 36.70 -52.42
C ILE A 375 -23.91 36.86 -51.46
N GLU A 376 -22.85 36.06 -51.63
CA GLU A 376 -21.68 36.17 -50.78
C GLU A 376 -20.64 36.97 -51.52
N ALA A 377 -20.12 37.99 -50.86
CA ALA A 377 -19.10 38.83 -51.47
C ALA A 377 -18.00 39.15 -50.48
N GLU A 378 -16.87 39.59 -51.02
CA GLU A 378 -15.74 39.95 -50.18
C GLU A 378 -15.47 41.45 -50.32
N PRO A 379 -15.83 42.24 -49.31
CA PRO A 379 -15.61 43.70 -49.34
C PRO A 379 -14.16 43.98 -49.00
N PRO A 380 -13.58 45.05 -49.55
CA PRO A 380 -12.18 45.31 -49.18
C PRO A 380 -12.14 45.69 -47.72
N PHE A 381 -10.94 45.82 -47.15
CA PHE A 381 -10.85 46.21 -45.75
C PHE A 381 -11.17 47.69 -45.66
N GLY A 382 -11.84 48.10 -44.59
CA GLY A 382 -12.18 49.50 -44.45
C GLY A 382 -13.57 49.84 -44.99
N ASP A 383 -13.66 50.99 -45.66
CA ASP A 383 -14.92 51.48 -46.21
C ASP A 383 -15.13 51.16 -47.69
N SER A 384 -16.39 50.87 -48.03
CA SER A 384 -16.77 50.56 -49.40
C SER A 384 -18.28 50.68 -49.61
N TYR A 385 -18.67 50.93 -50.86
CA TYR A 385 -20.09 51.04 -51.21
C TYR A 385 -20.54 49.76 -51.91
N ILE A 386 -21.62 49.17 -51.42
CA ILE A 386 -22.12 47.97 -52.07
C ILE A 386 -23.25 48.43 -52.99
N ILE A 387 -22.94 48.50 -54.28
CA ILE A 387 -23.90 48.95 -55.29
C ILE A 387 -24.67 47.84 -55.99
N ILE A 388 -25.88 47.57 -55.51
CA ILE A 388 -26.76 46.56 -56.07
C ILE A 388 -27.83 47.19 -56.96
N GLY A 389 -27.88 46.79 -58.23
CA GLY A 389 -28.92 47.30 -59.09
C GLY A 389 -28.59 48.41 -60.08
N VAL A 390 -29.64 49.02 -60.64
CA VAL A 390 -29.48 50.08 -61.61
C VAL A 390 -30.19 51.39 -61.31
N GLU A 391 -30.10 52.33 -62.25
CA GLU A 391 -30.64 53.70 -62.14
C GLU A 391 -32.01 54.25 -61.71
N PRO A 392 -32.81 53.48 -60.97
CA PRO A 392 -34.07 54.07 -60.52
C PRO A 392 -33.50 54.24 -59.12
N GLY A 393 -33.20 53.10 -58.48
CA GLY A 393 -32.60 53.11 -57.17
C GLY A 393 -31.36 52.23 -57.01
N GLN A 394 -30.25 52.57 -57.69
CA GLN A 394 -29.02 51.79 -57.54
C GLN A 394 -28.82 51.81 -56.01
N LEU A 395 -28.77 50.64 -55.39
CA LEU A 395 -28.68 50.50 -53.93
C LEU A 395 -27.34 50.74 -53.22
N LYS A 396 -27.02 51.98 -52.89
CA LYS A 396 -25.75 52.25 -52.21
C LYS A 396 -25.81 51.86 -50.72
N LEU A 397 -25.13 50.77 -50.38
CA LEU A 397 -25.09 50.31 -48.98
C LEU A 397 -23.66 50.52 -48.48
N ASN A 398 -23.50 51.29 -47.41
CA ASN A 398 -22.16 51.53 -46.88
C ASN A 398 -21.73 50.30 -46.11
N TRP A 399 -20.43 50.01 -46.13
CA TRP A 399 -19.91 48.88 -45.39
C TRP A 399 -18.51 49.12 -44.88
N PHE A 400 -18.27 48.68 -43.65
CA PHE A 400 -16.97 48.81 -43.03
C PHE A 400 -16.48 47.44 -42.58
N LYS A 401 -15.34 47.03 -43.11
CA LYS A 401 -14.79 45.72 -42.75
C LYS A 401 -13.61 45.90 -41.80
N LYS A 402 -13.78 45.40 -40.58
CA LYS A 402 -12.76 45.47 -39.54
C LYS A 402 -12.08 44.13 -39.39
N PHE B 1 -40.91 -45.73 -20.66
CA PHE B 1 -39.74 -45.38 -21.50
C PHE B 1 -39.80 -46.02 -22.89
N HIS B 2 -39.18 -45.36 -23.86
CA HIS B 2 -39.13 -45.86 -25.22
C HIS B 2 -37.93 -46.79 -25.39
N LEU B 3 -38.18 -48.02 -25.79
CA LEU B 3 -37.10 -48.97 -26.00
C LEU B 3 -36.68 -48.98 -27.47
N THR B 4 -35.42 -48.66 -27.72
CA THR B 4 -34.85 -48.60 -29.07
C THR B 4 -33.47 -49.31 -28.98
N THR B 5 -32.57 -49.04 -29.92
CA THR B 5 -31.24 -49.66 -29.88
C THR B 5 -30.12 -48.71 -30.26
N ARG B 6 -28.89 -49.05 -29.89
CA ARG B 6 -27.72 -48.26 -30.23
C ARG B 6 -26.61 -49.25 -30.55
N ASN B 7 -26.44 -49.55 -31.84
CA ASN B 7 -25.43 -50.48 -32.28
C ASN B 7 -25.72 -51.89 -31.75
N GLY B 8 -26.93 -52.38 -32.02
CA GLY B 8 -27.30 -53.72 -31.59
C GLY B 8 -27.65 -53.84 -30.14
N GLU B 9 -27.26 -52.85 -29.34
CA GLU B 9 -27.54 -52.90 -27.92
C GLU B 9 -28.81 -52.15 -27.54
N PRO B 10 -29.54 -52.64 -26.53
CA PRO B 10 -30.78 -51.96 -26.12
C PRO B 10 -30.50 -50.55 -25.56
N HIS B 11 -31.38 -49.61 -25.88
CA HIS B 11 -31.25 -48.22 -25.45
C HIS B 11 -32.57 -47.73 -24.82
N MET B 12 -32.48 -47.15 -23.62
CA MET B 12 -33.69 -46.66 -22.94
C MET B 12 -33.83 -45.15 -22.90
N ILE B 13 -34.90 -44.64 -23.50
CA ILE B 13 -35.18 -43.21 -23.48
C ILE B 13 -36.11 -43.09 -22.29
N VAL B 14 -35.58 -42.63 -21.16
CA VAL B 14 -36.36 -42.52 -19.92
C VAL B 14 -36.95 -41.13 -19.68
N SER B 15 -38.25 -41.09 -19.44
CA SER B 15 -38.92 -39.82 -19.20
C SER B 15 -38.98 -39.54 -17.71
N ARG B 16 -39.45 -38.33 -17.37
CA ARG B 16 -39.53 -37.87 -16.00
C ARG B 16 -40.38 -38.70 -15.05
N GLN B 17 -41.52 -39.18 -15.52
CA GLN B 17 -42.44 -39.93 -14.68
C GLN B 17 -41.95 -41.32 -14.30
N GLU B 18 -40.74 -41.68 -14.70
CA GLU B 18 -40.25 -43.00 -14.37
C GLU B 18 -39.18 -43.00 -13.28
N LYS B 19 -38.84 -41.80 -12.82
CA LYS B 19 -37.86 -41.63 -11.77
C LYS B 19 -38.29 -42.45 -10.56
N GLY B 20 -37.40 -43.30 -10.06
CA GLY B 20 -37.73 -44.08 -8.88
C GLY B 20 -38.40 -45.41 -9.12
N LYS B 21 -38.55 -45.82 -10.37
CA LYS B 21 -39.16 -47.11 -10.60
C LYS B 21 -38.31 -48.04 -11.44
N SER B 22 -38.35 -49.32 -11.06
CA SER B 22 -37.61 -50.39 -11.71
C SER B 22 -37.94 -50.44 -13.20
N LEU B 23 -36.91 -50.49 -14.04
CA LEU B 23 -37.12 -50.52 -15.48
C LEU B 23 -36.99 -51.95 -16.02
N LEU B 24 -38.11 -52.50 -16.49
CA LEU B 24 -38.14 -53.87 -17.01
C LEU B 24 -38.49 -53.99 -18.48
N PHE B 25 -37.72 -54.79 -19.20
CA PHE B 25 -37.98 -55.03 -20.62
C PHE B 25 -37.46 -56.40 -21.03
N LYS B 26 -38.32 -57.16 -21.69
CA LYS B 26 -38.05 -58.50 -22.17
C LYS B 26 -36.93 -58.56 -23.21
N THR B 27 -36.13 -59.62 -23.15
CA THR B 27 -35.04 -59.86 -24.09
C THR B 27 -34.85 -61.36 -24.25
N GLU B 28 -34.44 -61.77 -25.45
CA GLU B 28 -34.21 -63.17 -25.76
C GLU B 28 -33.64 -63.95 -24.57
N ASP B 29 -32.74 -63.32 -23.82
CA ASP B 29 -32.09 -63.95 -22.67
C ASP B 29 -32.88 -63.75 -21.38
N GLY B 30 -34.20 -63.67 -21.48
CA GLY B 30 -35.02 -63.49 -20.29
C GLY B 30 -35.38 -62.03 -20.07
N VAL B 31 -35.91 -61.74 -18.88
CA VAL B 31 -36.32 -60.40 -18.52
C VAL B 31 -35.18 -59.59 -17.91
N ASN B 32 -34.95 -58.40 -18.44
CA ASN B 32 -33.89 -57.53 -17.96
C ASN B 32 -34.40 -56.46 -17.00
N MET B 33 -33.72 -56.29 -15.88
CA MET B 33 -34.11 -55.28 -14.89
C MET B 33 -33.00 -54.26 -14.68
N CYS B 34 -33.17 -53.05 -15.22
CA CYS B 34 -32.16 -52.02 -15.02
C CYS B 34 -32.61 -51.17 -13.89
N THR B 35 -31.66 -50.61 -13.16
CA THR B 35 -31.97 -49.76 -12.02
C THR B 35 -31.41 -48.39 -12.28
N LEU B 36 -32.28 -47.38 -12.26
CA LEU B 36 -31.87 -46.01 -12.51
C LEU B 36 -31.91 -45.25 -11.19
N MET B 37 -30.77 -44.68 -10.82
CA MET B 37 -30.60 -43.97 -9.58
C MET B 37 -30.16 -42.53 -9.82
N ALA B 38 -30.16 -42.10 -11.09
CA ALA B 38 -29.72 -40.75 -11.44
C ALA B 38 -30.48 -39.64 -10.70
N MET B 39 -29.78 -38.92 -9.84
CA MET B 39 -30.39 -37.84 -9.08
C MET B 39 -30.85 -36.69 -9.98
N ASP B 40 -30.07 -36.44 -11.04
CA ASP B 40 -30.37 -35.35 -11.98
C ASP B 40 -31.39 -35.68 -13.08
N LEU B 41 -32.03 -36.84 -12.99
CA LEU B 41 -33.03 -37.25 -13.97
C LEU B 41 -34.18 -36.23 -13.97
N GLY B 42 -34.40 -35.59 -15.11
CA GLY B 42 -35.47 -34.61 -15.18
C GLY B 42 -36.45 -34.81 -16.32
N GLU B 43 -36.78 -33.72 -17.02
CA GLU B 43 -37.72 -33.78 -18.14
C GLU B 43 -36.96 -34.02 -19.44
N LEU B 44 -37.53 -34.81 -20.33
CA LEU B 44 -36.89 -35.06 -21.61
C LEU B 44 -36.87 -33.79 -22.43
N CYS B 45 -35.68 -33.33 -22.79
CA CYS B 45 -35.56 -32.12 -23.58
C CYS B 45 -34.34 -32.15 -24.49
N GLU B 46 -33.81 -30.98 -24.83
CA GLU B 46 -32.64 -30.87 -25.69
C GLU B 46 -31.39 -31.25 -24.94
N ASP B 47 -31.37 -30.93 -23.65
CA ASP B 47 -30.23 -31.25 -22.82
C ASP B 47 -30.35 -32.70 -22.35
N THR B 48 -29.88 -33.61 -23.19
CA THR B 48 -29.93 -35.02 -22.87
C THR B 48 -28.61 -35.54 -22.34
N ILE B 49 -28.49 -36.47 -21.72
CA ILE B 49 -27.24 -37.19 -21.57
C ILE B 49 -27.43 -38.68 -21.80
N THR B 50 -26.57 -39.31 -22.30
CA THR B 50 -26.62 -40.70 -22.76
C THR B 50 -25.37 -41.45 -22.34
N TYR B 51 -25.57 -42.59 -21.69
CA TYR B 51 -24.45 -43.40 -21.24
C TYR B 51 -24.88 -44.83 -20.94
N LYS B 52 -23.91 -45.68 -20.61
CA LYS B 52 -24.22 -47.09 -20.38
C LYS B 52 -24.39 -47.59 -18.95
N CYS B 53 -25.36 -48.48 -18.81
CA CYS B 53 -25.70 -49.12 -17.56
C CYS B 53 -25.13 -50.53 -17.64
N PRO B 54 -23.98 -50.76 -16.98
CA PRO B 54 -23.32 -52.06 -16.98
C PRO B 54 -24.08 -53.22 -16.38
N LEU B 55 -23.67 -54.41 -16.79
CA LEU B 55 -24.25 -55.63 -16.25
C LEU B 55 -23.52 -55.85 -14.94
N LEU B 56 -24.27 -56.19 -13.92
CA LEU B 56 -23.69 -56.40 -12.61
C LEU B 56 -24.26 -57.67 -11.99
N ARG B 57 -23.40 -58.68 -11.89
CA ARG B 57 -23.76 -59.97 -11.32
C ARG B 57 -23.10 -60.06 -9.94
N GLN B 58 -23.91 -60.25 -8.91
CA GLN B 58 -23.44 -60.37 -7.53
C GLN B 58 -22.21 -59.52 -7.20
N ASN B 59 -22.29 -58.24 -7.48
CA ASN B 59 -21.24 -57.26 -7.20
C ASN B 59 -21.98 -56.03 -6.77
N GLU B 60 -21.47 -55.33 -5.77
CA GLU B 60 -22.13 -54.12 -5.31
C GLU B 60 -21.75 -53.00 -6.30
N PRO B 61 -22.68 -52.06 -6.56
CA PRO B 61 -22.38 -50.98 -7.50
C PRO B 61 -21.44 -49.95 -6.87
N GLU B 62 -20.56 -49.39 -7.68
CA GLU B 62 -19.63 -48.39 -7.20
C GLU B 62 -19.39 -47.33 -8.27
N ASP B 63 -19.51 -46.08 -7.87
CA ASP B 63 -19.32 -44.95 -8.77
C ASP B 63 -20.22 -44.96 -10.02
N ILE B 64 -21.47 -45.39 -9.84
CA ILE B 64 -22.46 -45.43 -10.92
C ILE B 64 -23.89 -45.26 -10.41
N ASP B 65 -24.79 -44.80 -11.27
CA ASP B 65 -26.18 -44.60 -10.87
C ASP B 65 -27.14 -45.33 -11.80
N CYS B 66 -26.58 -46.22 -12.61
CA CYS B 66 -27.40 -47.01 -13.52
C CYS B 66 -26.72 -48.36 -13.76
N TRP B 67 -27.52 -49.42 -13.74
CA TRP B 67 -27.01 -50.75 -13.99
C TRP B 67 -28.15 -51.71 -14.21
N CYS B 68 -27.89 -52.75 -14.99
CA CYS B 68 -28.89 -53.77 -15.29
C CYS B 68 -28.33 -55.09 -14.76
N ASN B 69 -29.16 -56.11 -14.65
CA ASN B 69 -28.70 -57.38 -14.12
C ASN B 69 -28.75 -58.55 -15.08
N SER B 70 -28.93 -58.30 -16.37
CA SER B 70 -29.01 -59.41 -17.30
C SER B 70 -28.37 -59.08 -18.62
N THR B 71 -28.46 -57.81 -19.00
CA THR B 71 -27.88 -57.38 -20.26
C THR B 71 -27.59 -55.88 -20.25
N SER B 72 -26.33 -55.53 -20.41
CA SER B 72 -25.88 -54.14 -20.45
C SER B 72 -26.82 -53.33 -21.33
N THR B 73 -27.23 -52.15 -20.85
CA THR B 73 -28.15 -51.30 -21.60
C THR B 73 -27.73 -49.84 -21.63
N TRP B 74 -28.01 -49.15 -22.72
CA TRP B 74 -27.68 -47.74 -22.81
C TRP B 74 -28.90 -47.01 -22.25
N VAL B 75 -28.69 -45.82 -21.68
CA VAL B 75 -29.81 -45.04 -21.17
C VAL B 75 -29.65 -43.58 -21.56
N THR B 76 -30.79 -42.92 -21.77
CA THR B 76 -30.83 -41.52 -22.13
C THR B 76 -31.99 -40.81 -21.44
N TYR B 77 -31.71 -39.64 -20.89
CA TYR B 77 -32.75 -38.85 -20.23
C TYR B 77 -32.39 -37.37 -20.25
N GLY B 78 -33.38 -36.51 -20.12
CA GLY B 78 -33.11 -35.09 -20.10
C GLY B 78 -32.89 -34.62 -18.68
N THR B 79 -32.32 -33.42 -18.52
CA THR B 79 -32.06 -32.86 -17.20
C THR B 79 -32.94 -31.65 -16.88
N CYS B 80 -33.71 -31.19 -17.85
CA CYS B 80 -34.62 -30.04 -17.68
C CYS B 80 -35.59 -30.26 -16.54
N THR B 81 -36.22 -29.19 -16.08
CA THR B 81 -37.20 -29.31 -15.00
C THR B 81 -38.40 -28.39 -15.25
N TYR C 5 39.01 -53.47 11.14
CA TYR C 5 39.22 -54.67 12.00
C TYR C 5 40.00 -54.41 13.29
N PHE C 6 40.64 -53.24 13.42
CA PHE C 6 41.38 -52.96 14.66
C PHE C 6 40.96 -51.62 15.28
N GLN C 7 41.16 -51.50 16.59
CA GLN C 7 40.77 -50.31 17.33
C GLN C 7 41.61 -49.06 17.08
N GLY C 8 41.00 -48.07 16.43
CA GLY C 8 41.72 -46.85 16.13
C GLY C 8 41.93 -46.74 14.63
N MET C 9 41.41 -47.72 13.90
CA MET C 9 41.54 -47.75 12.46
C MET C 9 40.66 -46.70 11.77
N ARG C 10 39.45 -46.52 12.30
CA ARG C 10 38.53 -45.57 11.70
C ARG C 10 39.20 -44.22 11.47
N CYS C 11 39.87 -43.69 12.49
CA CYS C 11 40.50 -42.39 12.37
C CYS C 11 41.70 -42.40 11.44
N ILE C 12 42.41 -43.52 11.39
CA ILE C 12 43.56 -43.62 10.50
C ILE C 12 43.12 -43.59 9.05
N GLY C 13 41.93 -44.15 8.79
CA GLY C 13 41.42 -44.17 7.43
C GLY C 13 40.76 -42.88 7.01
N MET C 14 40.69 -41.92 7.91
CA MET C 14 40.07 -40.66 7.55
C MET C 14 41.10 -39.67 6.98
N SER C 15 40.67 -38.91 5.98
CA SER C 15 41.56 -37.93 5.36
C SER C 15 41.68 -36.70 6.25
N ASN C 16 40.58 -36.35 6.91
CA ASN C 16 40.60 -35.20 7.82
C ASN C 16 40.90 -35.66 9.23
N ARG C 17 42.17 -35.58 9.60
CA ARG C 17 42.61 -36.02 10.92
C ARG C 17 43.61 -35.01 11.52
N ASP C 18 43.28 -34.48 12.69
CA ASP C 18 44.16 -33.54 13.39
C ASP C 18 44.93 -34.23 14.51
N PHE C 19 46.19 -33.84 14.69
CA PHE C 19 47.01 -34.38 15.77
C PHE C 19 47.21 -33.28 16.77
N VAL C 20 46.72 -33.47 17.98
CA VAL C 20 46.84 -32.47 19.03
C VAL C 20 47.62 -33.01 20.22
N GLU C 21 48.38 -32.14 20.88
CA GLU C 21 49.16 -32.54 22.04
C GLU C 21 49.26 -31.38 23.03
N GLY C 22 49.20 -31.68 24.32
CA GLY C 22 49.28 -30.62 25.32
C GLY C 22 50.70 -30.15 25.60
N VAL C 23 50.92 -28.84 25.55
CA VAL C 23 52.25 -28.27 25.80
C VAL C 23 52.56 -28.16 27.30
N SER C 24 51.64 -28.65 28.12
CA SER C 24 51.81 -28.58 29.57
C SER C 24 51.50 -29.95 30.16
N GLY C 25 51.26 -29.98 31.48
CA GLY C 25 50.95 -31.24 32.14
C GLY C 25 49.78 -31.00 33.06
N GLY C 26 48.72 -31.79 32.91
CA GLY C 26 47.55 -31.60 33.73
C GLY C 26 46.72 -30.45 33.19
N SER C 27 47.23 -29.82 32.15
CA SER C 27 46.56 -28.69 31.52
C SER C 27 45.41 -29.13 30.61
N TRP C 28 44.65 -28.16 30.13
CA TRP C 28 43.56 -28.44 29.21
C TRP C 28 44.12 -28.38 27.79
N VAL C 29 43.58 -29.22 26.91
CA VAL C 29 44.00 -29.21 25.52
C VAL C 29 42.77 -28.91 24.70
N ASP C 30 42.88 -28.00 23.74
CA ASP C 30 41.73 -27.66 22.91
C ASP C 30 41.73 -28.47 21.61
N ILE C 31 40.53 -28.81 21.15
CA ILE C 31 40.39 -29.53 19.90
C ILE C 31 39.10 -29.06 19.24
N VAL C 32 39.04 -29.21 17.93
CA VAL C 32 37.86 -28.81 17.17
C VAL C 32 37.28 -30.07 16.53
N LEU C 33 36.00 -30.33 16.81
CA LEU C 33 35.34 -31.50 16.25
C LEU C 33 34.39 -31.13 15.12
N GLU C 34 34.48 -31.90 14.03
CA GLU C 34 33.66 -31.70 12.84
C GLU C 34 33.14 -33.04 12.34
N HIS C 35 32.00 -33.03 11.65
CA HIS C 35 31.43 -34.26 11.09
C HIS C 35 32.34 -34.72 9.96
N GLY C 36 32.67 -36.00 9.96
CA GLY C 36 33.55 -36.54 8.92
C GLY C 36 35.03 -36.42 9.20
N SER C 37 35.38 -35.87 10.35
CA SER C 37 36.79 -35.72 10.70
C SER C 37 37.02 -36.35 12.05
N CYS C 38 38.28 -36.47 12.44
CA CYS C 38 38.59 -37.01 13.76
C CYS C 38 39.83 -36.32 14.26
N VAL C 39 40.00 -36.36 15.57
CA VAL C 39 41.15 -35.74 16.20
C VAL C 39 41.84 -36.77 17.08
N THR C 40 43.15 -36.86 16.93
CA THR C 40 43.96 -37.78 17.73
C THR C 40 44.76 -36.98 18.73
N THR C 41 44.61 -37.29 20.02
CA THR C 41 45.36 -36.58 21.05
C THR C 41 46.43 -37.47 21.65
N MET C 42 47.55 -36.84 22.02
CA MET C 42 48.65 -37.56 22.61
C MET C 42 49.25 -36.78 23.76
N ALA C 43 49.86 -37.49 24.68
CA ALA C 43 50.50 -36.87 25.83
C ALA C 43 51.47 -37.88 26.43
N LYS C 44 52.52 -37.35 27.06
CA LYS C 44 53.55 -38.17 27.69
C LYS C 44 52.92 -39.09 28.72
N ASN C 45 53.21 -40.39 28.61
CA ASN C 45 52.68 -41.39 29.55
C ASN C 45 51.18 -41.47 29.65
N LYS C 46 50.49 -41.13 28.57
CA LYS C 46 49.05 -41.16 28.52
C LYS C 46 48.67 -41.89 27.24
N PRO C 47 47.54 -42.58 27.22
CA PRO C 47 47.21 -43.25 25.96
C PRO C 47 46.77 -42.23 24.94
N THR C 48 46.91 -42.61 23.67
CA THR C 48 46.53 -41.75 22.58
C THR C 48 45.06 -42.05 22.38
N LEU C 49 44.27 -40.99 22.19
CA LEU C 49 42.84 -41.12 22.00
C LEU C 49 42.33 -40.55 20.66
N ASP C 50 41.22 -41.10 20.18
CA ASP C 50 40.61 -40.63 18.95
C ASP C 50 39.23 -40.06 19.30
N PHE C 51 38.93 -38.89 18.75
CA PHE C 51 37.67 -38.21 18.97
C PHE C 51 36.92 -37.95 17.66
N GLU C 52 35.63 -38.27 17.65
CA GLU C 52 34.82 -38.03 16.48
C GLU C 52 33.40 -37.59 16.86
N LEU C 53 32.91 -36.56 16.19
CA LEU C 53 31.55 -36.10 16.41
C LEU C 53 30.72 -36.82 15.34
N ILE C 54 29.92 -37.81 15.74
CA ILE C 54 29.14 -38.56 14.77
C ILE C 54 27.68 -38.13 14.57
N LYS C 55 27.04 -37.62 15.61
CA LYS C 55 25.65 -37.19 15.45
C LYS C 55 25.31 -35.86 16.11
N THR C 56 24.43 -35.11 15.46
CA THR C 56 23.97 -33.83 15.97
C THR C 56 22.48 -33.75 15.66
N GLU C 57 21.65 -33.96 16.68
CA GLU C 57 20.22 -33.94 16.48
C GLU C 57 19.43 -33.16 17.53
N ALA C 58 18.31 -32.60 17.08
CA ALA C 58 17.43 -31.85 17.96
C ALA C 58 16.41 -32.85 18.50
N LYS C 59 16.23 -32.85 19.81
CA LYS C 59 15.27 -33.75 20.44
C LYS C 59 14.04 -32.98 20.89
N GLN C 60 12.88 -33.45 20.45
CA GLN C 60 11.60 -32.85 20.77
C GLN C 60 11.56 -31.32 20.75
N PRO C 61 11.84 -30.72 19.58
CA PRO C 61 11.82 -29.26 19.46
C PRO C 61 10.38 -28.75 19.43
N ALA C 62 10.17 -27.55 19.96
CA ALA C 62 8.84 -26.96 20.02
C ALA C 62 8.10 -26.89 18.67
N THR C 63 6.87 -27.38 18.66
CA THR C 63 6.04 -27.37 17.46
C THR C 63 5.35 -26.01 17.36
N LEU C 64 5.63 -25.30 16.27
CA LEU C 64 5.07 -23.97 16.06
C LEU C 64 3.64 -23.98 15.53
N ARG C 65 3.43 -24.65 14.39
CA ARG C 65 2.10 -24.65 13.80
C ARG C 65 1.87 -25.88 12.93
N LYS C 66 0.67 -26.45 13.04
CA LYS C 66 0.30 -27.60 12.24
C LYS C 66 -0.57 -27.13 11.07
N TYR C 67 -0.14 -27.45 9.85
CA TYR C 67 -0.89 -27.06 8.67
C TYR C 67 -1.58 -28.24 8.05
N CYS C 68 -2.86 -28.10 7.76
CA CYS C 68 -3.60 -29.17 7.11
C CYS C 68 -3.33 -29.02 5.61
N ILE C 69 -3.03 -30.13 4.92
CA ILE C 69 -2.76 -30.05 3.49
C ILE C 69 -3.73 -30.89 2.65
N GLU C 70 -4.66 -31.56 3.32
CA GLU C 70 -5.64 -32.38 2.65
C GLU C 70 -6.80 -32.61 3.60
N ALA C 71 -8.01 -32.37 3.12
CA ALA C 71 -9.18 -32.54 3.98
C ALA C 71 -10.38 -33.09 3.25
N LYS C 72 -11.40 -33.43 4.03
CA LYS C 72 -12.65 -33.93 3.51
C LYS C 72 -13.78 -33.12 4.16
N LEU C 73 -14.95 -33.15 3.54
CA LEU C 73 -16.11 -32.45 4.06
C LEU C 73 -17.25 -33.43 4.25
N THR C 74 -18.03 -33.24 5.30
CA THR C 74 -19.19 -34.09 5.56
C THR C 74 -20.31 -33.21 6.11
N ASN C 75 -21.49 -33.79 6.24
CA ASN C 75 -22.66 -33.09 6.75
C ASN C 75 -22.73 -31.61 6.38
N THR C 76 -22.92 -31.35 5.10
CA THR C 76 -23.05 -29.99 4.61
C THR C 76 -24.51 -29.61 4.86
N THR C 77 -24.73 -28.48 5.53
CA THR C 77 -26.09 -28.04 5.83
C THR C 77 -26.36 -26.59 5.43
N THR C 78 -27.54 -26.36 4.89
CA THR C 78 -27.89 -25.01 4.45
C THR C 78 -29.17 -24.47 5.07
N GLU C 79 -29.16 -23.18 5.38
CA GLU C 79 -30.30 -22.50 5.97
C GLU C 79 -30.40 -21.12 5.31
N SER C 80 -31.62 -20.68 5.04
CA SER C 80 -31.78 -19.37 4.42
C SER C 80 -33.10 -18.70 4.77
N ARG C 81 -33.11 -17.37 4.84
CA ARG C 81 -34.33 -16.64 5.16
C ARG C 81 -34.77 -15.72 4.02
N CYS C 82 -36.04 -15.33 4.06
CA CYS C 82 -36.62 -14.46 3.04
C CYS C 82 -36.15 -13.03 3.16
N PRO C 83 -36.37 -12.23 2.11
CA PRO C 83 -35.93 -10.83 2.20
C PRO C 83 -36.70 -10.22 3.37
N THR C 84 -36.04 -9.37 4.16
CA THR C 84 -36.70 -8.72 5.30
C THR C 84 -36.60 -9.40 6.65
N GLN C 85 -36.24 -10.68 6.69
CA GLN C 85 -36.20 -11.37 7.97
C GLN C 85 -34.84 -11.65 8.60
N GLY C 86 -33.88 -10.74 8.37
CA GLY C 86 -32.56 -10.90 8.96
C GLY C 86 -31.69 -12.06 8.52
N GLU C 87 -30.52 -12.16 9.14
CA GLU C 87 -29.53 -13.19 8.86
C GLU C 87 -29.84 -14.54 9.50
N PRO C 88 -29.92 -15.61 8.70
CA PRO C 88 -30.22 -16.93 9.24
C PRO C 88 -29.01 -17.44 10.02
N SER C 89 -29.20 -18.52 10.76
CA SER C 89 -28.09 -19.07 11.52
C SER C 89 -28.26 -20.55 11.74
N LEU C 90 -27.13 -21.20 12.01
CA LEU C 90 -27.10 -22.63 12.28
C LEU C 90 -26.26 -22.78 13.53
N ASN C 91 -26.69 -23.62 14.46
CA ASN C 91 -25.92 -23.79 15.70
C ASN C 91 -24.54 -24.37 15.45
N GLU C 92 -24.40 -25.20 14.40
CA GLU C 92 -23.10 -25.77 14.10
C GLU C 92 -22.12 -24.66 13.70
N GLU C 93 -22.65 -23.45 13.57
CA GLU C 93 -21.84 -22.30 13.22
C GLU C 93 -21.02 -21.91 14.44
N GLN C 94 -21.28 -22.63 15.55
CA GLN C 94 -20.62 -22.43 16.83
C GLN C 94 -19.69 -23.60 17.14
N ASP C 95 -19.75 -24.62 16.29
CA ASP C 95 -18.93 -25.82 16.43
C ASP C 95 -17.66 -25.58 15.63
N LYS C 96 -16.53 -25.49 16.31
CA LYS C 96 -15.23 -25.22 15.68
C LYS C 96 -14.76 -26.22 14.61
N ARG C 97 -15.46 -27.34 14.46
CA ARG C 97 -15.06 -28.32 13.46
C ARG C 97 -15.68 -28.02 12.09
N PHE C 98 -16.56 -27.02 12.01
CA PHE C 98 -17.22 -26.68 10.75
C PHE C 98 -16.68 -25.43 10.08
N VAL C 99 -16.85 -25.38 8.76
CA VAL C 99 -16.43 -24.23 7.99
C VAL C 99 -17.78 -23.71 7.52
N CYS C 100 -17.99 -22.40 7.63
CA CYS C 100 -19.27 -21.82 7.24
C CYS C 100 -19.07 -20.53 6.48
N LYS C 101 -20.10 -20.12 5.75
CA LYS C 101 -20.04 -18.88 5.00
C LYS C 101 -21.43 -18.25 5.00
N HIS C 102 -21.47 -16.93 5.01
CA HIS C 102 -22.75 -16.23 4.98
C HIS C 102 -22.79 -15.56 3.63
N SER C 103 -23.96 -15.58 2.99
CA SER C 103 -24.15 -14.97 1.69
C SER C 103 -25.58 -14.46 1.54
N MET C 104 -25.87 -13.93 0.36
CA MET C 104 -27.19 -13.42 0.03
C MET C 104 -27.57 -14.13 -1.26
N VAL C 105 -28.84 -14.48 -1.42
CA VAL C 105 -29.29 -15.14 -2.63
C VAL C 105 -30.70 -14.64 -2.95
N ASP C 106 -31.03 -14.61 -4.24
CA ASP C 106 -32.36 -14.17 -4.66
C ASP C 106 -33.39 -15.12 -4.07
N ARG C 107 -34.54 -14.58 -3.71
CA ARG C 107 -35.64 -15.37 -3.15
C ARG C 107 -36.94 -14.86 -3.79
N GLY C 108 -38.06 -15.50 -3.49
CA GLY C 108 -39.31 -15.06 -4.09
C GLY C 108 -40.43 -16.08 -3.98
N TRP C 109 -41.53 -15.84 -4.68
CA TRP C 109 -42.68 -16.74 -4.63
C TRP C 109 -42.34 -18.17 -5.04
N GLY C 110 -41.40 -18.31 -5.96
CA GLY C 110 -41.01 -19.62 -6.42
C GLY C 110 -40.33 -20.49 -5.38
N ASN C 111 -39.86 -19.91 -4.28
CA ASN C 111 -39.21 -20.71 -3.27
C ASN C 111 -39.65 -20.44 -1.85
N GLY C 112 -40.92 -20.11 -1.68
CA GLY C 112 -41.46 -19.89 -0.34
C GLY C 112 -41.44 -18.53 0.30
N CYS C 113 -41.12 -17.47 -0.44
CA CYS C 113 -41.10 -16.15 0.15
C CYS C 113 -42.22 -15.25 -0.36
N GLY C 114 -42.66 -14.34 0.50
CA GLY C 114 -43.72 -13.42 0.11
C GLY C 114 -43.25 -12.32 -0.84
N LEU C 115 -42.02 -11.86 -0.62
CA LEU C 115 -41.39 -10.81 -1.40
C LEU C 115 -40.27 -11.30 -2.28
N PHE C 116 -40.04 -10.61 -3.39
CA PHE C 116 -38.93 -10.95 -4.25
C PHE C 116 -37.82 -10.05 -3.75
N GLY C 117 -36.60 -10.57 -3.66
CA GLY C 117 -35.49 -9.77 -3.19
C GLY C 117 -34.41 -10.67 -2.64
N LYS C 118 -33.31 -10.09 -2.20
CA LYS C 118 -32.21 -10.85 -1.66
C LYS C 118 -32.52 -11.34 -0.25
N GLY C 119 -32.13 -12.58 0.03
CA GLY C 119 -32.35 -13.15 1.35
C GLY C 119 -31.04 -13.66 1.92
N GLY C 120 -31.01 -13.84 3.23
CA GLY C 120 -29.80 -14.33 3.85
C GLY C 120 -29.71 -15.85 3.86
N ILE C 121 -28.55 -16.37 3.48
CA ILE C 121 -28.34 -17.81 3.45
C ILE C 121 -27.01 -18.13 4.11
N VAL C 122 -26.95 -19.29 4.75
CA VAL C 122 -25.74 -19.72 5.44
C VAL C 122 -25.54 -21.24 5.20
N THR C 123 -24.28 -21.64 5.05
CA THR C 123 -23.97 -23.04 4.77
C THR C 123 -22.77 -23.50 5.58
N CYS C 124 -22.85 -24.67 6.18
CA CYS C 124 -21.74 -25.18 6.96
C CYS C 124 -21.47 -26.63 6.60
N ALA C 125 -20.22 -27.03 6.72
CA ALA C 125 -19.81 -28.38 6.41
C ALA C 125 -18.76 -28.76 7.44
N MET C 126 -18.81 -29.99 7.93
CA MET C 126 -17.82 -30.42 8.90
C MET C 126 -16.51 -30.58 8.12
N PHE C 127 -15.44 -30.04 8.69
CA PHE C 127 -14.12 -30.08 8.08
C PHE C 127 -13.28 -31.13 8.78
N ARG C 128 -12.80 -32.12 8.03
CA ARG C 128 -11.98 -33.19 8.59
C ARG C 128 -10.62 -33.28 7.87
N CYS C 129 -9.56 -32.91 8.59
CA CYS C 129 -8.22 -32.96 8.02
C CYS C 129 -7.76 -34.41 7.88
N LYS C 130 -7.22 -34.77 6.72
CA LYS C 130 -6.77 -36.13 6.47
C LYS C 130 -5.25 -36.28 6.40
N LYS C 131 -4.56 -35.17 6.16
CA LYS C 131 -3.10 -35.19 6.08
C LYS C 131 -2.60 -33.78 6.35
N ASN C 132 -1.70 -33.67 7.33
CA ASN C 132 -1.15 -32.37 7.71
C ASN C 132 0.36 -32.43 7.80
N MET C 133 0.95 -31.24 7.90
CA MET C 133 2.39 -31.12 8.04
C MET C 133 2.62 -30.19 9.23
N GLU C 134 3.79 -30.26 9.84
CA GLU C 134 4.07 -29.39 10.97
C GLU C 134 5.47 -28.81 10.93
N GLY C 135 5.58 -27.53 11.28
CA GLY C 135 6.86 -26.87 11.29
C GLY C 135 7.33 -26.73 12.73
N LYS C 136 8.59 -27.06 12.98
CA LYS C 136 9.11 -26.97 14.32
C LYS C 136 10.22 -25.94 14.46
N VAL C 137 10.43 -25.49 15.70
CA VAL C 137 11.48 -24.51 15.97
C VAL C 137 12.58 -25.19 16.78
N VAL C 138 13.78 -25.22 16.21
CA VAL C 138 14.92 -25.83 16.85
C VAL C 138 15.70 -24.81 17.67
N GLN C 139 15.82 -25.06 18.97
CA GLN C 139 16.57 -24.17 19.86
C GLN C 139 18.02 -24.63 19.91
N PRO C 140 18.98 -23.69 19.82
CA PRO C 140 20.40 -24.05 19.87
C PRO C 140 20.66 -24.97 21.05
N GLU C 141 20.04 -24.67 22.18
CA GLU C 141 20.18 -25.50 23.36
C GLU C 141 19.32 -26.72 23.05
N ASN C 142 19.31 -27.71 23.92
CA ASN C 142 18.51 -28.90 23.66
C ASN C 142 18.95 -29.64 22.39
N LEU C 143 20.02 -29.17 21.77
CA LEU C 143 20.56 -29.87 20.61
C LEU C 143 21.46 -30.90 21.28
N GLU C 144 21.56 -32.09 20.71
CA GLU C 144 22.37 -33.11 21.36
C GLU C 144 23.44 -33.69 20.45
N TYR C 145 24.70 -33.46 20.82
CA TYR C 145 25.83 -33.95 20.03
C TYR C 145 26.35 -35.29 20.56
N THR C 146 26.61 -36.22 19.66
CA THR C 146 27.14 -37.53 20.05
C THR C 146 28.61 -37.57 19.68
N ILE C 147 29.44 -37.91 20.65
CA ILE C 147 30.88 -37.97 20.41
C ILE C 147 31.43 -39.30 20.85
N VAL C 148 32.26 -39.89 20.00
CA VAL C 148 32.87 -41.18 20.32
C VAL C 148 34.33 -40.97 20.63
N ILE C 149 34.76 -41.53 21.76
CA ILE C 149 36.13 -41.40 22.22
C ILE C 149 36.68 -42.81 22.17
N THR C 150 37.57 -43.05 21.19
CA THR C 150 38.16 -44.37 21.00
C THR C 150 39.63 -44.43 21.38
N PRO C 151 40.02 -45.42 22.19
CA PRO C 151 41.42 -45.59 22.61
C PRO C 151 42.24 -46.04 21.39
N HIS C 152 43.35 -45.36 21.11
CA HIS C 152 44.20 -45.70 19.97
C HIS C 152 45.18 -46.76 20.45
N SER C 153 44.74 -48.00 20.41
CA SER C 153 45.52 -49.13 20.90
C SER C 153 46.00 -50.06 19.81
N GLY C 154 45.18 -50.19 18.77
CA GLY C 154 45.52 -51.07 17.66
C GLY C 154 44.95 -52.48 17.86
N GLU C 155 44.34 -52.74 19.02
CA GLU C 155 43.75 -54.05 19.30
C GLU C 155 42.80 -54.48 18.19
N GLU C 156 42.50 -55.76 18.07
CA GLU C 156 41.64 -56.20 16.97
C GLU C 156 40.23 -56.62 17.25
N HIS C 157 39.45 -56.58 16.17
CA HIS C 157 38.05 -57.02 16.11
C HIS C 157 37.59 -57.66 14.79
N ALA C 158 37.29 -56.94 13.69
CA ALA C 158 36.81 -57.62 12.41
C ALA C 158 35.40 -57.13 11.94
N GLY C 164 32.37 -54.96 20.63
CA GLY C 164 33.11 -55.54 21.73
C GLY C 164 34.30 -54.70 22.14
N LYS C 165 34.67 -53.75 21.29
CA LYS C 165 35.77 -52.84 21.58
C LYS C 165 35.42 -51.41 21.17
N HIS C 166 34.14 -51.09 21.19
CA HIS C 166 33.69 -49.74 20.87
C HIS C 166 34.39 -48.70 21.73
N GLY C 167 34.69 -47.54 21.13
CA GLY C 167 34.97 -46.34 21.90
C GLY C 167 33.77 -45.87 22.70
N LYS C 168 34.02 -45.23 23.84
CA LYS C 168 32.98 -44.72 24.68
C LYS C 168 32.15 -43.71 23.89
N GLU C 169 30.84 -43.83 23.98
CA GLU C 169 29.96 -42.91 23.29
C GLU C 169 29.37 -42.03 24.38
N ILE C 170 29.35 -40.72 24.15
CA ILE C 170 28.79 -39.79 25.13
C ILE C 170 27.94 -38.74 24.42
N LYS C 171 26.81 -38.39 25.02
CA LYS C 171 25.91 -37.41 24.44
C LYS C 171 25.87 -36.20 25.34
N ILE C 172 26.02 -35.02 24.75
CA ILE C 172 26.01 -33.81 25.56
C ILE C 172 25.13 -32.72 24.95
N THR C 173 24.85 -31.71 25.75
CA THR C 173 24.02 -30.57 25.34
C THR C 173 24.74 -29.28 25.71
N PRO C 174 24.53 -28.20 24.96
CA PRO C 174 25.22 -26.98 25.35
C PRO C 174 24.87 -26.55 26.77
N GLN C 175 23.92 -27.25 27.39
CA GLN C 175 23.51 -26.92 28.75
C GLN C 175 24.00 -27.94 29.78
N SER C 176 24.54 -29.06 29.31
CA SER C 176 25.04 -30.08 30.23
C SER C 176 26.40 -29.64 30.79
N SER C 177 26.75 -30.16 31.96
CA SER C 177 28.01 -29.79 32.59
C SER C 177 29.19 -30.60 32.07
N ILE C 178 30.38 -30.29 32.57
CA ILE C 178 31.59 -31.00 32.14
C ILE C 178 31.41 -32.49 32.29
N THR C 179 31.77 -33.21 31.24
CA THR C 179 31.64 -34.65 31.18
C THR C 179 32.87 -35.39 31.65
N GLU C 180 32.65 -36.48 32.38
CA GLU C 180 33.72 -37.34 32.85
C GLU C 180 33.46 -38.71 32.22
N ALA C 181 34.13 -38.99 31.11
CA ALA C 181 33.93 -40.24 30.40
C ALA C 181 34.91 -41.33 30.81
N GLU C 182 34.37 -42.50 31.12
CA GLU C 182 35.20 -43.61 31.52
C GLU C 182 35.59 -44.44 30.30
N LEU C 183 36.87 -44.77 30.23
CA LEU C 183 37.40 -45.60 29.16
C LEU C 183 37.92 -46.87 29.82
N THR C 184 37.15 -47.95 29.69
CA THR C 184 37.51 -49.23 30.29
C THR C 184 38.98 -49.56 30.11
N GLY C 185 39.67 -49.61 31.24
CA GLY C 185 41.08 -49.92 31.25
C GLY C 185 42.04 -48.75 31.38
N TYR C 186 41.61 -47.53 31.03
CA TYR C 186 42.54 -46.41 31.07
C TYR C 186 42.20 -45.31 32.06
N GLY C 187 41.00 -45.34 32.59
CA GLY C 187 40.57 -44.31 33.53
C GLY C 187 39.45 -43.48 32.94
N THR C 188 39.45 -42.18 33.20
CA THR C 188 38.41 -41.32 32.65
C THR C 188 39.06 -40.14 31.98
N VAL C 189 38.32 -39.51 31.07
CA VAL C 189 38.83 -38.34 30.39
C VAL C 189 37.76 -37.31 30.66
N THR C 190 38.15 -36.08 30.94
CA THR C 190 37.18 -35.05 31.23
C THR C 190 37.18 -34.02 30.13
N MET C 191 35.99 -33.67 29.65
CA MET C 191 35.87 -32.70 28.57
C MET C 191 34.60 -31.88 28.61
N GLU C 192 34.67 -30.68 28.02
CA GLU C 192 33.53 -29.78 27.95
C GLU C 192 33.47 -29.21 26.54
N CYS C 193 32.27 -29.06 26.00
CA CYS C 193 32.14 -28.54 24.66
C CYS C 193 31.22 -27.35 24.51
N SER C 194 31.42 -26.62 23.42
CA SER C 194 30.60 -25.46 23.10
C SER C 194 30.21 -25.58 21.65
N PRO C 195 28.92 -25.36 21.34
CA PRO C 195 28.39 -25.42 19.97
C PRO C 195 28.95 -24.31 19.11
N ARG C 196 30.09 -23.76 19.52
CA ARG C 196 30.70 -22.65 18.80
C ARG C 196 30.40 -22.60 17.31
N THR C 197 29.64 -21.57 16.95
CA THR C 197 29.19 -21.29 15.59
C THR C 197 29.48 -22.39 14.58
N LEU C 199 25.52 -22.26 12.65
CA LEU C 199 24.24 -22.90 12.93
C LEU C 199 23.21 -21.86 13.40
N ASP C 200 22.20 -21.60 12.56
CA ASP C 200 21.17 -20.61 12.90
C ASP C 200 19.80 -21.24 13.13
N PHE C 201 19.00 -20.64 14.01
CA PHE C 201 17.67 -21.13 14.34
C PHE C 201 16.80 -20.02 14.94
N GLU C 203 16.19 -16.92 12.88
CA GLU C 203 14.75 -17.05 12.70
C GLU C 203 14.39 -17.95 11.54
N MET C 204 14.46 -19.25 11.76
CA MET C 204 14.14 -20.23 10.74
C MET C 204 13.15 -21.25 11.30
N VAL C 205 12.70 -22.17 10.46
CA VAL C 205 11.75 -23.18 10.87
C VAL C 205 12.01 -24.48 10.13
N LEU C 206 11.68 -25.61 10.75
CA LEU C 206 11.86 -26.89 10.10
C LEU C 206 10.52 -27.57 9.79
N LEU C 207 10.21 -27.61 8.50
CA LEU C 207 8.98 -28.18 7.97
C LEU C 207 9.02 -29.69 7.79
N GLN C 208 8.05 -30.38 8.37
CA GLN C 208 7.98 -31.83 8.25
C GLN C 208 6.76 -32.34 7.47
N MET C 209 7.01 -32.88 6.28
CA MET C 209 5.97 -33.45 5.44
C MET C 209 6.08 -34.96 5.38
N GLU C 210 5.58 -35.62 6.41
CA GLU C 210 5.59 -37.07 6.47
C GLU C 210 6.99 -37.67 6.43
N ASN C 211 7.71 -37.55 7.55
CA ASN C 211 9.06 -38.09 7.70
C ASN C 211 10.15 -37.49 6.81
N LYS C 212 9.81 -36.46 6.04
CA LYS C 212 10.80 -35.80 5.19
C LYS C 212 10.73 -34.34 5.62
N ALA C 213 11.88 -33.76 5.97
CA ALA C 213 11.88 -32.37 6.43
C ALA C 213 12.73 -31.40 5.62
N TRP C 214 12.50 -30.11 5.85
CA TRP C 214 13.19 -29.03 5.17
C TRP C 214 13.39 -27.89 6.14
N LEU C 215 14.37 -27.04 5.87
CA LEU C 215 14.63 -25.87 6.71
C LEU C 215 14.05 -24.71 5.91
N VAL C 216 13.11 -23.99 6.49
CA VAL C 216 12.47 -22.88 5.78
C VAL C 216 12.50 -21.61 6.63
N HIS C 217 12.44 -20.45 5.97
CA HIS C 217 12.45 -19.19 6.70
C HIS C 217 11.09 -18.96 7.34
N ARG C 218 11.09 -18.23 8.45
CA ARG C 218 9.85 -17.93 9.14
C ARG C 218 9.14 -16.85 8.34
N GLN C 219 7.93 -16.49 8.76
CA GLN C 219 7.13 -15.48 8.06
C GLN C 219 6.70 -15.97 6.69
N TRP C 220 7.28 -17.09 6.24
CA TRP C 220 6.90 -17.68 4.97
C TRP C 220 6.04 -18.85 5.39
N PHE C 221 6.51 -19.54 6.42
CA PHE C 221 5.83 -20.67 7.00
C PHE C 221 4.52 -20.13 7.60
N LEU C 222 4.65 -19.00 8.29
CA LEU C 222 3.52 -18.36 8.95
C LEU C 222 2.52 -17.71 7.99
N ASP C 223 2.95 -17.52 6.75
CA ASP C 223 2.08 -16.90 5.75
C ASP C 223 1.37 -17.92 4.87
N LEU C 224 1.80 -19.17 4.93
CA LEU C 224 1.19 -20.22 4.13
C LEU C 224 -0.33 -20.19 4.21
N PRO C 225 -1.00 -20.15 3.04
CA PRO C 225 -2.46 -20.12 2.97
C PRO C 225 -3.02 -21.54 3.09
N LEU C 226 -3.06 -22.04 4.32
CA LEU C 226 -3.58 -23.36 4.58
C LEU C 226 -4.16 -23.37 5.98
N PRO C 227 -5.11 -24.27 6.23
CA PRO C 227 -5.72 -24.32 7.57
C PRO C 227 -4.63 -24.73 8.56
N TRP C 228 -4.65 -24.15 9.77
CA TRP C 228 -3.63 -24.49 10.76
C TRP C 228 -4.16 -24.49 12.18
N LEU C 229 -3.32 -24.96 13.09
CA LEU C 229 -3.65 -25.04 14.50
C LEU C 229 -2.43 -24.65 15.32
N PRO C 230 -2.63 -23.92 16.43
CA PRO C 230 -1.48 -23.53 17.25
C PRO C 230 -0.71 -24.80 17.66
N GLY C 231 0.62 -24.72 17.66
CA GLY C 231 1.44 -25.85 18.01
C GLY C 231 1.02 -26.74 19.17
N ALA C 232 0.68 -26.12 20.30
CA ALA C 232 0.29 -26.88 21.50
C ALA C 232 -1.10 -27.48 21.47
N ASP C 233 -1.51 -28.04 20.34
CA ASP C 233 -2.83 -28.65 20.22
C ASP C 233 -2.74 -30.16 20.20
N THR C 234 -3.88 -30.82 20.41
CA THR C 234 -3.94 -32.27 20.40
C THR C 234 -5.31 -32.72 19.90
N GLN C 235 -6.24 -31.77 19.85
CA GLN C 235 -7.58 -32.05 19.35
C GLN C 235 -7.45 -32.37 17.87
N GLY C 236 -6.80 -31.46 17.15
CA GLY C 236 -6.61 -31.61 15.73
C GLY C 236 -7.91 -31.41 14.97
N SER C 237 -8.85 -30.70 15.60
CA SER C 237 -10.15 -30.47 14.99
C SER C 237 -10.48 -29.02 14.68
N ASN C 238 -10.20 -28.12 15.61
CA ASN C 238 -10.52 -26.69 15.49
C ASN C 238 -9.70 -25.81 14.56
N TRP C 239 -9.43 -26.32 13.36
CA TRP C 239 -8.63 -25.60 12.36
C TRP C 239 -8.97 -24.14 12.11
N ILE C 240 -7.93 -23.36 11.86
CA ILE C 240 -8.06 -21.92 11.60
C ILE C 240 -7.91 -21.65 10.11
N GLN C 241 -8.81 -20.83 9.57
CA GLN C 241 -8.86 -20.48 8.16
C GLN C 241 -9.01 -21.69 7.23
N LYS C 242 -10.08 -22.43 7.49
CA LYS C 242 -10.42 -23.62 6.72
C LYS C 242 -10.81 -23.23 5.29
N GLU C 243 -11.34 -22.01 5.12
CA GLU C 243 -11.75 -21.54 3.80
C GLU C 243 -10.63 -21.64 2.78
N THR C 244 -9.39 -21.75 3.25
CA THR C 244 -8.27 -21.86 2.34
C THR C 244 -8.36 -23.16 1.52
N LEU C 245 -8.96 -24.20 2.08
CA LEU C 245 -9.12 -25.47 1.36
C LEU C 245 -10.58 -25.72 1.00
N VAL C 246 -11.42 -24.71 1.16
CA VAL C 246 -12.82 -24.87 0.87
C VAL C 246 -13.32 -23.81 -0.09
N THR C 247 -14.24 -24.21 -0.95
CA THR C 247 -14.82 -23.30 -1.91
C THR C 247 -16.32 -23.43 -1.82
N PHE C 248 -16.98 -22.29 -1.69
CA PHE C 248 -18.43 -22.25 -1.62
C PHE C 248 -18.93 -21.78 -2.99
N LYS C 249 -19.67 -22.65 -3.67
CA LYS C 249 -20.23 -22.31 -4.99
C LYS C 249 -21.30 -21.24 -4.79
N ASN C 250 -21.75 -20.64 -5.89
CA ASN C 250 -22.80 -19.62 -5.79
C ASN C 250 -23.99 -20.32 -5.19
N PRO C 251 -24.65 -19.67 -4.23
CA PRO C 251 -25.81 -20.29 -3.58
C PRO C 251 -27.09 -20.31 -4.41
N HIS C 252 -28.06 -21.09 -3.93
CA HIS C 252 -29.36 -21.18 -4.56
C HIS C 252 -30.33 -20.86 -3.43
N ALA C 253 -31.57 -20.57 -3.78
CA ALA C 253 -32.58 -20.22 -2.80
C ALA C 253 -32.53 -21.00 -1.48
N LYS C 254 -32.38 -22.33 -1.54
CA LYS C 254 -32.39 -23.13 -0.33
C LYS C 254 -31.21 -24.06 -0.11
N LYS C 255 -30.31 -24.18 -1.11
CA LYS C 255 -29.15 -25.05 -0.96
C LYS C 255 -27.95 -24.41 -1.60
N GLN C 256 -26.78 -24.89 -1.20
CA GLN C 256 -25.52 -24.36 -1.71
C GLN C 256 -24.52 -25.49 -1.63
N ASP C 257 -23.70 -25.63 -2.67
CA ASP C 257 -22.70 -26.68 -2.68
C ASP C 257 -21.39 -26.19 -2.13
N VAL C 258 -20.65 -27.08 -1.49
CA VAL C 258 -19.36 -26.74 -0.95
C VAL C 258 -18.39 -27.85 -1.34
N VAL C 259 -17.27 -27.49 -1.95
CA VAL C 259 -16.27 -28.48 -2.36
C VAL C 259 -14.94 -28.12 -1.75
N VAL C 260 -14.14 -29.12 -1.49
CA VAL C 260 -12.82 -28.93 -0.91
C VAL C 260 -11.75 -29.12 -1.96
N LEU C 261 -10.69 -28.32 -1.90
CA LEU C 261 -9.59 -28.46 -2.85
C LEU C 261 -8.98 -29.83 -2.67
N GLY C 262 -8.16 -30.24 -3.62
CA GLY C 262 -7.51 -31.53 -3.51
C GLY C 262 -6.26 -31.41 -2.67
N SER C 263 -5.61 -32.53 -2.37
CA SER C 263 -4.40 -32.52 -1.57
C SER C 263 -3.41 -31.47 -2.06
N GLN C 264 -2.64 -30.92 -1.13
CA GLN C 264 -1.66 -29.89 -1.49
C GLN C 264 -0.24 -30.40 -1.27
N GLU C 265 -0.12 -31.69 -0.93
CA GLU C 265 1.20 -32.27 -0.70
C GLU C 265 2.07 -31.98 -1.92
N GLY C 266 1.50 -32.19 -3.11
CA GLY C 266 2.23 -31.94 -4.34
C GLY C 266 2.58 -30.48 -4.54
N ALA C 267 1.58 -29.61 -4.41
CA ALA C 267 1.83 -28.18 -4.57
C ALA C 267 2.92 -27.74 -3.60
N MET C 268 2.99 -28.43 -2.47
CA MET C 268 3.99 -28.10 -1.46
C MET C 268 5.37 -28.60 -1.88
N HIS C 269 5.48 -29.90 -2.18
CA HIS C 269 6.73 -30.51 -2.62
C HIS C 269 7.42 -29.66 -3.68
N THR C 270 6.80 -29.57 -4.85
CA THR C 270 7.37 -28.80 -5.94
C THR C 270 7.43 -27.31 -5.63
N ALA C 271 7.20 -26.95 -4.37
CA ALA C 271 7.25 -25.55 -3.93
C ALA C 271 8.44 -25.36 -3.00
N LEU C 272 8.88 -26.47 -2.39
CA LEU C 272 10.01 -26.47 -1.48
C LEU C 272 11.34 -26.71 -2.18
N THR C 273 11.29 -27.11 -3.45
CA THR C 273 12.53 -27.34 -4.20
C THR C 273 13.38 -26.08 -4.07
N GLY C 274 14.62 -26.25 -3.63
CA GLY C 274 15.52 -25.12 -3.46
C GLY C 274 15.98 -24.96 -2.03
N ALA C 275 15.04 -25.05 -1.09
CA ALA C 275 15.35 -24.92 0.33
C ALA C 275 16.12 -26.13 0.83
N THR C 276 17.14 -25.88 1.66
CA THR C 276 17.97 -26.95 2.20
C THR C 276 17.18 -28.09 2.84
N GLU C 277 17.34 -29.29 2.30
CA GLU C 277 16.65 -30.45 2.83
C GLU C 277 17.35 -30.94 4.10
N ILE C 278 16.56 -31.33 5.10
CA ILE C 278 17.13 -31.80 6.36
C ILE C 278 16.82 -33.26 6.60
N GLN C 279 17.86 -34.04 6.85
CA GLN C 279 17.72 -35.46 7.11
C GLN C 279 17.04 -35.63 8.47
N MET C 280 16.58 -36.84 8.76
CA MET C 280 15.94 -37.10 10.04
C MET C 280 15.61 -38.58 10.22
N SER C 281 15.34 -38.96 11.46
CA SER C 281 15.00 -40.34 11.77
C SER C 281 14.43 -40.42 13.17
N SER C 282 13.54 -41.39 13.38
CA SER C 282 12.91 -41.57 14.68
C SER C 282 12.25 -40.26 15.12
N GLY C 283 11.77 -39.50 14.14
CA GLY C 283 11.10 -38.24 14.42
C GLY C 283 12.03 -37.09 14.74
N ASN C 284 13.30 -37.41 14.97
CA ASN C 284 14.28 -36.37 15.29
C ASN C 284 14.95 -35.81 14.05
N LEU C 285 15.28 -34.53 14.09
CA LEU C 285 15.94 -33.87 12.96
C LEU C 285 17.45 -34.00 13.19
N LEU C 286 18.20 -34.14 12.10
CA LEU C 286 19.65 -34.28 12.19
C LEU C 286 20.33 -33.12 11.49
N PHE C 287 21.48 -32.70 12.02
CA PHE C 287 22.22 -31.62 11.41
C PHE C 287 23.68 -32.00 11.45
N THR C 288 24.49 -31.21 10.77
CA THR C 288 25.92 -31.42 10.75
C THR C 288 26.46 -30.33 11.67
N GLY C 289 26.68 -30.69 12.93
CA GLY C 289 27.17 -29.73 13.92
C GLY C 289 28.66 -29.43 13.91
N HIS C 290 29.03 -28.42 14.69
CA HIS C 290 30.41 -27.98 14.82
C HIS C 290 30.70 -27.74 16.31
N LEU C 291 31.71 -28.41 16.84
CA LEU C 291 32.03 -28.26 18.24
C LEU C 291 33.47 -27.85 18.53
N LYS C 292 33.63 -27.16 19.66
CA LYS C 292 34.93 -26.74 20.17
C LYS C 292 34.92 -27.35 21.57
N CYS C 293 35.94 -28.13 21.91
CA CYS C 293 35.97 -28.72 23.23
C CYS C 293 37.34 -28.60 23.84
N ARG C 294 37.38 -28.81 25.15
CA ARG C 294 38.62 -28.78 25.91
C ARG C 294 38.61 -30.04 26.76
N LEU C 295 39.72 -30.74 26.80
CA LEU C 295 39.76 -31.95 27.58
C LEU C 295 41.00 -32.03 28.46
N ARG C 296 40.89 -32.79 29.55
CA ARG C 296 41.97 -32.96 30.51
C ARG C 296 42.20 -34.46 30.65
N MET C 297 43.47 -34.86 30.70
CA MET C 297 43.84 -36.27 30.79
C MET C 297 44.49 -36.70 32.11
N ASP C 298 44.46 -35.83 33.11
CA ASP C 298 45.07 -36.14 34.39
C ASP C 298 44.53 -37.42 35.03
N LYS C 299 43.34 -37.86 34.62
CA LYS C 299 42.78 -39.10 35.17
C LYS C 299 42.91 -40.33 34.25
N LEU C 300 43.67 -40.17 33.18
CA LEU C 300 43.91 -41.26 32.24
C LEU C 300 45.28 -41.87 32.55
N GLN C 301 45.43 -43.15 32.25
CA GLN C 301 46.72 -43.77 32.44
C GLN C 301 46.83 -44.91 31.48
N LEU C 302 48.05 -45.36 31.21
CA LEU C 302 48.29 -46.44 30.28
C LEU C 302 47.77 -47.79 30.75
N LYS C 303 47.06 -48.49 29.89
CA LYS C 303 46.51 -49.81 30.21
C LYS C 303 47.59 -50.86 29.98
N GLY C 304 48.06 -51.49 31.05
CA GLY C 304 49.06 -52.51 30.87
C GLY C 304 50.43 -52.25 31.47
N MET C 305 50.63 -51.09 32.07
CA MET C 305 51.92 -50.82 32.68
C MET C 305 52.16 -51.94 33.68
N SER C 306 53.43 -52.22 33.96
CA SER C 306 53.80 -53.27 34.90
C SER C 306 53.51 -54.67 34.36
N TYR C 307 54.06 -54.95 33.20
CA TYR C 307 53.94 -56.25 32.55
C TYR C 307 55.37 -56.62 32.30
N SER C 308 55.58 -57.64 31.49
CA SER C 308 56.92 -58.06 31.14
C SER C 308 57.21 -57.55 29.72
N MET C 309 58.48 -57.47 29.36
CA MET C 309 58.86 -56.99 28.02
C MET C 309 58.95 -58.24 27.15
N CYS C 310 57.93 -58.47 26.31
CA CYS C 310 57.90 -59.66 25.45
C CYS C 310 59.28 -60.11 25.15
N THR C 311 59.58 -61.38 25.39
CA THR C 311 60.89 -61.89 25.04
C THR C 311 60.57 -63.02 24.07
N GLY C 312 60.37 -62.70 22.80
CA GLY C 312 60.04 -63.75 21.83
C GLY C 312 60.06 -63.36 20.36
N LYS C 313 59.10 -63.85 19.57
CA LYS C 313 59.04 -63.55 18.14
C LYS C 313 57.74 -63.03 17.53
N PHE C 314 57.89 -62.27 16.45
CA PHE C 314 56.78 -61.73 15.71
C PHE C 314 56.96 -61.89 14.23
N LYS C 315 55.87 -62.20 13.55
CA LYS C 315 55.88 -62.37 12.11
C LYS C 315 54.94 -61.30 11.57
N VAL C 316 55.49 -60.35 10.81
CA VAL C 316 54.67 -59.31 10.24
C VAL C 316 53.52 -59.99 9.50
N VAL C 317 52.31 -59.86 10.05
CA VAL C 317 51.12 -60.49 9.47
C VAL C 317 50.98 -60.25 7.96
N LYS C 318 51.19 -59.01 7.51
CA LYS C 318 51.09 -58.72 6.09
C LYS C 318 51.87 -57.47 5.72
N GLU C 319 51.67 -56.99 4.50
CA GLU C 319 52.35 -55.80 3.99
C GLU C 319 52.19 -54.55 4.85
N ILE C 320 53.32 -54.00 5.29
CA ILE C 320 53.31 -52.77 6.09
C ILE C 320 52.52 -51.75 5.29
N ALA C 321 51.70 -50.98 5.97
CA ALA C 321 50.89 -49.98 5.28
C ALA C 321 51.27 -48.54 5.58
N GLU C 322 51.09 -47.68 4.58
CA GLU C 322 51.36 -46.25 4.68
C GLU C 322 50.01 -45.56 4.80
N THR C 323 49.89 -44.69 5.79
CA THR C 323 48.64 -43.97 5.98
C THR C 323 48.69 -42.64 5.25
N GLN C 324 47.60 -41.90 5.31
CA GLN C 324 47.53 -40.59 4.68
C GLN C 324 48.18 -39.54 5.58
N HIS C 325 48.75 -39.96 6.70
CA HIS C 325 49.32 -39.00 7.63
C HIS C 325 50.79 -39.15 8.03
N GLY C 326 51.62 -39.53 7.06
CA GLY C 326 53.03 -39.66 7.37
C GLY C 326 53.32 -40.69 8.42
N THR C 327 52.44 -41.69 8.52
CA THR C 327 52.63 -42.74 9.51
C THR C 327 52.45 -44.11 8.89
N ILE C 328 52.83 -45.13 9.63
CA ILE C 328 52.71 -46.50 9.16
C ILE C 328 51.97 -47.40 10.15
N VAL C 329 51.33 -48.44 9.63
CA VAL C 329 50.62 -49.38 10.47
C VAL C 329 51.21 -50.79 10.30
N ILE C 330 51.97 -51.24 11.30
CA ILE C 330 52.58 -52.55 11.23
C ILE C 330 51.83 -53.63 12.01
N ARG C 331 51.33 -54.64 11.30
CA ARG C 331 50.62 -55.76 11.93
C ARG C 331 51.66 -56.80 12.38
N VAL C 332 51.57 -57.27 13.62
CA VAL C 332 52.53 -58.27 14.08
C VAL C 332 51.79 -59.19 15.05
N GLN C 333 52.30 -60.41 15.20
CA GLN C 333 51.67 -61.34 16.12
C GLN C 333 52.74 -62.21 16.74
N TYR C 334 52.68 -62.35 18.06
CA TYR C 334 53.67 -63.15 18.77
C TYR C 334 53.65 -64.55 18.16
N GLY C 336 54.48 -66.71 19.35
CA GLY C 336 55.69 -66.28 20.02
C GLY C 336 55.86 -66.54 21.54
N ASP C 337 57.12 -66.63 21.99
CA ASP C 337 57.55 -66.86 23.39
C ASP C 337 57.10 -66.07 24.61
N GLY C 338 55.82 -65.98 24.92
CA GLY C 338 55.54 -65.17 26.10
C GLY C 338 54.12 -64.86 26.54
N SER C 339 54.08 -64.16 27.67
CA SER C 339 52.87 -63.73 28.33
C SER C 339 52.18 -62.74 27.41
N PRO C 340 51.00 -62.28 27.81
CA PRO C 340 50.25 -61.30 27.02
C PRO C 340 51.23 -60.18 27.44
N CYS C 341 52.07 -59.69 26.52
CA CYS C 341 53.10 -58.74 26.92
C CYS C 341 53.27 -57.42 26.18
N LYS C 342 54.16 -56.59 26.72
CA LYS C 342 54.52 -55.30 26.14
C LYS C 342 55.32 -55.63 24.88
N ILE C 343 55.57 -55.09 24.06
CA ILE C 343 56.30 -55.23 22.81
C ILE C 343 57.50 -54.30 22.76
N PRO C 344 58.46 -54.58 22.43
CA PRO C 344 59.61 -53.69 22.23
C PRO C 344 59.62 -53.05 20.85
N PHE C 345 59.14 -51.82 20.78
CA PHE C 345 59.11 -51.13 19.51
C PHE C 345 60.12 -50.01 19.63
N GLU C 346 60.78 -49.72 18.52
CA GLU C 346 61.75 -48.65 18.55
C GLU C 346 62.23 -48.37 17.13
N ILE C 347 62.14 -47.11 16.74
CA ILE C 347 62.57 -46.69 15.41
C ILE C 347 63.87 -45.91 15.53
N MET C 348 64.94 -46.49 15.00
CA MET C 348 66.25 -45.82 15.07
C MET C 348 66.79 -45.49 13.70
N ASP C 349 68.03 -45.00 13.68
CA ASP C 349 68.68 -44.67 12.41
C ASP C 349 69.27 -45.95 11.82
N LEU C 350 69.89 -45.84 10.64
CA LEU C 350 70.49 -46.99 9.97
C LEU C 350 71.57 -47.63 10.84
N GLU C 351 72.19 -46.83 11.69
CA GLU C 351 73.24 -47.32 12.56
C GLU C 351 72.75 -47.83 13.90
N LYS C 352 71.45 -47.72 14.14
CA LYS C 352 70.88 -48.15 15.42
C LYS C 352 71.55 -47.43 16.60
N ARG C 353 71.95 -46.18 16.40
CA ARG C 353 72.60 -45.41 17.46
C ARG C 353 71.62 -44.54 18.27
N HIS C 354 70.81 -43.74 17.58
CA HIS C 354 69.85 -42.90 18.28
C HIS C 354 68.40 -43.26 17.92
N VAL C 355 67.47 -42.83 18.77
CA VAL C 355 66.06 -43.10 18.54
C VAL C 355 65.50 -41.99 17.66
N LEU C 356 64.67 -42.37 16.69
CA LEU C 356 64.06 -41.43 15.79
C LEU C 356 62.56 -41.72 15.74
N GLY C 357 61.78 -40.82 15.16
CA GLY C 357 60.34 -41.05 15.08
C GLY C 357 59.69 -41.29 16.44
N ARG C 358 58.43 -41.71 16.41
CA ARG C 358 57.66 -41.99 17.62
C ARG C 358 56.41 -42.80 17.34
N LEU C 359 55.88 -43.39 18.40
CA LEU C 359 54.68 -44.20 18.32
C LEU C 359 53.42 -43.38 18.51
N ILE C 360 52.38 -43.74 17.78
CA ILE C 360 51.06 -43.09 17.90
C ILE C 360 50.29 -44.09 18.78
N THR C 361 50.57 -45.37 18.56
CA THR C 361 50.04 -46.46 19.37
C THR C 361 51.03 -46.38 20.52
N VAL C 362 50.58 -46.41 21.75
CA VAL C 362 51.54 -46.30 22.83
C VAL C 362 51.40 -47.52 23.71
N ASN C 363 52.50 -47.94 24.33
CA ASN C 363 52.54 -49.14 25.16
C ASN C 363 51.83 -50.26 24.43
N PRO C 364 52.24 -50.51 23.19
CA PRO C 364 51.65 -51.56 22.36
C PRO C 364 51.83 -52.88 23.08
N ILE C 365 50.78 -53.70 23.09
CA ILE C 365 50.85 -54.95 23.82
C ILE C 365 50.11 -56.08 23.11
N VAL C 366 50.47 -57.30 23.45
CA VAL C 366 49.84 -58.49 22.87
C VAL C 366 48.89 -59.12 23.89
N THR C 367 47.65 -59.37 23.48
CA THR C 367 46.66 -59.98 24.35
C THR C 367 46.58 -61.49 24.17
N GLU C 368 46.79 -61.95 22.95
CA GLU C 368 46.72 -63.37 22.65
C GLU C 368 47.80 -63.88 21.72
N LYS C 369 48.02 -65.19 21.76
CA LYS C 369 48.98 -65.82 20.87
C LYS C 369 48.19 -65.87 19.56
N ASP C 370 48.78 -65.38 18.48
CA ASP C 370 48.09 -65.34 17.20
C ASP C 370 46.90 -64.38 17.29
N SER C 371 47.22 -63.11 17.52
CA SER C 371 46.24 -62.04 17.62
C SER C 371 46.90 -60.82 16.98
N PRO C 372 46.72 -60.64 15.67
CA PRO C 372 47.32 -59.50 14.96
C PRO C 372 47.24 -58.17 15.72
N VAL C 373 48.37 -57.69 16.18
CA VAL C 373 48.37 -56.44 16.92
C VAL C 373 48.83 -55.29 16.05
N ASN C 374 47.88 -54.58 15.45
CA ASN C 374 48.23 -53.45 14.61
C ASN C 374 48.93 -52.38 15.44
N ILE C 375 49.90 -51.72 14.83
CA ILE C 375 50.66 -50.66 15.51
C ILE C 375 50.89 -49.50 14.55
N GLU C 376 50.44 -48.31 14.93
CA GLU C 376 50.65 -47.14 14.09
C GLU C 376 51.83 -46.37 14.65
N ALA C 377 52.79 -46.06 13.79
CA ALA C 377 53.96 -45.33 14.21
C ALA C 377 54.32 -44.26 13.20
N GLU C 378 55.13 -43.32 13.65
CA GLU C 378 55.58 -42.25 12.77
C GLU C 378 57.09 -42.36 12.58
N PRO C 379 57.52 -42.80 11.39
CA PRO C 379 58.96 -42.94 11.10
C PRO C 379 59.52 -41.58 10.73
N PRO C 380 60.80 -41.32 11.03
CA PRO C 380 61.30 -40.00 10.65
C PRO C 380 61.37 -39.94 9.14
N PHE C 381 61.66 -38.77 8.58
CA PHE C 381 61.75 -38.66 7.13
C PHE C 381 63.05 -39.32 6.69
N GLY C 382 63.03 -39.98 5.54
CA GLY C 382 64.24 -40.64 5.08
C GLY C 382 64.33 -42.10 5.49
N ASP C 383 65.53 -42.52 5.88
CA ASP C 383 65.81 -43.90 6.29
C ASP C 383 65.76 -44.14 7.79
N SER C 384 65.26 -45.31 8.15
CA SER C 384 65.16 -45.71 9.56
C SER C 384 64.93 -47.22 9.71
N TYR C 385 65.34 -47.75 10.86
CA TYR C 385 65.17 -49.17 11.15
C TYR C 385 64.00 -49.36 12.11
N ILE C 386 63.08 -50.23 11.75
CA ILE C 386 61.96 -50.49 12.64
C ILE C 386 62.30 -51.76 13.41
N ILE C 387 62.73 -51.58 14.65
CA ILE C 387 63.13 -52.68 15.51
C ILE C 387 62.04 -53.22 16.43
N ILE C 388 61.38 -54.29 16.00
CA ILE C 388 60.33 -54.94 16.76
C ILE C 388 60.85 -56.20 17.46
N GLY C 389 60.74 -56.25 18.78
CA GLY C 389 61.15 -57.45 19.49
C GLY C 389 62.49 -57.47 20.20
N VAL C 390 62.93 -58.67 20.57
CA VAL C 390 64.18 -58.84 21.28
C VAL C 390 65.17 -59.83 20.68
N GLU C 391 66.28 -60.03 21.38
CA GLU C 391 67.41 -60.88 20.94
C GLU C 391 67.49 -62.30 20.37
N PRO C 392 66.41 -62.83 19.82
CA PRO C 392 66.55 -64.16 19.21
C PRO C 392 66.56 -63.53 17.82
N GLY C 393 65.41 -62.94 17.48
CA GLY C 393 65.29 -62.25 16.20
C GLY C 393 64.73 -60.82 16.28
N GLN C 394 65.48 -59.88 16.87
CA GLN C 394 65.02 -58.48 16.94
C GLN C 394 64.76 -58.19 15.45
N LEU C 395 63.53 -57.80 15.11
CA LEU C 395 63.11 -57.57 13.73
C LEU C 395 63.52 -56.29 13.01
N LYS C 396 64.70 -56.25 12.41
CA LYS C 396 65.12 -55.04 11.71
C LYS C 396 64.41 -54.87 10.36
N LEU C 397 63.48 -53.94 10.28
CA LEU C 397 62.75 -53.68 9.04
C LEU C 397 63.19 -52.31 8.53
N ASN C 398 63.74 -52.25 7.31
CA ASN C 398 64.17 -50.97 6.77
C ASN C 398 62.96 -50.20 6.31
N TRP C 399 63.02 -48.87 6.44
CA TRP C 399 61.92 -48.05 5.98
C TRP C 399 62.39 -46.70 5.46
N PHE C 400 61.76 -46.27 4.37
CA PHE C 400 62.09 -44.99 3.76
C PHE C 400 60.82 -44.16 3.64
N LYS C 401 60.81 -43.01 4.27
CA LYS C 401 59.65 -42.14 4.24
C LYS C 401 59.90 -40.96 3.29
N LYS C 402 59.12 -40.91 2.22
CA LYS C 402 59.23 -39.86 1.22
C LYS C 402 58.09 -38.86 1.38
N PHE D 1 -37.97 -43.84 3.14
CA PHE D 1 -37.16 -42.86 3.91
C PHE D 1 -37.48 -42.86 5.41
N HIS D 2 -36.49 -42.51 6.21
CA HIS D 2 -36.66 -42.45 7.65
C HIS D 2 -37.19 -41.07 8.05
N LEU D 3 -38.34 -41.05 8.72
CA LEU D 3 -38.91 -39.79 9.16
C LEU D 3 -38.50 -39.50 10.61
N THR D 4 -37.83 -38.37 10.81
CA THR D 4 -37.34 -37.93 12.11
C THR D 4 -37.68 -36.43 12.22
N THR D 5 -36.99 -35.69 13.10
CA THR D 5 -37.26 -34.26 13.23
C THR D 5 -35.99 -33.42 13.41
N ARG D 6 -36.09 -32.13 13.15
CA ARG D 6 -34.98 -31.20 13.31
C ARG D 6 -35.57 -29.92 13.88
N ASN D 7 -35.53 -29.79 15.20
CA ASN D 7 -36.06 -28.62 15.86
C ASN D 7 -37.58 -28.52 15.66
N GLY D 8 -38.28 -29.60 16.02
CA GLY D 8 -39.72 -29.60 15.90
C GLY D 8 -40.25 -29.80 14.51
N GLU D 9 -39.39 -29.59 13.52
CA GLU D 9 -39.81 -29.75 12.13
C GLU D 9 -39.51 -31.14 11.57
N PRO D 10 -40.36 -31.64 10.68
CA PRO D 10 -40.13 -32.96 10.10
C PRO D 10 -38.85 -32.99 9.23
N HIS D 11 -38.11 -34.10 9.32
CA HIS D 11 -36.86 -34.26 8.58
C HIS D 11 -36.87 -35.61 7.82
N MET D 12 -36.55 -35.58 6.54
CA MET D 12 -36.54 -36.80 5.73
C MET D 12 -35.17 -37.30 5.34
N ILE D 13 -34.82 -38.51 5.79
CA ILE D 13 -33.54 -39.11 5.42
C ILE D 13 -33.93 -39.96 4.23
N VAL D 14 -33.60 -39.47 3.03
CA VAL D 14 -33.96 -40.15 1.78
C VAL D 14 -32.86 -41.03 1.23
N SER D 15 -33.19 -42.28 0.95
CA SER D 15 -32.21 -43.22 0.41
C SER D 15 -32.28 -43.23 -1.10
N ARG D 16 -31.34 -43.94 -1.71
CA ARG D 16 -31.22 -44.03 -3.16
C ARG D 16 -32.42 -44.58 -3.92
N GLN D 17 -33.06 -45.60 -3.37
CA GLN D 17 -34.18 -46.24 -4.03
C GLN D 17 -35.45 -45.41 -4.07
N GLU D 18 -35.40 -44.19 -3.58
CA GLU D 18 -36.60 -43.37 -3.58
C GLU D 18 -36.56 -42.26 -4.63
N LYS D 19 -35.44 -42.17 -5.33
CA LYS D 19 -35.26 -41.18 -6.39
C LYS D 19 -36.41 -41.31 -7.38
N GLY D 20 -37.09 -40.21 -7.65
CA GLY D 20 -38.17 -40.25 -8.63
C GLY D 20 -39.54 -40.60 -8.11
N LYS D 21 -39.70 -40.74 -6.79
CA LYS D 21 -41.02 -41.05 -6.29
C LYS D 21 -41.50 -40.07 -5.24
N SER D 22 -42.79 -39.76 -5.32
CA SER D 22 -43.48 -38.85 -4.42
C SER D 22 -43.29 -39.27 -2.97
N LEU D 23 -42.89 -38.32 -2.12
CA LEU D 23 -42.66 -38.62 -0.71
C LEU D 23 -43.86 -38.21 0.14
N LEU D 24 -44.57 -39.20 0.70
CA LEU D 24 -45.75 -38.94 1.51
C LEU D 24 -45.63 -39.36 2.97
N PHE D 25 -46.03 -38.47 3.88
CA PHE D 25 -46.03 -38.78 5.30
C PHE D 25 -47.09 -37.98 6.02
N LYS D 26 -47.87 -38.70 6.83
CA LYS D 26 -48.97 -38.14 7.60
C LYS D 26 -48.52 -37.12 8.66
N THR D 27 -49.34 -36.09 8.85
CA THR D 27 -49.09 -35.04 9.84
C THR D 27 -50.42 -34.51 10.34
N GLU D 28 -50.44 -34.12 11.62
CA GLU D 28 -51.64 -33.58 12.24
C GLU D 28 -52.50 -32.75 11.27
N ASP D 29 -51.83 -31.96 10.43
CA ASP D 29 -52.51 -31.11 9.46
C ASP D 29 -52.81 -31.81 8.14
N GLY D 30 -53.04 -33.12 8.19
CA GLY D 30 -53.32 -33.87 6.99
C GLY D 30 -52.09 -34.55 6.42
N VAL D 31 -52.21 -35.04 5.19
CA VAL D 31 -51.13 -35.74 4.52
C VAL D 31 -50.21 -34.77 3.76
N ASN D 32 -48.91 -34.89 4.02
CA ASN D 32 -47.93 -34.02 3.36
C ASN D 32 -47.26 -34.70 2.17
N MET D 33 -47.17 -34.00 1.05
CA MET D 33 -46.53 -34.53 -0.13
C MET D 33 -45.33 -33.69 -0.56
N CYS D 34 -44.12 -34.18 -0.31
CA CYS D 34 -42.94 -33.43 -0.72
C CYS D 34 -42.49 -33.99 -2.02
N THR D 35 -41.88 -33.15 -2.84
CA THR D 35 -41.41 -33.56 -4.15
C THR D 35 -39.91 -33.37 -4.20
N LEU D 36 -39.19 -34.45 -4.47
CA LEU D 36 -37.74 -34.40 -4.54
C LEU D 36 -37.32 -34.51 -5.99
N MET D 37 -36.58 -33.52 -6.46
CA MET D 37 -36.13 -33.43 -7.83
C MET D 37 -34.60 -33.37 -7.90
N ALA D 38 -33.93 -33.56 -6.78
CA ALA D 38 -32.46 -33.50 -6.74
C ALA D 38 -31.78 -34.44 -7.73
N MET D 39 -31.10 -33.87 -8.71
CA MET D 39 -30.40 -34.65 -9.71
C MET D 39 -29.24 -35.44 -9.11
N ASP D 40 -28.57 -34.84 -8.12
CA ASP D 40 -27.41 -35.45 -7.46
C ASP D 40 -27.75 -36.44 -6.34
N LEU D 41 -29.03 -36.78 -6.17
CA LEU D 41 -29.45 -37.73 -5.15
C LEU D 41 -28.77 -39.08 -5.40
N GLY D 42 -27.97 -39.54 -4.45
CA GLY D 42 -27.29 -40.81 -4.62
C GLY D 42 -27.49 -41.80 -3.49
N GLU D 43 -26.40 -42.43 -3.06
CA GLU D 43 -26.44 -43.41 -1.99
C GLU D 43 -26.19 -42.73 -0.64
N LEU D 44 -26.89 -43.16 0.39
CA LEU D 44 -26.70 -42.57 1.71
C LEU D 44 -25.31 -42.92 2.22
N CYS D 45 -24.50 -41.91 2.49
CA CYS D 45 -23.15 -42.15 2.99
C CYS D 45 -22.68 -41.02 3.90
N GLU D 46 -21.37 -40.83 3.97
CA GLU D 46 -20.79 -39.79 4.81
C GLU D 46 -20.99 -38.42 4.18
N ASP D 47 -20.97 -38.38 2.86
CA ASP D 47 -21.16 -37.14 2.16
C ASP D 47 -22.65 -36.87 2.02
N THR D 48 -23.22 -36.27 3.06
CA THR D 48 -24.64 -35.94 3.07
C THR D 48 -24.90 -34.49 2.70
N ILE D 49 -25.89 -34.12 2.31
CA ILE D 49 -26.28 -32.72 2.36
C ILE D 49 -27.70 -32.57 2.93
N THR D 50 -27.97 -31.62 3.57
CA THR D 50 -29.19 -31.37 4.33
C THR D 50 -29.68 -29.95 4.13
N TYR D 51 -30.94 -29.82 3.75
CA TYR D 51 -31.53 -28.51 3.53
C TYR D 51 -33.05 -28.56 3.55
N LYS D 52 -33.68 -27.41 3.43
CA LYS D 52 -35.13 -27.34 3.54
C LYS D 52 -35.96 -27.28 2.26
N CYS D 53 -37.07 -27.99 2.31
CA CYS D 53 -38.03 -28.08 1.22
C CYS D 53 -39.19 -27.19 1.64
N PRO D 54 -39.27 -25.97 1.06
CA PRO D 54 -40.32 -25.02 1.39
C PRO D 54 -41.75 -25.43 1.05
N LEU D 55 -42.69 -24.78 1.72
CA LEU D 55 -44.09 -25.01 1.48
C LEU D 55 -44.40 -24.15 0.27
N LEU D 56 -45.13 -24.72 -0.67
CA LEU D 56 -45.48 -24.01 -1.88
C LEU D 56 -46.94 -24.20 -2.21
N ARG D 57 -47.71 -23.13 -2.05
CA ARG D 57 -49.13 -23.12 -2.33
C ARG D 57 -49.36 -22.35 -3.63
N GLN D 58 -49.96 -23.02 -4.61
CA GLN D 58 -50.26 -22.42 -5.91
C GLN D 58 -49.22 -21.40 -6.40
N ASN D 59 -47.96 -21.82 -6.42
CA ASN D 59 -46.85 -21.01 -6.89
C ASN D 59 -45.96 -21.99 -7.62
N GLU D 60 -45.39 -21.58 -8.74
CA GLU D 60 -44.51 -22.47 -9.48
C GLU D 60 -43.15 -22.46 -8.77
N PRO D 61 -42.43 -23.60 -8.75
CA PRO D 61 -41.13 -23.63 -8.08
C PRO D 61 -40.07 -22.93 -8.89
N GLU D 62 -39.15 -22.27 -8.22
CA GLU D 62 -38.07 -21.56 -8.89
C GLU D 62 -36.78 -21.68 -8.09
N ASP D 63 -35.71 -22.06 -8.77
CA ASP D 63 -34.39 -22.21 -8.14
C ASP D 63 -34.37 -23.18 -6.95
N ILE D 64 -35.12 -24.28 -7.05
CA ILE D 64 -35.17 -25.31 -6.01
C ILE D 64 -35.48 -26.69 -6.59
N ASP D 65 -35.09 -27.74 -5.87
CA ASP D 65 -35.34 -29.09 -6.33
C ASP D 65 -36.07 -29.92 -5.29
N CYS D 66 -36.59 -29.25 -4.27
CA CYS D 66 -37.35 -29.90 -3.22
C CYS D 66 -38.39 -28.95 -2.67
N TRP D 67 -39.59 -29.47 -2.45
CA TRP D 67 -40.68 -28.66 -1.90
C TRP D 67 -41.82 -29.56 -1.49
N CYS D 68 -42.57 -29.12 -0.49
CA CYS D 68 -43.71 -29.87 0.02
C CYS D 68 -44.93 -28.97 -0.18
N ASN D 69 -46.13 -29.53 -0.08
CA ASN D 69 -47.32 -28.73 -0.30
C ASN D 69 -48.23 -28.58 0.91
N SER D 70 -47.75 -28.92 2.10
CA SER D 70 -48.62 -28.79 3.26
C SER D 70 -47.86 -28.36 4.49
N THR D 71 -46.61 -28.78 4.57
CA THR D 71 -45.79 -28.41 5.70
C THR D 71 -44.30 -28.50 5.35
N SER D 72 -43.62 -27.36 5.46
CA SER D 72 -42.19 -27.27 5.18
C SER D 72 -41.46 -28.44 5.84
N THR D 73 -40.56 -29.09 5.10
CA THR D 73 -39.83 -30.24 5.61
C THR D 73 -38.34 -30.18 5.30
N TRP D 74 -37.51 -30.70 6.21
CA TRP D 74 -36.08 -30.73 5.98
C TRP D 74 -35.83 -32.03 5.24
N VAL D 75 -34.78 -32.08 4.42
CA VAL D 75 -34.43 -33.31 3.71
C VAL D 75 -32.93 -33.53 3.76
N THR D 76 -32.55 -34.80 3.81
CA THR D 76 -31.15 -35.20 3.83
C THR D 76 -30.92 -36.45 2.97
N TYR D 77 -29.86 -36.41 2.17
CA TYR D 77 -29.53 -37.55 1.33
C TYR D 77 -28.04 -37.56 1.01
N GLY D 78 -27.51 -38.72 0.67
CA GLY D 78 -26.10 -38.79 0.33
C GLY D 78 -25.90 -38.58 -1.16
N THR D 79 -24.67 -38.31 -1.57
CA THR D 79 -24.36 -38.09 -2.99
C THR D 79 -23.51 -39.20 -3.60
N CYS D 80 -23.06 -40.13 -2.77
CA CYS D 80 -22.24 -41.27 -3.21
C CYS D 80 -22.94 -42.07 -4.30
N THR D 81 -22.17 -42.91 -5.01
CA THR D 81 -22.77 -43.75 -6.04
C THR D 81 -22.16 -45.13 -6.05
N TYR E 5 -3.03 25.38 56.20
CA TYR E 5 -3.67 25.81 57.47
C TYR E 5 -3.61 27.30 57.77
N PHE E 6 -2.80 28.06 57.03
CA PHE E 6 -2.73 29.50 57.27
C PHE E 6 -2.97 30.32 56.00
N GLN E 7 -3.42 31.55 56.15
CA GLN E 7 -3.74 32.43 55.04
C GLN E 7 -2.54 32.96 54.26
N GLY E 8 -2.39 32.50 53.02
CA GLY E 8 -1.27 32.94 52.21
C GLY E 8 -0.32 31.78 51.98
N MET E 9 -0.67 30.63 52.52
CA MET E 9 0.15 29.44 52.41
C MET E 9 0.10 28.85 51.00
N ARG E 10 -1.06 28.88 50.38
CA ARG E 10 -1.20 28.31 49.05
C ARG E 10 -0.13 28.83 48.11
N CYS E 11 0.06 30.14 48.08
CA CYS E 11 1.04 30.74 47.19
C CYS E 11 2.47 30.42 47.59
N ILE E 12 2.71 30.28 48.89
CA ILE E 12 4.06 29.97 49.35
C ILE E 12 4.44 28.55 48.91
N GLY E 13 3.45 27.68 48.86
CA GLY E 13 3.71 26.30 48.47
C GLY E 13 3.80 26.10 46.98
N MET E 14 3.59 27.16 46.22
CA MET E 14 3.68 27.04 44.78
C MET E 14 5.09 27.29 44.27
N SER E 15 5.50 26.52 43.26
CA SER E 15 6.83 26.68 42.69
C SER E 15 6.86 27.90 41.78
N ASN E 16 5.77 28.13 41.07
CA ASN E 16 5.69 29.30 40.19
C ASN E 16 5.07 30.47 40.94
N ARG E 17 5.92 31.32 41.47
CA ARG E 17 5.49 32.48 42.24
C ARG E 17 6.30 33.72 41.87
N ASP E 18 5.61 34.77 41.41
CA ASP E 18 6.26 36.03 41.06
C ASP E 18 6.11 37.07 42.18
N PHE E 19 7.13 37.87 42.40
CA PHE E 19 7.08 38.92 43.39
C PHE E 19 7.09 40.23 42.63
N VAL E 20 6.02 41.01 42.77
CA VAL E 20 5.92 42.27 42.08
C VAL E 20 5.77 43.42 43.06
N GLU E 21 6.33 44.58 42.72
CA GLU E 21 6.24 45.75 43.58
C GLU E 21 6.19 47.03 42.73
N GLY E 22 5.39 48.00 43.16
CA GLY E 22 5.30 49.23 42.39
C GLY E 22 6.44 50.20 42.63
N VAL E 23 7.05 50.69 41.56
CA VAL E 23 8.18 51.63 41.68
C VAL E 23 7.70 53.06 41.92
N SER E 24 6.39 53.24 42.06
CA SER E 24 5.82 54.56 42.29
C SER E 24 4.84 54.49 43.45
N GLY E 25 3.98 55.50 43.57
CA GLY E 25 3.00 55.52 44.63
C GLY E 25 1.66 55.91 44.04
N GLY E 26 0.64 55.09 44.26
CA GLY E 26 -0.66 55.38 43.69
C GLY E 26 -0.69 54.97 42.23
N SER E 27 0.45 54.48 41.75
CA SER E 27 0.58 54.07 40.36
C SER E 27 -0.02 52.69 40.13
N TRP E 28 -0.09 52.29 38.87
CA TRP E 28 -0.59 50.96 38.51
C TRP E 28 0.59 50.02 38.49
N VAL E 29 0.35 48.77 38.88
CA VAL E 29 1.39 47.75 38.86
C VAL E 29 0.90 46.66 37.94
N ASP E 30 1.77 46.20 37.04
CA ASP E 30 1.36 45.13 36.12
C ASP E 30 1.77 43.75 36.65
N ILE E 31 0.94 42.76 36.38
CA ILE E 31 1.21 41.40 36.78
C ILE E 31 0.65 40.48 35.70
N VAL E 32 1.22 39.28 35.62
CA VAL E 32 0.79 38.30 34.65
C VAL E 32 0.25 37.10 35.41
N LEU E 33 -1.01 36.73 35.13
CA LEU E 33 -1.63 35.60 35.80
C LEU E 33 -1.71 34.37 34.91
N GLU E 34 -1.33 33.23 35.46
CA GLU E 34 -1.31 31.94 34.75
C GLU E 34 -1.91 30.86 35.66
N HIS E 35 -2.47 29.81 35.05
CA HIS E 35 -3.04 28.70 35.81
C HIS E 35 -1.89 27.95 36.46
N GLY E 36 -2.02 27.66 37.75
CA GLY E 36 -0.98 26.95 38.46
C GLY E 36 0.12 27.82 39.05
N SER E 37 0.01 29.12 38.87
CA SER E 37 1.00 30.04 39.40
C SER E 37 0.31 31.08 40.25
N CYS E 38 1.09 31.87 40.97
CA CYS E 38 0.51 32.93 41.76
C CYS E 38 1.47 34.10 41.76
N VAL E 39 0.94 35.28 42.06
CA VAL E 39 1.74 36.47 42.09
C VAL E 39 1.52 37.16 43.43
N THR E 40 2.63 37.54 44.08
CA THR E 40 2.58 38.23 45.35
C THR E 40 2.97 39.68 45.14
N THR E 41 2.10 40.61 45.53
CA THR E 41 2.40 42.03 45.37
C THR E 41 2.68 42.68 46.71
N MET E 42 3.60 43.65 46.69
CA MET E 42 3.97 44.35 47.90
C MET E 42 4.12 45.84 47.62
N ALA E 43 3.91 46.64 48.66
CA ALA E 43 4.04 48.08 48.55
C ALA E 43 4.19 48.64 49.94
N LYS E 44 4.89 49.77 50.04
CA LYS E 44 5.15 50.46 51.29
C LYS E 44 3.82 50.78 51.99
N ASN E 45 3.70 50.36 53.25
CA ASN E 45 2.50 50.62 54.04
C ASN E 45 1.21 50.08 53.47
N LYS E 46 1.32 48.98 52.72
CA LYS E 46 0.17 48.35 52.11
C LYS E 46 0.28 46.86 52.40
N PRO E 47 -0.85 46.16 52.53
CA PRO E 47 -0.69 44.73 52.80
C PRO E 47 -0.19 44.02 51.56
N THR E 48 0.43 42.87 51.77
CA THR E 48 0.95 42.08 50.70
C THR E 48 -0.23 41.21 50.28
N LEU E 49 -0.43 41.09 48.98
CA LEU E 49 -1.53 40.29 48.43
C LEU E 49 -1.09 39.15 47.53
N ASP E 50 -1.90 38.11 47.46
CA ASP E 50 -1.63 36.97 46.59
C ASP E 50 -2.73 36.90 45.53
N PHE E 51 -2.33 36.71 44.28
CA PHE E 51 -3.24 36.62 43.16
C PHE E 51 -3.10 35.28 42.42
N GLU E 52 -4.23 34.64 42.12
CA GLU E 52 -4.22 33.40 41.40
C GLU E 52 -5.41 33.29 40.44
N LEU E 53 -5.15 32.86 39.22
CA LEU E 53 -6.20 32.67 38.25
C LEU E 53 -6.56 31.19 38.38
N ILE E 54 -7.72 30.87 38.96
CA ILE E 54 -8.10 29.47 39.15
C ILE E 54 -9.03 28.86 38.11
N LYS E 55 -9.92 29.66 37.52
CA LYS E 55 -10.81 29.10 36.51
C LYS E 55 -10.99 29.98 35.28
N THR E 56 -11.14 29.32 34.13
CA THR E 56 -11.36 29.99 32.86
C THR E 56 -12.39 29.16 32.09
N GLU E 57 -13.63 29.62 32.07
CA GLU E 57 -14.68 28.87 31.38
C GLU E 57 -15.59 29.71 30.50
N ALA E 58 -16.08 29.07 29.44
CA ALA E 58 -17.00 29.72 28.53
C ALA E 58 -18.40 29.43 29.05
N LYS E 59 -19.22 30.48 29.15
CA LYS E 59 -20.58 30.31 29.63
C LYS E 59 -21.56 30.46 28.46
N GLN E 60 -22.41 29.47 28.32
CA GLN E 60 -23.42 29.42 27.27
C GLN E 60 -22.96 29.89 25.89
N PRO E 61 -21.96 29.21 25.30
CA PRO E 61 -21.45 29.59 23.98
C PRO E 61 -22.43 29.15 22.89
N ALA E 62 -22.49 29.92 21.82
CA ALA E 62 -23.40 29.63 20.72
C ALA E 62 -23.29 28.21 20.14
N THR E 63 -24.44 27.54 20.05
CA THR E 63 -24.49 26.19 19.49
C THR E 63 -24.56 26.28 17.98
N LEU E 64 -23.57 25.70 17.31
CA LEU E 64 -23.49 25.74 15.86
C LEU E 64 -24.38 24.70 15.17
N ARG E 65 -24.19 23.43 15.51
CA ARG E 65 -24.96 22.39 14.85
C ARG E 65 -25.09 21.15 15.71
N LYS E 66 -26.29 20.57 15.72
CA LYS E 66 -26.55 19.35 16.47
C LYS E 66 -26.51 18.17 15.50
N TYR E 67 -25.65 17.19 15.79
CA TYR E 67 -25.54 16.01 14.94
C TYR E 67 -26.15 14.81 15.62
N CYS E 68 -26.99 14.08 14.88
CA CYS E 68 -27.60 12.89 15.41
C CYS E 68 -26.57 11.76 15.19
N ILE E 69 -26.33 10.93 16.21
CA ILE E 69 -25.37 9.84 16.07
C ILE E 69 -25.99 8.46 16.27
N GLU E 70 -27.28 8.44 16.55
CA GLU E 70 -28.00 7.20 16.75
C GLU E 70 -29.49 7.45 16.59
N ALA E 71 -30.14 6.64 15.78
CA ALA E 71 -31.56 6.83 15.54
C ALA E 71 -32.34 5.55 15.39
N LYS E 72 -33.65 5.70 15.35
CA LYS E 72 -34.56 4.58 15.18
C LYS E 72 -35.53 4.95 14.07
N LEU E 73 -36.18 3.94 13.50
CA LEU E 73 -37.15 4.15 12.43
C LEU E 73 -38.47 3.52 12.84
N THR E 74 -39.56 4.16 12.48
CA THR E 74 -40.89 3.63 12.77
C THR E 74 -41.80 3.95 11.58
N ASN E 75 -43.00 3.39 11.59
CA ASN E 75 -43.98 3.58 10.52
C ASN E 75 -43.38 3.73 9.12
N THR E 76 -42.80 2.65 8.63
CA THR E 76 -42.23 2.64 7.30
C THR E 76 -43.41 2.38 6.36
N THR E 77 -43.56 3.25 5.35
CA THR E 77 -44.67 3.10 4.41
C THR E 77 -44.24 3.14 2.95
N THR E 78 -44.83 2.26 2.14
CA THR E 78 -44.46 2.21 0.73
C THR E 78 -45.64 2.41 -0.21
N GLU E 79 -45.38 3.10 -1.31
CA GLU E 79 -46.38 3.38 -2.33
C GLU E 79 -45.70 3.23 -3.69
N SER E 80 -46.39 2.64 -4.66
CA SER E 80 -45.80 2.49 -5.98
C SER E 80 -46.84 2.49 -7.10
N ARG E 81 -46.44 2.98 -8.27
CA ARG E 81 -47.37 3.00 -9.42
C ARG E 81 -46.86 2.18 -10.58
N CYS E 82 -47.77 1.82 -11.48
CA CYS E 82 -47.46 1.01 -12.64
C CYS E 82 -46.68 1.78 -13.70
N PRO E 83 -46.07 1.06 -14.65
CA PRO E 83 -45.33 1.78 -15.69
C PRO E 83 -46.35 2.67 -16.40
N THR E 84 -45.94 3.90 -16.75
CA THR E 84 -46.84 4.81 -17.46
C THR E 84 -47.65 5.78 -16.62
N GLN E 85 -47.80 5.54 -15.33
CA GLN E 85 -48.62 6.41 -14.51
C GLN E 85 -47.93 7.40 -13.58
N GLY E 86 -46.77 7.90 -14.00
CA GLY E 86 -46.04 8.88 -13.20
C GLY E 86 -45.49 8.46 -11.86
N GLU E 87 -44.89 9.43 -11.17
CA GLU E 87 -44.27 9.25 -9.85
C GLU E 87 -45.28 9.22 -8.71
N PRO E 88 -45.28 8.15 -7.91
CA PRO E 88 -46.21 8.06 -6.78
C PRO E 88 -45.79 9.02 -5.69
N SER E 89 -46.65 9.23 -4.71
CA SER E 89 -46.33 10.13 -3.64
C SER E 89 -47.04 9.76 -2.36
N LEU E 90 -46.47 10.23 -1.25
CA LEU E 90 -47.04 9.99 0.07
C LEU E 90 -47.02 11.34 0.75
N ASN E 91 -48.11 11.69 1.43
CA ASN E 91 -48.18 12.99 2.10
C ASN E 91 -47.12 13.14 3.19
N GLU E 92 -46.74 12.04 3.83
CA GLU E 92 -45.72 12.11 4.87
C GLU E 92 -44.38 12.52 4.25
N GLU E 93 -44.36 12.61 2.93
CA GLU E 93 -43.16 13.02 2.21
C GLU E 93 -43.01 14.53 2.40
N GLN E 94 -44.01 15.12 3.07
CA GLN E 94 -44.05 16.56 3.36
C GLN E 94 -43.83 16.80 4.87
N ASP E 95 -43.76 15.71 5.62
CA ASP E 95 -43.55 15.76 7.06
C ASP E 95 -42.05 15.66 7.29
N LYS E 96 -41.46 16.74 7.80
CA LYS E 96 -40.02 16.81 8.03
C LYS E 96 -39.42 15.76 8.98
N ARG E 97 -40.25 14.97 9.65
CA ARG E 97 -39.74 13.95 10.56
C ARG E 97 -39.46 12.63 9.82
N PHE E 98 -39.81 12.55 8.54
CA PHE E 98 -39.60 11.33 7.77
C PHE E 98 -38.43 11.39 6.80
N VAL E 99 -37.89 10.21 6.50
CA VAL E 99 -36.80 10.10 5.55
C VAL E 99 -37.48 9.33 4.44
N CYS E 100 -37.29 9.78 3.20
CA CYS E 100 -37.93 9.13 2.06
C CYS E 100 -36.98 8.99 0.89
N LYS E 101 -37.32 8.09 -0.02
CA LYS E 101 -36.50 7.88 -1.20
C LYS E 101 -37.42 7.54 -2.36
N HIS E 102 -37.05 7.97 -3.56
CA HIS E 102 -37.83 7.67 -4.73
C HIS E 102 -36.97 6.72 -5.54
N SER E 103 -37.61 5.70 -6.13
CA SER E 103 -36.90 4.72 -6.95
C SER E 103 -37.81 4.18 -8.04
N MET E 104 -37.29 3.23 -8.81
CA MET E 104 -38.02 2.59 -9.88
C MET E 104 -37.90 1.11 -9.60
N VAL E 105 -38.96 0.34 -9.86
CA VAL E 105 -38.92 -1.09 -9.64
C VAL E 105 -39.72 -1.77 -10.74
N ASP E 106 -39.33 -3.00 -11.10
CA ASP E 106 -40.06 -3.73 -12.13
C ASP E 106 -41.47 -3.97 -11.66
N ARG E 107 -42.42 -3.94 -12.59
CA ARG E 107 -43.82 -4.16 -12.30
C ARG E 107 -44.39 -5.07 -13.40
N GLY E 108 -45.64 -5.49 -13.28
CA GLY E 108 -46.20 -6.35 -14.31
C GLY E 108 -47.48 -7.05 -13.86
N TRP E 109 -47.93 -8.01 -14.66
CA TRP E 109 -49.17 -8.73 -14.36
C TRP E 109 -49.14 -9.42 -12.99
N GLY E 110 -47.96 -9.87 -12.60
CA GLY E 110 -47.84 -10.55 -11.31
C GLY E 110 -48.10 -9.67 -10.10
N ASN E 111 -48.08 -8.36 -10.25
CA ASN E 111 -48.32 -7.49 -9.12
C ASN E 111 -49.30 -6.37 -9.35
N GLY E 112 -50.31 -6.63 -10.18
CA GLY E 112 -51.35 -5.64 -10.41
C GLY E 112 -51.23 -4.63 -11.53
N CYS E 113 -50.26 -4.79 -12.43
CA CYS E 113 -50.12 -3.82 -13.51
C CYS E 113 -50.49 -4.40 -14.87
N GLY E 114 -50.99 -3.55 -15.76
CA GLY E 114 -51.35 -4.00 -17.09
C GLY E 114 -50.15 -4.25 -17.98
N LEU E 115 -49.13 -3.42 -17.83
CA LEU E 115 -47.90 -3.48 -18.61
C LEU E 115 -46.70 -3.94 -17.80
N PHE E 116 -45.74 -4.56 -18.47
CA PHE E 116 -44.52 -4.96 -17.79
C PHE E 116 -43.60 -3.78 -18.05
N GLY E 117 -42.83 -3.40 -17.05
CA GLY E 117 -41.92 -2.28 -17.20
C GLY E 117 -41.62 -1.67 -15.85
N LYS E 118 -40.77 -0.67 -15.84
CA LYS E 118 -40.40 -0.01 -14.59
C LYS E 118 -41.51 0.90 -14.09
N GLY E 119 -41.73 0.88 -12.78
CA GLY E 119 -42.74 1.71 -12.18
C GLY E 119 -42.14 2.56 -11.07
N GLY E 120 -42.83 3.64 -10.72
CA GLY E 120 -42.33 4.49 -9.67
C GLY E 120 -42.74 4.03 -8.28
N ILE E 121 -41.78 4.00 -7.36
CA ILE E 121 -42.05 3.58 -6.00
C ILE E 121 -41.42 4.57 -5.04
N VAL E 122 -42.05 4.75 -3.88
CA VAL E 122 -41.57 5.69 -2.87
C VAL E 122 -41.77 5.06 -1.48
N THR E 123 -40.80 5.29 -0.60
CA THR E 123 -40.86 4.73 0.73
C THR E 123 -40.45 5.75 1.79
N CYS E 124 -41.19 5.83 2.88
CA CYS E 124 -40.84 6.78 3.94
C CYS E 124 -40.90 6.09 5.28
N ALA E 125 -40.08 6.56 6.20
CA ALA E 125 -40.03 6.01 7.55
C ALA E 125 -39.82 7.19 8.48
N MET E 126 -40.49 7.18 9.62
CA MET E 126 -40.32 8.25 10.57
C MET E 126 -38.93 8.07 11.17
N PHE E 127 -38.17 9.16 11.25
CA PHE E 127 -36.82 9.15 11.77
C PHE E 127 -36.83 9.75 13.18
N ARG E 128 -36.38 8.97 14.16
CA ARG E 128 -36.35 9.42 15.55
C ARG E 128 -34.92 9.33 16.12
N CYS E 129 -34.31 10.49 16.36
CA CYS E 129 -32.96 10.53 16.89
C CYS E 129 -32.98 10.12 18.37
N LYS E 130 -32.07 9.22 18.75
CA LYS E 130 -32.02 8.74 20.13
C LYS E 130 -30.80 9.24 20.92
N LYS E 131 -29.78 9.69 20.20
CA LYS E 131 -28.56 10.19 20.83
C LYS E 131 -27.85 11.10 19.85
N ASN E 132 -27.60 12.33 20.28
CA ASN E 132 -26.93 13.31 19.43
C ASN E 132 -25.79 13.98 20.14
N MET E 133 -24.98 14.69 19.36
CA MET E 133 -23.86 15.43 19.89
C MET E 133 -23.99 16.85 19.34
N GLU E 134 -23.37 17.83 20.01
CA GLU E 134 -23.44 19.19 19.52
C GLU E 134 -22.11 19.92 19.61
N GLY E 135 -21.80 20.67 18.57
CA GLY E 135 -20.56 21.43 18.55
C GLY E 135 -20.87 22.88 18.82
N LYS E 136 -20.08 23.50 19.70
CA LYS E 136 -20.31 24.89 20.04
C LYS E 136 -19.17 25.79 19.62
N VAL E 137 -19.47 27.08 19.50
CA VAL E 137 -18.47 28.06 19.12
C VAL E 137 -18.20 28.97 20.33
N VAL E 138 -16.96 28.96 20.79
CA VAL E 138 -16.56 29.77 21.93
C VAL E 138 -16.02 31.12 21.47
N GLN E 139 -16.66 32.19 21.94
CA GLN E 139 -16.23 33.55 21.60
C GLN E 139 -15.23 34.03 22.65
N PRO E 140 -14.12 34.65 22.22
CA PRO E 140 -13.11 35.14 23.17
C PRO E 140 -13.79 35.94 24.27
N GLU E 141 -14.76 36.76 23.88
CA GLU E 141 -15.51 37.54 24.85
C GLU E 141 -16.43 36.52 25.51
N ASN E 142 -17.18 36.93 26.51
CA ASN E 142 -18.08 35.99 27.18
C ASN E 142 -17.32 34.85 27.86
N LEU E 143 -15.99 34.90 27.81
CA LEU E 143 -15.19 33.89 28.51
C LEU E 143 -15.13 34.48 29.91
N GLU E 144 -15.14 33.64 30.93
CA GLU E 144 -15.14 34.18 32.29
C GLU E 144 -14.00 33.65 33.13
N TYR E 145 -13.10 34.54 33.54
CA TYR E 145 -11.95 34.17 34.36
C TYR E 145 -12.22 34.38 35.84
N THR E 146 -11.85 33.40 36.66
CA THR E 146 -12.04 33.51 38.11
C THR E 146 -10.68 33.76 38.74
N ILE E 147 -10.61 34.82 39.53
CA ILE E 147 -9.35 35.19 40.19
C ILE E 147 -9.55 35.34 41.68
N VAL E 148 -8.64 34.74 42.44
CA VAL E 148 -8.72 34.83 43.89
C VAL E 148 -7.63 35.77 44.39
N ILE E 149 -8.03 36.71 45.23
CA ILE E 149 -7.12 37.69 45.78
C ILE E 149 -7.09 37.41 47.27
N THR E 150 -5.97 36.86 47.73
CA THR E 150 -5.82 36.48 49.13
C THR E 150 -4.84 37.39 49.89
N PRO E 151 -5.25 37.90 51.05
CA PRO E 151 -4.38 38.77 51.86
C PRO E 151 -3.26 37.90 52.46
N HIS E 152 -2.01 38.33 52.30
CA HIS E 152 -0.86 37.60 52.82
C HIS E 152 -0.64 38.06 54.25
N SER E 153 -1.37 37.42 55.16
CA SER E 153 -1.35 37.78 56.57
C SER E 153 -0.70 36.73 57.45
N GLY E 154 -0.88 35.47 57.06
CA GLY E 154 -0.33 34.37 57.84
C GLY E 154 -1.33 33.84 58.86
N GLU E 155 -2.49 34.49 59.00
CA GLU E 155 -3.52 34.06 59.94
C GLU E 155 -3.86 32.58 59.75
N GLU E 156 -4.43 31.93 60.75
CA GLU E 156 -4.72 30.51 60.59
C GLU E 156 -6.12 30.03 60.39
N HIS E 157 -6.19 28.81 59.85
CA HIS E 157 -7.43 28.04 59.63
C HIS E 157 -7.33 26.54 59.82
N ALA E 158 -6.79 25.71 58.89
CA ALA E 158 -6.74 24.20 59.10
C ALA E 158 -7.49 23.40 57.99
N GLY E 164 -13.63 30.30 55.96
CA GLY E 164 -13.76 31.34 56.97
C GLY E 164 -12.74 32.45 56.79
N LYS E 165 -11.73 32.19 55.99
CA LYS E 165 -10.70 33.19 55.69
C LYS E 165 -10.32 33.17 54.22
N HIS E 166 -11.26 32.78 53.37
CA HIS E 166 -11.04 32.78 51.93
C HIS E 166 -10.57 34.14 51.44
N GLY E 167 -9.68 34.14 50.46
CA GLY E 167 -9.46 35.31 49.62
C GLY E 167 -10.68 35.65 48.79
N LYS E 168 -10.84 36.94 48.50
CA LYS E 168 -11.95 37.41 47.69
C LYS E 168 -11.89 36.75 46.32
N GLU E 169 -13.03 36.25 45.88
CA GLU E 169 -13.10 35.61 44.57
C GLU E 169 -13.84 36.61 43.69
N ILE E 170 -13.33 36.84 42.49
CA ILE E 170 -13.98 37.75 41.56
C ILE E 170 -13.97 37.15 40.15
N LYS E 171 -15.08 37.32 39.43
CA LYS E 171 -15.20 36.79 38.07
C LYS E 171 -15.30 37.94 37.11
N ILE E 172 -14.52 37.91 36.05
CA ILE E 172 -14.55 38.98 35.09
C ILE E 172 -14.60 38.48 33.66
N THR E 173 -14.91 39.39 32.74
CA THR E 173 -15.02 39.08 31.32
C THR E 173 -14.22 40.12 30.54
N PRO E 174 -13.67 39.75 29.37
CA PRO E 174 -12.92 40.78 28.64
C PRO E 174 -13.79 41.99 28.30
N GLN E 175 -15.08 41.90 28.61
CA GLN E 175 -16.00 43.01 28.33
C GLN E 175 -16.44 43.73 29.59
N SER E 176 -16.13 43.19 30.76
CA SER E 176 -16.50 43.82 32.02
C SER E 176 -15.56 44.99 32.30
N SER E 177 -16.03 45.97 33.08
CA SER E 177 -15.21 47.14 33.38
C SER E 177 -14.27 46.89 34.55
N ILE E 178 -13.46 47.90 34.86
CA ILE E 178 -12.49 47.79 35.95
C ILE E 178 -13.18 47.34 37.23
N THR E 179 -12.59 46.35 37.87
CA THR E 179 -13.12 45.77 39.09
C THR E 179 -12.60 46.41 40.36
N GLU E 180 -13.49 46.59 41.33
CA GLU E 180 -13.14 47.14 42.63
C GLU E 180 -13.46 46.03 43.64
N ALA E 181 -12.46 45.27 44.02
CA ALA E 181 -12.66 44.17 44.96
C ALA E 181 -12.41 44.54 46.40
N GLU E 182 -13.37 44.19 47.25
CA GLU E 182 -13.26 44.50 48.66
C GLU E 182 -12.60 43.34 49.39
N LEU E 183 -11.63 43.69 50.23
CA LEU E 183 -10.92 42.71 51.06
C LEU E 183 -11.24 43.07 52.49
N THR E 184 -12.14 42.29 53.11
CA THR E 184 -12.55 42.52 54.48
C THR E 184 -11.38 42.84 55.38
N GLY E 185 -11.41 44.06 55.89
CA GLY E 185 -10.38 44.53 56.79
C GLY E 185 -9.31 45.42 56.18
N TYR E 186 -9.09 45.36 54.88
CA TYR E 186 -8.01 46.14 54.29
C TYR E 186 -8.44 47.22 53.30
N GLY E 187 -9.69 47.18 52.87
CA GLY E 187 -10.18 48.16 51.91
C GLY E 187 -10.51 47.47 50.59
N THR E 188 -10.24 48.13 49.48
CA THR E 188 -10.53 47.52 48.19
C THR E 188 -9.29 47.61 47.32
N VAL E 189 -9.23 46.75 46.32
CA VAL E 189 -8.11 46.76 45.40
C VAL E 189 -8.78 46.90 44.06
N THR E 190 -8.21 47.72 43.18
CA THR E 190 -8.82 47.92 41.87
C THR E 190 -7.94 47.32 40.81
N MET E 191 -8.55 46.55 39.90
CA MET E 191 -7.79 45.91 38.84
C MET E 191 -8.57 45.70 37.55
N GLU E 192 -7.85 45.64 36.45
CA GLU E 192 -8.44 45.41 35.13
C GLU E 192 -7.60 44.38 34.40
N CYS E 193 -8.24 43.48 33.66
CA CYS E 193 -7.50 42.46 32.96
C CYS E 193 -7.79 42.35 31.48
N SER E 194 -6.86 41.75 30.76
CA SER E 194 -7.00 41.54 29.33
C SER E 194 -6.60 40.10 29.06
N PRO E 195 -7.41 39.39 28.26
CA PRO E 195 -7.17 37.99 27.89
C PRO E 195 -5.93 37.86 27.03
N ARG E 196 -5.05 38.85 27.10
CA ARG E 196 -3.85 38.86 26.28
C ARG E 196 -3.32 37.48 25.89
N THR E 197 -3.43 37.21 24.59
CA THR E 197 -3.01 35.97 23.96
C THR E 197 -2.62 34.85 24.91
N LEU E 199 -4.80 31.65 22.79
CA LEU E 199 -6.17 31.15 22.84
C LEU E 199 -6.89 31.49 21.52
N ASP E 200 -7.21 30.46 20.73
CA ASP E 200 -7.90 30.66 19.46
C ASP E 200 -9.32 30.09 19.46
N PHE E 201 -10.21 30.73 18.70
CA PHE E 201 -11.60 30.30 18.60
C PHE E 201 -12.24 30.83 17.33
N GLU E 203 -10.73 29.87 14.00
CA GLU E 203 -11.84 29.09 13.46
C GLU E 203 -11.82 27.65 13.94
N MET E 204 -12.29 27.44 15.17
CA MET E 204 -12.34 26.10 15.75
C MET E 204 -13.73 25.86 16.29
N VAL E 205 -13.96 24.65 16.80
CA VAL E 205 -15.26 24.28 17.34
C VAL E 205 -15.08 23.31 18.51
N LEU E 206 -16.02 23.33 19.45
CA LEU E 206 -15.96 22.42 20.58
C LEU E 206 -17.09 21.40 20.56
N LEU E 207 -16.70 20.16 20.27
CA LEU E 207 -17.60 19.02 20.16
C LEU E 207 -17.95 18.38 21.50
N GLN E 208 -19.25 18.25 21.76
CA GLN E 208 -19.70 17.63 23.00
C GLN E 208 -20.45 16.30 22.81
N MET E 209 -19.82 15.22 23.24
CA MET E 209 -20.42 13.89 23.17
C MET E 209 -20.76 13.37 24.55
N GLU E 210 -21.89 13.83 25.06
CA GLU E 210 -22.38 13.40 26.37
C GLU E 210 -21.42 13.73 27.51
N ASN E 211 -21.36 15.01 27.87
CA ASN E 211 -20.52 15.50 28.95
C ASN E 211 -19.00 15.40 28.78
N LYS E 212 -18.57 14.95 27.61
CA LYS E 212 -17.14 14.84 27.34
C LYS E 212 -16.94 15.67 26.07
N ALA E 213 -16.02 16.61 26.10
CA ALA E 213 -15.81 17.48 24.94
C ALA E 213 -14.41 17.45 24.32
N TRP E 214 -14.31 17.98 23.12
CA TRP E 214 -13.07 18.04 22.35
C TRP E 214 -13.05 19.34 21.57
N LEU E 215 -11.85 19.79 21.21
CA LEU E 215 -11.69 21.00 20.40
C LEU E 215 -11.39 20.47 19.01
N VAL E 216 -12.21 20.82 18.04
CA VAL E 216 -12.01 20.34 16.66
C VAL E 216 -12.02 21.48 15.67
N HIS E 217 -11.36 21.29 14.53
CA HIS E 217 -11.33 22.34 13.51
C HIS E 217 -12.68 22.42 12.81
N ARG E 218 -13.01 23.60 12.32
CA ARG E 218 -14.26 23.80 11.60
C ARG E 218 -14.09 23.18 10.22
N GLN E 219 -15.16 23.17 9.43
CA GLN E 219 -15.12 22.59 8.08
C GLN E 219 -14.93 21.08 8.14
N TRP E 220 -14.60 20.56 9.31
CA TRP E 220 -14.45 19.13 9.50
C TRP E 220 -15.72 18.75 10.22
N PHE E 221 -16.08 19.59 11.19
CA PHE E 221 -17.28 19.43 11.98
C PHE E 221 -18.45 19.59 11.01
N LEU E 222 -18.36 20.61 10.17
CA LEU E 222 -19.39 20.94 9.18
C LEU E 222 -19.50 19.93 8.05
N ASP E 223 -18.48 19.10 7.88
CA ASP E 223 -18.47 18.11 6.82
C ASP E 223 -18.92 16.73 7.28
N LEU E 224 -19.00 16.54 8.60
CA LEU E 224 -19.41 15.25 9.15
C LEU E 224 -20.68 14.72 8.47
N PRO E 225 -20.61 13.48 7.98
CA PRO E 225 -21.74 12.83 7.30
C PRO E 225 -22.70 12.24 8.33
N LEU E 226 -23.51 13.10 8.92
CA LEU E 226 -24.47 12.67 9.92
C LEU E 226 -25.64 13.63 9.87
N PRO E 227 -26.82 13.16 10.27
CA PRO E 227 -27.99 14.04 10.25
C PRO E 227 -27.75 15.19 11.24
N TRP E 228 -28.18 16.39 10.88
CA TRP E 228 -27.98 17.54 11.76
C TRP E 228 -29.12 18.54 11.74
N LEU E 229 -29.05 19.50 12.64
CA LEU E 229 -30.05 20.54 12.77
C LEU E 229 -29.36 21.86 13.08
N PRO E 230 -29.85 22.97 12.51
CA PRO E 230 -29.22 24.26 12.78
C PRO E 230 -29.21 24.49 14.30
N GLY E 231 -28.12 25.06 14.79
CA GLY E 231 -27.98 25.32 16.22
C GLY E 231 -29.19 25.84 16.98
N ALA E 232 -29.84 26.87 16.45
CA ALA E 232 -30.99 27.48 17.11
C ALA E 232 -32.29 26.69 17.04
N ASP E 233 -32.22 25.37 17.20
CA ASP E 233 -33.41 24.54 17.15
C ASP E 233 -33.82 24.04 18.52
N THR E 234 -35.04 23.55 18.65
CA THR E 234 -35.54 23.03 19.90
C THR E 234 -36.54 21.91 19.63
N GLN E 235 -36.95 21.79 18.38
CA GLN E 235 -37.88 20.74 17.98
C GLN E 235 -37.12 19.42 18.10
N GLY E 236 -35.95 19.38 17.47
CA GLY E 236 -35.13 18.19 17.50
C GLY E 236 -35.72 17.10 16.63
N SER E 237 -36.57 17.48 15.70
CA SER E 237 -37.24 16.52 14.83
C SER E 237 -36.89 16.60 13.35
N ASN E 238 -36.86 17.81 12.81
CA ASN E 238 -36.60 18.06 11.39
C ASN E 238 -35.18 17.89 10.83
N TRP E 239 -34.53 16.81 11.22
CA TRP E 239 -33.17 16.51 10.80
C TRP E 239 -32.85 16.65 9.31
N ILE E 240 -31.64 17.12 9.03
CA ILE E 240 -31.16 17.33 7.67
C ILE E 240 -30.20 16.21 7.28
N GLN E 241 -30.39 15.66 6.09
CA GLN E 241 -29.61 14.55 5.55
C GLN E 241 -29.64 13.30 6.43
N LYS E 242 -30.87 12.84 6.66
CA LYS E 242 -31.12 11.65 7.45
C LYS E 242 -30.60 10.41 6.74
N GLU E 243 -30.55 10.46 5.41
CA GLU E 243 -30.08 9.32 4.62
C GLU E 243 -28.69 8.88 5.05
N THR E 244 -27.96 9.73 5.75
CA THR E 244 -26.63 9.38 6.22
C THR E 244 -26.70 8.21 7.22
N LEU E 245 -27.80 8.09 7.96
CA LEU E 245 -27.97 6.99 8.91
C LEU E 245 -29.04 6.01 8.45
N VAL E 246 -29.47 6.16 7.20
CA VAL E 246 -30.51 5.28 6.69
C VAL E 246 -30.08 4.62 5.40
N THR E 247 -30.52 3.38 5.23
CA THR E 247 -30.21 2.63 4.04
C THR E 247 -31.50 2.06 3.50
N PHE E 248 -31.74 2.29 2.21
CA PHE E 248 -32.93 1.78 1.57
C PHE E 248 -32.50 0.57 0.73
N LYS E 249 -33.01 -0.61 1.07
CA LYS E 249 -32.70 -1.84 0.35
C LYS E 249 -33.32 -1.75 -1.04
N ASN E 250 -32.94 -2.67 -1.93
CA ASN E 250 -33.51 -2.67 -3.27
C ASN E 250 -35.00 -2.86 -3.09
N PRO E 251 -35.81 -2.09 -3.81
CA PRO E 251 -37.26 -2.21 -3.68
C PRO E 251 -37.88 -3.45 -4.33
N HIS E 252 -39.14 -3.69 -4.01
CA HIS E 252 -39.90 -4.78 -4.58
C HIS E 252 -41.14 -4.11 -5.13
N ALA E 253 -41.89 -4.81 -5.98
CA ALA E 253 -43.07 -4.27 -6.59
C ALA E 253 -43.95 -3.38 -5.69
N LYS E 254 -44.21 -3.82 -4.45
CA LYS E 254 -45.09 -3.04 -3.57
C LYS E 254 -44.54 -2.71 -2.20
N LYS E 255 -43.35 -3.22 -1.84
CA LYS E 255 -42.77 -2.92 -0.54
C LYS E 255 -41.27 -2.76 -0.67
N GLN E 256 -40.68 -2.11 0.31
CA GLN E 256 -39.26 -1.87 0.33
C GLN E 256 -38.84 -1.78 1.78
N ASP E 257 -37.70 -2.38 2.12
CA ASP E 257 -37.23 -2.33 3.48
C ASP E 257 -36.30 -1.17 3.70
N VAL E 258 -36.30 -0.62 4.90
CA VAL E 258 -35.43 0.48 5.23
C VAL E 258 -34.81 0.16 6.59
N VAL E 259 -33.48 0.21 6.67
CA VAL E 259 -32.79 -0.06 7.94
C VAL E 259 -31.91 1.12 8.27
N VAL E 260 -31.71 1.32 9.57
CA VAL E 260 -30.89 2.42 10.04
C VAL E 260 -29.55 1.88 10.53
N LEU E 261 -28.49 2.63 10.29
CA LEU E 261 -27.16 2.22 10.76
C LEU E 261 -27.20 2.16 12.28
N GLY E 262 -26.18 1.55 12.86
CA GLY E 262 -26.13 1.47 14.32
C GLY E 262 -25.50 2.73 14.86
N SER E 263 -25.49 2.87 16.19
CA SER E 263 -24.91 4.05 16.83
C SER E 263 -23.54 4.38 16.25
N GLN E 264 -23.21 5.66 16.23
CA GLN E 264 -21.93 6.09 15.70
C GLN E 264 -21.06 6.68 16.81
N GLU E 265 -21.54 6.60 18.04
CA GLU E 265 -20.78 7.12 19.18
C GLU E 265 -19.37 6.54 19.12
N GLY E 266 -19.29 5.23 18.89
CA GLY E 266 -18.00 4.55 18.81
C GLY E 266 -17.17 5.01 17.64
N ALA E 267 -17.75 5.02 16.45
CA ALA E 267 -17.03 5.44 15.27
C ALA E 267 -16.51 6.86 15.49
N MET E 268 -17.23 7.63 16.29
CA MET E 268 -16.84 9.00 16.58
C MET E 268 -15.66 9.02 17.56
N HIS E 269 -15.84 8.38 18.72
CA HIS E 269 -14.80 8.32 19.75
C HIS E 269 -13.45 7.97 19.15
N THR E 270 -13.33 6.75 18.63
CA THR E 270 -12.07 6.30 18.05
C THR E 270 -11.72 7.10 16.79
N ALA E 271 -12.42 8.20 16.55
CA ALA E 271 -12.16 9.06 15.39
C ALA E 271 -11.61 10.40 15.88
N LEU E 272 -11.91 10.71 17.13
CA LEU E 272 -11.47 11.96 17.76
C LEU E 272 -10.12 11.81 18.45
N THR E 273 -9.65 10.58 18.61
CA THR E 273 -8.35 10.36 19.25
C THR E 273 -7.33 11.24 18.52
N GLY E 274 -6.61 12.05 19.28
CA GLY E 274 -5.62 12.93 18.68
C GLY E 274 -5.91 14.39 18.94
N ALA E 275 -7.18 14.79 18.75
CA ALA E 275 -7.60 16.17 18.97
C ALA E 275 -7.61 16.51 20.46
N THR E 276 -7.14 17.71 20.80
CA THR E 276 -7.08 18.14 22.19
C THR E 276 -8.39 17.99 22.94
N GLU E 277 -8.37 17.19 24.00
CA GLU E 277 -9.56 16.97 24.80
C GLU E 277 -9.79 18.17 25.72
N ILE E 278 -11.05 18.57 25.87
CA ILE E 278 -11.38 19.72 26.71
C ILE E 278 -12.21 19.32 27.91
N GLN E 279 -11.74 19.68 29.09
CA GLN E 279 -12.44 19.38 30.32
C GLN E 279 -13.71 20.21 30.38
N MET E 280 -14.62 19.86 31.28
CA MET E 280 -15.86 20.61 31.42
C MET E 280 -16.68 20.14 32.62
N SER E 281 -17.64 20.95 33.02
CA SER E 281 -18.50 20.62 34.14
C SER E 281 -19.71 21.57 34.15
N SER E 282 -20.83 21.06 34.65
CA SER E 282 -22.05 21.85 34.71
C SER E 282 -22.39 22.39 33.33
N GLY E 283 -22.03 21.62 32.31
CA GLY E 283 -22.32 22.01 30.94
C GLY E 283 -21.36 23.04 30.37
N ASN E 284 -20.56 23.65 31.24
CA ASN E 284 -19.61 24.66 30.79
C ASN E 284 -18.26 24.06 30.41
N LEU E 285 -17.61 24.65 29.42
CA LEU E 285 -16.31 24.18 28.97
C LEU E 285 -15.26 24.94 29.77
N LEU E 286 -14.15 24.27 30.07
CA LEU E 286 -13.07 24.89 30.84
C LEU E 286 -11.80 24.95 30.01
N PHE E 287 -11.02 26.00 30.21
CA PHE E 287 -9.77 26.14 29.49
C PHE E 287 -8.74 26.63 30.46
N THR E 288 -7.49 26.64 30.02
CA THR E 288 -6.41 27.13 30.84
C THR E 288 -6.08 28.50 30.23
N GLY E 289 -6.66 29.54 30.83
CA GLY E 289 -6.46 30.90 30.33
C GLY E 289 -5.17 31.59 30.71
N HIS E 290 -4.94 32.75 30.08
CA HIS E 290 -3.76 33.56 30.31
C HIS E 290 -4.21 35.02 30.44
N LEU E 291 -3.87 35.66 31.55
CA LEU E 291 -4.27 37.04 31.75
C LEU E 291 -3.13 38.00 32.05
N LYS E 292 -3.35 39.26 31.68
CA LYS E 292 -2.43 40.36 31.94
C LYS E 292 -3.34 41.35 32.69
N CYS E 293 -2.93 41.78 33.87
CA CYS E 293 -3.76 42.72 34.60
C CYS E 293 -2.93 43.84 35.17
N ARG E 294 -3.62 44.89 35.55
CA ARG E 294 -3.00 46.06 36.18
C ARG E 294 -3.84 46.36 37.41
N LEU E 295 -3.18 46.60 38.53
CA LEU E 295 -3.92 46.88 39.74
C LEU E 295 -3.40 48.09 40.47
N ARG E 296 -4.27 48.73 41.24
CA ARG E 296 -3.95 49.92 42.01
C ARG E 296 -4.30 49.65 43.46
N MET E 297 -3.43 50.06 44.38
CA MET E 297 -3.62 49.82 45.81
C MET E 297 -3.90 51.06 46.65
N ASP E 298 -4.16 52.19 46.00
CA ASP E 298 -4.42 53.42 46.74
C ASP E 298 -5.58 53.32 47.72
N LYS E 299 -6.46 52.34 47.55
CA LYS E 299 -7.58 52.18 48.47
C LYS E 299 -7.41 51.04 49.49
N LEU E 300 -6.20 50.49 49.53
CA LEU E 300 -5.87 49.42 50.48
C LEU E 300 -5.12 50.02 51.65
N GLN E 301 -5.25 49.40 52.82
CA GLN E 301 -4.51 49.89 53.96
C GLN E 301 -4.29 48.72 54.89
N LEU E 302 -3.32 48.85 55.79
CA LEU E 302 -2.99 47.77 56.72
C LEU E 302 -4.07 47.53 57.75
N LYS E 303 -4.44 46.27 57.93
CA LYS E 303 -5.45 45.88 58.91
C LYS E 303 -4.81 45.77 60.28
N GLY E 304 -5.17 46.66 61.21
CA GLY E 304 -4.60 46.57 62.54
C GLY E 304 -3.72 47.72 62.98
N MET E 305 -3.49 48.70 62.12
CA MET E 305 -2.67 49.83 62.53
C MET E 305 -3.34 50.41 63.77
N SER E 306 -2.55 51.06 64.61
CA SER E 306 -3.05 51.66 65.84
C SER E 306 -3.46 50.61 66.88
N TYR E 307 -2.51 49.75 67.21
CA TYR E 307 -2.70 48.72 68.22
C TYR E 307 -1.53 48.96 69.13
N SER E 308 -1.28 48.02 70.02
CA SER E 308 -0.16 48.12 70.93
C SER E 308 0.94 47.19 70.41
N MET E 309 2.19 47.43 70.83
CA MET E 309 3.31 46.59 70.38
C MET E 309 3.42 45.47 71.41
N CYS E 310 2.96 44.27 71.06
CA CYS E 310 2.99 43.14 71.98
C CYS E 310 4.12 43.28 72.93
N THR E 311 3.82 43.18 74.23
CA THR E 311 4.89 43.24 75.21
C THR E 311 4.77 41.91 75.94
N GLY E 312 5.36 40.84 75.38
CA GLY E 312 5.25 39.55 76.03
C GLY E 312 6.12 38.43 75.48
N LYS E 313 5.59 37.21 75.39
CA LYS E 313 6.37 36.05 74.89
C LYS E 313 5.78 35.19 73.78
N PHE E 314 6.70 34.59 73.02
CA PHE E 314 6.34 33.69 71.95
C PHE E 314 7.19 32.44 71.96
N LYS E 315 6.55 31.32 71.66
CA LYS E 315 7.24 30.04 71.61
C LYS E 315 7.10 29.56 70.17
N VAL E 316 8.21 29.46 69.46
CA VAL E 316 8.17 28.99 68.10
C VAL E 316 7.40 27.66 68.10
N VAL E 317 6.20 27.69 67.53
CA VAL E 317 5.34 26.51 67.49
C VAL E 317 6.06 25.25 67.00
N LYS E 318 6.83 25.35 65.93
CA LYS E 318 7.58 24.20 65.44
C LYS E 318 8.78 24.62 64.60
N GLU E 319 9.38 23.67 63.91
CA GLU E 319 10.57 23.90 63.09
C GLU E 319 10.40 24.98 62.04
N ILE E 320 11.26 25.99 62.09
CA ILE E 320 11.24 27.08 61.12
C ILE E 320 11.33 26.43 59.75
N ALA E 321 10.56 26.93 58.79
CA ALA E 321 10.57 26.34 57.46
C ALA E 321 11.18 27.24 56.39
N GLU E 322 11.81 26.59 55.41
CA GLU E 322 12.43 27.27 54.28
C GLU E 322 11.51 27.07 53.08
N THR E 323 11.18 28.15 52.40
CA THR E 323 10.31 28.05 51.23
C THR E 323 11.14 27.89 49.97
N GLN E 324 10.46 27.75 48.85
CA GLN E 324 11.14 27.61 47.57
C GLN E 324 11.53 28.99 47.05
N HIS E 325 11.30 30.04 47.83
CA HIS E 325 11.60 31.39 47.35
C HIS E 325 12.52 32.25 48.19
N GLY E 326 13.56 31.65 48.75
CA GLY E 326 14.50 32.43 49.53
C GLY E 326 13.86 33.11 50.73
N THR E 327 12.80 32.50 51.24
CA THR E 327 12.13 33.07 52.39
C THR E 327 11.87 32.02 53.43
N ILE E 328 11.47 32.46 54.63
CA ILE E 328 11.18 31.55 55.72
C ILE E 328 9.81 31.79 56.33
N VAL E 329 9.23 30.74 56.91
CA VAL E 329 7.93 30.86 57.54
C VAL E 329 8.05 30.49 59.03
N ILE E 330 8.01 31.50 59.91
CA ILE E 330 8.13 31.25 61.33
C ILE E 330 6.78 31.24 62.07
N ARG E 331 6.42 30.11 62.65
CA ARG E 331 5.19 29.98 63.42
C ARG E 331 5.46 30.44 64.86
N VAL E 332 4.63 31.29 65.41
CA VAL E 332 4.83 31.74 66.79
C VAL E 332 3.47 31.96 67.42
N GLN E 333 3.41 31.89 68.73
CA GLN E 333 2.15 32.11 69.42
C GLN E 333 2.44 32.78 70.75
N TYR E 334 1.68 33.83 71.04
CA TYR E 334 1.86 34.56 72.28
C TYR E 334 1.71 33.57 73.42
N GLY E 336 1.09 34.20 75.87
CA GLY E 336 1.87 35.41 76.12
C GLY E 336 1.16 36.67 76.65
N ASP E 337 1.91 37.54 77.33
CA ASP E 337 1.48 38.84 77.93
C ASP E 337 0.75 39.95 77.20
N GLY E 338 -0.40 39.73 76.61
CA GLY E 338 -0.98 40.89 75.93
C GLY E 338 -2.23 40.80 75.09
N SER E 339 -2.62 41.98 74.62
CA SER E 339 -3.79 42.20 73.80
C SER E 339 -3.56 41.47 72.48
N PRO E 340 -4.57 41.47 71.62
CA PRO E 340 -4.48 40.84 70.30
C PRO E 340 -3.54 41.96 69.80
N CYS E 341 -2.25 41.69 69.60
CA CYS E 341 -1.32 42.76 69.26
C CYS E 341 -0.39 42.63 68.07
N LYS E 342 0.31 43.73 67.80
CA LYS E 342 1.31 43.81 66.73
C LYS E 342 2.47 42.95 67.20
N ILE E 343 3.26 42.53 66.70
CA ILE E 343 4.44 41.71 66.97
C ILE E 343 5.72 42.48 66.66
N PRO E 344 6.57 42.48 67.28
CA PRO E 344 7.87 43.07 66.97
C PRO E 344 8.78 42.11 66.21
N PHE E 345 8.82 42.27 64.89
CA PHE E 345 9.66 41.41 64.08
C PHE E 345 10.76 42.28 63.56
N GLU E 346 11.94 41.71 63.43
CA GLU E 346 13.04 42.48 62.90
C GLU E 346 14.22 41.56 62.66
N ILE E 347 14.75 41.61 61.44
CA ILE E 347 15.90 40.79 61.07
C ILE E 347 17.13 41.67 60.97
N MET E 348 18.08 41.47 61.88
CA MET E 348 19.29 42.27 61.87
C MET E 348 20.53 41.44 61.62
N ASP E 349 21.70 42.07 61.71
CA ASP E 349 22.95 41.37 61.52
C ASP E 349 23.33 40.68 62.84
N LEU E 350 24.45 39.96 62.83
CA LEU E 350 24.91 39.25 64.03
C LEU E 350 25.14 40.20 65.19
N GLU E 351 25.46 41.45 64.87
CA GLU E 351 25.71 42.45 65.90
C GLU E 351 24.48 43.22 66.31
N LYS E 352 23.35 42.94 65.69
CA LYS E 352 22.12 43.66 66.01
C LYS E 352 22.29 45.17 65.82
N ARG E 353 23.11 45.58 64.85
CA ARG E 353 23.33 47.02 64.61
C ARG E 353 22.41 47.60 63.53
N HIS E 354 22.36 46.95 62.37
CA HIS E 354 21.49 47.43 61.29
C HIS E 354 20.40 46.42 60.93
N VAL E 355 19.37 46.91 60.26
CA VAL E 355 18.25 46.07 59.84
C VAL E 355 18.60 45.46 58.49
N LEU E 356 18.31 44.17 58.34
CA LEU E 356 18.57 43.46 57.10
C LEU E 356 17.29 42.72 56.71
N GLY E 357 17.24 42.21 55.48
CA GLY E 357 16.06 41.50 55.05
C GLY E 357 14.77 42.31 55.17
N ARG E 358 13.63 41.63 54.98
CA ARG E 358 12.32 42.27 55.06
C ARG E 358 11.20 41.24 55.19
N LEU E 359 10.05 41.74 55.64
CA LEU E 359 8.87 40.92 55.83
C LEU E 359 8.03 40.85 54.57
N ILE E 360 7.44 39.68 54.33
CA ILE E 360 6.53 39.46 53.20
C ILE E 360 5.15 39.57 53.87
N THR E 361 5.08 39.08 55.11
CA THR E 361 3.90 39.19 55.95
C THR E 361 4.15 40.60 56.48
N VAL E 362 3.15 41.45 56.48
CA VAL E 362 3.42 42.79 56.95
C VAL E 362 2.47 43.08 58.10
N ASN E 363 2.91 43.91 59.04
CA ASN E 363 2.15 44.23 60.25
C ASN E 363 1.58 42.94 60.82
N PRO E 364 2.46 41.97 61.06
CA PRO E 364 2.08 40.68 61.61
C PRO E 364 1.44 40.93 62.96
N ILE E 365 0.34 40.24 63.22
CA ILE E 365 -0.37 40.47 64.48
C ILE E 365 -0.96 39.19 65.05
N VAL E 366 -1.23 39.22 66.36
CA VAL E 366 -1.83 38.08 67.05
C VAL E 366 -3.30 38.35 67.34
N THR E 367 -4.16 37.41 66.96
CA THR E 367 -5.59 37.55 67.19
C THR E 367 -6.04 36.87 68.47
N GLU E 368 -5.39 35.76 68.79
CA GLU E 368 -5.76 35.00 69.99
C GLU E 368 -4.57 34.47 70.78
N LYS E 369 -4.83 34.15 72.04
CA LYS E 369 -3.81 33.57 72.90
C LYS E 369 -3.81 32.13 72.41
N ASP E 370 -2.63 31.61 72.09
CA ASP E 370 -2.53 30.25 71.56
C ASP E 370 -3.23 30.17 70.21
N SER E 371 -2.68 30.91 69.25
CA SER E 371 -3.18 30.96 67.88
C SER E 371 -1.95 31.10 67.00
N PRO E 372 -1.37 29.96 66.57
CA PRO E 372 -0.17 29.97 65.72
C PRO E 372 -0.20 31.04 64.62
N VAL E 373 0.63 32.06 64.75
CA VAL E 373 0.65 33.11 63.75
C VAL E 373 1.82 32.93 62.79
N ASN E 374 1.58 32.26 61.67
CA ASN E 374 2.64 32.07 60.69
C ASN E 374 3.12 33.42 60.17
N ILE E 375 4.42 33.51 59.92
CA ILE E 375 5.02 34.74 59.41
C ILE E 375 6.05 34.41 58.35
N GLU E 376 5.88 34.94 57.14
CA GLU E 376 6.84 34.71 56.08
C GLU E 376 7.74 35.91 55.99
N ALA E 377 9.05 35.67 56.01
CA ALA E 377 10.01 36.75 55.93
C ALA E 377 11.14 36.39 55.00
N GLU E 378 11.88 37.41 54.58
CA GLU E 378 13.01 37.20 53.70
C GLU E 378 14.29 37.61 54.42
N PRO E 379 15.09 36.62 54.86
CA PRO E 379 16.35 36.91 55.56
C PRO E 379 17.42 37.27 54.54
N PRO E 380 18.38 38.14 54.90
CA PRO E 380 19.40 38.46 53.90
C PRO E 380 20.22 37.21 53.67
N PHE E 381 21.10 37.24 52.68
CA PHE E 381 21.93 36.08 52.42
C PHE E 381 23.00 36.02 53.51
N GLY E 382 23.36 34.80 53.92
CA GLY E 382 24.35 34.68 54.96
C GLY E 382 23.76 34.58 56.36
N ASP E 383 24.40 35.26 57.32
CA ASP E 383 23.97 35.25 58.72
C ASP E 383 23.12 36.43 59.14
N SER E 384 22.15 36.16 60.00
CA SER E 384 21.24 37.17 60.51
C SER E 384 20.51 36.71 61.77
N TYR E 385 20.08 37.67 62.59
CA TYR E 385 19.36 37.37 63.81
C TYR E 385 17.87 37.66 63.61
N ILE E 386 17.03 36.69 63.92
CA ILE E 386 15.61 36.92 63.78
C ILE E 386 15.10 37.28 65.17
N ILE E 387 14.87 38.58 65.38
CA ILE E 387 14.41 39.10 66.65
C ILE E 387 12.90 39.27 66.78
N ILE E 388 12.25 38.27 67.39
CA ILE E 388 10.82 38.29 67.62
C ILE E 388 10.49 38.66 69.05
N GLY E 389 9.72 39.73 69.24
CA GLY E 389 9.30 40.10 70.59
C GLY E 389 10.02 41.24 71.29
N VAL E 390 9.80 41.33 72.60
CA VAL E 390 10.40 42.38 73.40
C VAL E 390 11.19 41.94 74.62
N GLU E 391 11.67 42.92 75.40
CA GLU E 391 12.53 42.72 76.57
C GLU E 391 12.44 41.79 77.80
N PRO E 392 11.67 40.71 77.71
CA PRO E 392 11.66 39.80 78.86
C PRO E 392 12.58 38.82 78.12
N GLY E 393 12.02 38.27 77.04
CA GLY E 393 12.78 37.36 76.19
C GLY E 393 12.74 37.68 74.70
N GLN E 394 13.33 38.81 74.27
CA GLN E 394 13.38 39.14 72.83
C GLN E 394 14.01 37.87 72.25
N LEU E 395 13.31 37.21 71.33
CA LEU E 395 13.75 35.94 70.74
C LEU E 395 14.84 35.92 69.67
N LYS E 396 16.11 35.90 70.06
CA LYS E 396 17.17 35.88 69.08
C LYS E 396 17.34 34.50 68.44
N LEU E 397 16.92 34.37 67.18
CA LEU E 397 17.05 33.11 66.46
C LEU E 397 18.10 33.30 65.37
N ASN E 398 19.16 32.50 65.38
CA ASN E 398 20.19 32.64 64.36
C ASN E 398 19.70 32.01 63.06
N TRP E 399 20.10 32.59 61.94
CA TRP E 399 19.70 32.04 60.66
C TRP E 399 20.77 32.24 59.60
N PHE E 400 20.95 31.19 58.79
CA PHE E 400 21.92 31.23 57.70
C PHE E 400 21.21 30.89 56.40
N LYS E 401 21.26 31.82 55.46
CA LYS E 401 20.62 31.61 54.17
C LYS E 401 21.67 31.31 53.10
N LYS E 402 21.60 30.09 52.57
CA LYS E 402 22.53 29.63 51.54
C LYS E 402 21.84 29.63 50.18
N PHE F 1 -57.86 -9.26 12.88
CA PHE F 1 -57.28 -7.95 12.46
C PHE F 1 -58.29 -6.81 12.55
N HIS F 2 -57.79 -5.60 12.77
CA HIS F 2 -58.63 -4.42 12.85
C HIS F 2 -58.83 -3.83 11.45
N LEU F 3 -60.08 -3.72 11.03
CA LEU F 3 -60.37 -3.15 9.72
C LEU F 3 -60.67 -1.66 9.84
N THR F 4 -59.88 -0.84 9.16
CA THR F 4 -60.00 0.61 9.16
C THR F 4 -59.85 1.07 7.69
N THR F 5 -59.52 2.34 7.47
CA THR F 5 -59.34 2.82 6.09
C THR F 5 -58.15 3.76 5.94
N ARG F 6 -57.69 3.93 4.69
CA ARG F 6 -56.59 4.83 4.39
C ARG F 6 -56.94 5.51 3.07
N ASN F 7 -57.53 6.69 3.17
CA ASN F 7 -57.93 7.43 1.99
C ASN F 7 -59.02 6.69 1.21
N GLY F 8 -60.10 6.34 1.91
CA GLY F 8 -61.21 5.66 1.26
C GLY F 8 -60.98 4.20 1.01
N GLU F 9 -59.73 3.76 1.06
CA GLU F 9 -59.43 2.36 0.82
C GLU F 9 -59.32 1.54 2.11
N PRO F 10 -59.73 0.27 2.05
CA PRO F 10 -59.66 -0.57 3.25
C PRO F 10 -58.22 -0.80 3.71
N HIS F 11 -58.00 -0.80 5.03
CA HIS F 11 -56.68 -0.98 5.62
C HIS F 11 -56.73 -2.08 6.71
N MET F 12 -55.82 -3.04 6.63
CA MET F 12 -55.79 -4.13 7.61
C MET F 12 -54.64 -4.07 8.60
N ILE F 13 -54.97 -3.95 9.89
CA ILE F 13 -53.95 -3.94 10.93
C ILE F 13 -53.92 -5.40 11.34
N VAL F 14 -52.91 -6.13 10.88
CA VAL F 14 -52.78 -7.57 11.15
C VAL F 14 -51.89 -7.89 12.35
N SER F 15 -52.41 -8.68 13.26
CA SER F 15 -51.65 -9.05 14.45
C SER F 15 -50.95 -10.38 14.22
N ARG F 16 -50.10 -10.75 15.17
CA ARG F 16 -49.30 -11.97 15.10
C ARG F 16 -50.07 -13.28 14.97
N GLN F 17 -51.18 -13.40 15.67
CA GLN F 17 -51.94 -14.65 15.65
C GLN F 17 -52.68 -14.91 14.35
N GLU F 18 -52.51 -14.06 13.36
CA GLU F 18 -53.21 -14.27 12.10
C GLU F 18 -52.29 -14.78 10.99
N LYS F 19 -51.02 -14.90 11.31
CA LYS F 19 -50.03 -15.39 10.35
C LYS F 19 -50.50 -16.75 9.82
N GLY F 20 -50.56 -16.89 8.50
CA GLY F 20 -50.94 -18.16 7.94
C GLY F 20 -52.43 -18.39 7.72
N LYS F 21 -53.25 -17.39 7.97
CA LYS F 21 -54.67 -17.59 7.73
C LYS F 21 -55.28 -16.56 6.80
N SER F 22 -56.18 -17.05 5.95
CA SER F 22 -56.89 -16.26 4.96
C SER F 22 -57.60 -15.08 5.62
N LEU F 23 -57.42 -13.88 5.08
CA LEU F 23 -58.04 -12.70 5.65
C LEU F 23 -59.31 -12.31 4.87
N LEU F 24 -60.46 -12.45 5.53
CA LEU F 24 -61.73 -12.14 4.89
C LEU F 24 -62.51 -10.99 5.53
N PHE F 25 -63.01 -10.09 4.68
CA PHE F 25 -63.82 -8.98 5.17
C PHE F 25 -64.79 -8.52 4.09
N LYS F 26 -66.05 -8.40 4.50
CA LYS F 26 -67.14 -7.98 3.64
C LYS F 26 -66.99 -6.57 3.08
N THR F 27 -67.42 -6.39 1.82
CA THR F 27 -67.40 -5.09 1.15
C THR F 27 -68.56 -5.02 0.16
N GLU F 28 -69.09 -3.82 -0.02
CA GLU F 28 -70.20 -3.59 -0.93
C GLU F 28 -70.13 -4.49 -2.18
N ASP F 29 -68.92 -4.68 -2.71
CA ASP F 29 -68.72 -5.49 -3.90
C ASP F 29 -68.51 -6.97 -3.59
N GLY F 30 -69.14 -7.45 -2.52
CA GLY F 30 -68.99 -8.85 -2.15
C GLY F 30 -67.92 -9.06 -1.09
N VAL F 31 -67.56 -10.31 -0.88
CA VAL F 31 -66.56 -10.68 0.12
C VAL F 31 -65.15 -10.63 -0.44
N ASN F 32 -64.26 -9.93 0.25
CA ASN F 32 -62.88 -9.80 -0.16
C ASN F 32 -61.95 -10.78 0.56
N MET F 33 -61.09 -11.46 -0.19
CA MET F 33 -60.15 -12.39 0.40
C MET F 33 -58.70 -11.99 0.12
N CYS F 34 -58.00 -11.45 1.12
CA CYS F 34 -56.62 -11.07 0.91
C CYS F 34 -55.78 -12.20 1.42
N THR F 35 -54.61 -12.36 0.82
CA THR F 35 -53.70 -13.42 1.21
C THR F 35 -52.40 -12.80 1.68
N LEU F 36 -52.04 -13.09 2.93
CA LEU F 36 -50.82 -12.55 3.50
C LEU F 36 -49.78 -13.66 3.59
N MET F 37 -48.64 -13.43 2.95
CA MET F 37 -47.55 -14.39 2.87
C MET F 37 -46.28 -13.82 3.48
N ALA F 38 -46.36 -12.64 4.11
CA ALA F 38 -45.19 -12.00 4.69
C ALA F 38 -44.44 -12.88 5.69
N MET F 39 -43.21 -13.26 5.34
CA MET F 39 -42.39 -14.10 6.20
C MET F 39 -42.01 -13.37 7.50
N ASP F 40 -41.77 -12.06 7.39
CA ASP F 40 -41.38 -11.24 8.54
C ASP F 40 -42.52 -10.74 9.43
N LEU F 41 -43.73 -11.23 9.19
CA LEU F 41 -44.90 -10.84 10.00
C LEU F 41 -44.65 -11.24 11.46
N GLY F 42 -44.64 -10.26 12.35
CA GLY F 42 -44.41 -10.55 13.76
C GLY F 42 -45.44 -10.00 14.71
N GLU F 43 -44.97 -9.40 15.81
CA GLU F 43 -45.87 -8.83 16.80
C GLU F 43 -46.13 -7.36 16.49
N LEU F 44 -47.34 -6.90 16.72
CA LEU F 44 -47.66 -5.50 16.48
C LEU F 44 -46.93 -4.63 17.46
N CYS F 45 -46.08 -3.74 16.95
CA CYS F 45 -45.33 -2.85 17.82
C CYS F 45 -45.05 -1.50 17.16
N GLU F 46 -43.97 -0.85 17.57
CA GLU F 46 -43.60 0.45 17.01
C GLU F 46 -43.02 0.29 15.62
N ASP F 47 -42.32 -0.82 15.42
CA ASP F 47 -41.73 -1.08 14.12
C ASP F 47 -42.78 -1.71 13.21
N THR F 48 -43.56 -0.85 12.57
CA THR F 48 -44.61 -1.30 11.69
C THR F 48 -44.18 -1.24 10.22
N ILE F 49 -44.66 -1.84 9.40
CA ILE F 49 -44.56 -1.50 7.99
C ILE F 49 -45.93 -1.54 7.32
N THR F 50 -46.17 -0.78 6.46
CA THR F 50 -47.47 -0.53 5.80
C THR F 50 -47.30 -0.44 4.31
N TYR F 51 -48.09 -1.22 3.58
CA TYR F 51 -48.03 -1.22 2.13
C TYR F 51 -49.28 -1.82 1.51
N LYS F 52 -49.37 -1.79 0.19
CA LYS F 52 -50.57 -2.28 -0.48
C LYS F 52 -50.57 -3.67 -1.08
N CYS F 53 -51.71 -4.31 -0.93
CA CYS F 53 -51.96 -5.65 -1.43
C CYS F 53 -52.82 -5.46 -2.67
N PRO F 54 -52.22 -5.58 -3.86
CA PRO F 54 -52.93 -5.42 -5.12
C PRO F 54 -54.03 -6.42 -5.43
N LEU F 55 -54.92 -6.01 -6.32
CA LEU F 55 -56.00 -6.85 -6.76
C LEU F 55 -55.37 -7.72 -7.83
N LEU F 56 -55.66 -9.01 -7.77
CA LEU F 56 -55.10 -9.95 -8.74
C LEU F 56 -56.18 -10.88 -9.25
N ARG F 57 -56.53 -10.68 -10.51
CA ARG F 57 -57.53 -11.50 -11.18
C ARG F 57 -56.81 -12.44 -12.14
N GLN F 58 -57.02 -13.74 -11.97
CA GLN F 58 -56.41 -14.77 -12.81
C GLN F 58 -55.01 -14.44 -13.32
N ASN F 59 -54.11 -14.08 -12.40
CA ASN F 59 -52.73 -13.76 -12.71
C ASN F 59 -51.96 -14.34 -11.54
N GLU F 60 -50.81 -14.94 -11.82
CA GLU F 60 -50.01 -15.51 -10.74
C GLU F 60 -49.27 -14.35 -10.06
N PRO F 61 -49.06 -14.43 -8.74
CA PRO F 61 -48.37 -13.35 -8.04
C PRO F 61 -46.87 -13.38 -8.32
N GLU F 62 -46.26 -12.21 -8.40
CA GLU F 62 -44.84 -12.12 -8.65
C GLU F 62 -44.24 -10.95 -7.88
N ASP F 63 -43.16 -11.22 -7.17
CA ASP F 63 -42.46 -10.21 -6.38
C ASP F 63 -43.35 -9.51 -5.33
N ILE F 64 -44.26 -10.26 -4.70
CA ILE F 64 -45.15 -9.74 -3.66
C ILE F 64 -45.54 -10.82 -2.65
N ASP F 65 -45.92 -10.40 -1.44
CA ASP F 65 -46.31 -11.35 -0.40
C ASP F 65 -47.69 -11.02 0.15
N CYS F 66 -48.40 -10.15 -0.54
CA CYS F 66 -49.75 -9.78 -0.13
C CYS F 66 -50.56 -9.40 -1.36
N TRP F 67 -51.81 -9.88 -1.40
CA TRP F 67 -52.70 -9.58 -2.50
C TRP F 67 -54.12 -9.99 -2.15
N CYS F 68 -55.08 -9.29 -2.72
CA CYS F 68 -56.48 -9.57 -2.48
C CYS F 68 -57.09 -9.93 -3.84
N ASN F 69 -58.28 -10.51 -3.86
CA ASN F 69 -58.87 -10.92 -5.12
C ASN F 69 -60.16 -10.21 -5.48
N SER F 70 -60.49 -9.11 -4.81
CA SER F 70 -61.73 -8.43 -5.14
C SER F 70 -61.60 -6.94 -5.01
N THR F 71 -60.76 -6.50 -4.08
CA THR F 71 -60.56 -5.07 -3.89
C THR F 71 -59.22 -4.80 -3.21
N SER F 72 -58.36 -4.06 -3.90
CA SER F 72 -57.05 -3.69 -3.40
C SER F 72 -57.16 -3.23 -1.95
N THR F 73 -56.27 -3.71 -1.10
CA THR F 73 -56.29 -3.37 0.33
C THR F 73 -54.93 -3.00 0.88
N TRP F 74 -54.89 -2.08 1.83
CA TRP F 74 -53.63 -1.71 2.45
C TRP F 74 -53.47 -2.66 3.62
N VAL F 75 -52.22 -2.96 4.00
CA VAL F 75 -51.97 -3.83 5.15
C VAL F 75 -50.86 -3.25 6.00
N THR F 76 -50.97 -3.49 7.30
CA THR F 76 -49.98 -3.04 8.28
C THR F 76 -49.77 -4.09 9.37
N TYR F 77 -48.50 -4.34 9.68
CA TYR F 77 -48.17 -5.30 10.72
C TYR F 77 -46.82 -4.97 11.33
N GLY F 78 -46.58 -5.44 12.56
CA GLY F 78 -45.30 -5.18 13.18
C GLY F 78 -44.32 -6.30 12.86
N THR F 79 -43.04 -6.06 13.11
CA THR F 79 -42.00 -7.06 12.84
C THR F 79 -41.36 -7.62 14.12
N CYS F 80 -41.71 -7.04 15.27
CA CYS F 80 -41.19 -7.47 16.57
C CYS F 80 -41.46 -8.95 16.82
N THR F 81 -40.75 -9.52 17.79
CA THR F 81 -40.97 -10.93 18.13
C THR F 81 -40.91 -11.14 19.64
N GLY G 1 38.20 -15.19 5.33
CA GLY G 1 38.82 -13.90 5.49
C GLY G 1 40.14 -13.75 4.76
N ALA G 2 40.28 -12.65 4.03
CA ALA G 2 41.48 -12.39 3.25
C ALA G 2 42.72 -12.62 4.10
N LEU G 3 42.85 -11.86 5.18
CA LEU G 3 43.97 -12.05 6.10
C LEU G 3 44.15 -13.50 6.50
N ASN G 4 43.06 -14.26 6.65
CA ASN G 4 43.19 -15.69 6.88
C ASN G 4 43.41 -16.44 5.57
N SER G 5 42.81 -15.99 4.49
CA SER G 5 43.03 -16.62 3.20
C SER G 5 44.51 -16.59 2.85
N LEU G 6 45.06 -15.39 2.66
CA LEU G 6 46.49 -15.26 2.39
C LEU G 6 47.34 -15.76 3.55
N GLY G 7 46.76 -15.83 4.75
CA GLY G 7 47.49 -16.30 5.91
C GLY G 7 48.09 -17.66 5.68
N LYS G 8 47.26 -18.64 5.34
CA LYS G 8 47.79 -19.91 4.88
C LYS G 8 48.51 -19.75 3.55
N GLY G 9 48.13 -18.75 2.77
CA GLY G 9 48.72 -18.61 1.47
C GLY G 9 50.17 -18.24 1.51
N ILE G 10 50.51 -17.11 2.14
CA ILE G 10 51.90 -16.69 2.18
C ILE G 10 52.72 -17.63 3.03
N HIS G 11 52.09 -18.40 3.90
CA HIS G 11 52.83 -19.26 4.80
C HIS G 11 53.24 -20.55 4.10
N GLN G 12 52.30 -21.20 3.40
CA GLN G 12 52.63 -22.48 2.77
C GLN G 12 53.79 -22.37 1.82
N ILE G 13 53.89 -21.28 1.07
CA ILE G 13 54.99 -21.13 0.14
C ILE G 13 56.28 -20.89 0.89
N PHE G 14 56.36 -19.76 1.60
CA PHE G 14 57.53 -19.48 2.41
C PHE G 14 57.87 -20.64 3.33
N GLY G 15 56.87 -21.40 3.75
CA GLY G 15 57.13 -22.49 4.67
C GLY G 15 57.90 -23.63 4.03
N ALA G 16 57.38 -24.16 2.93
CA ALA G 16 58.02 -25.31 2.31
C ALA G 16 59.46 -25.02 1.95
N ALA G 17 59.73 -23.82 1.44
CA ALA G 17 61.10 -23.44 1.17
C ALA G 17 61.95 -23.55 2.41
N PHE G 18 61.42 -23.14 3.56
CA PHE G 18 62.13 -23.33 4.81
C PHE G 18 62.13 -24.79 5.25
N LYS G 19 61.20 -25.60 4.74
CA LYS G 19 61.22 -27.02 5.03
C LYS G 19 62.16 -27.78 4.12
N SER G 20 62.88 -27.07 3.24
CA SER G 20 63.86 -27.70 2.36
C SER G 20 65.25 -27.12 2.60
N LEU G 21 65.45 -25.82 2.38
CA LEU G 21 66.74 -25.19 2.58
C LEU G 21 67.29 -25.54 3.96
N PHE G 22 66.69 -25.01 5.01
CA PHE G 22 67.00 -25.49 6.35
C PHE G 22 66.19 -26.75 6.57
N GLY G 23 66.11 -27.21 7.80
CA GLY G 23 65.43 -28.45 8.09
C GLY G 23 66.35 -29.63 8.29
N GLY G 24 67.65 -29.38 8.50
CA GLY G 24 68.57 -30.47 8.71
C GLY G 24 68.32 -31.19 10.03
N MET G 25 68.36 -30.47 11.14
CA MET G 25 68.32 -31.13 12.43
C MET G 25 67.77 -30.14 13.46
N SER G 26 67.88 -30.53 14.73
CA SER G 26 67.30 -29.79 15.83
C SER G 26 68.32 -29.65 16.96
N TRP G 27 67.84 -29.09 18.07
CA TRP G 27 68.68 -28.86 19.24
C TRP G 27 69.96 -28.14 18.85
N PHE G 28 71.09 -28.64 19.34
CA PHE G 28 72.35 -27.92 19.13
C PHE G 28 72.69 -27.77 17.66
N SER G 29 71.99 -28.49 16.79
CA SER G 29 72.17 -28.29 15.35
C SER G 29 71.43 -27.06 14.88
N GLN G 30 70.16 -26.95 15.25
CA GLN G 30 69.36 -25.83 14.78
C GLN G 30 69.86 -24.52 15.35
N ILE G 31 70.14 -24.51 16.66
CA ILE G 31 70.50 -23.26 17.32
C ILE G 31 71.77 -22.68 16.72
N LEU G 32 72.79 -23.51 16.52
CA LEU G 32 74.04 -23.00 15.97
C LEU G 32 73.79 -22.27 14.65
N ILE G 33 73.42 -23.01 13.61
CA ILE G 33 73.18 -22.43 12.29
C ILE G 33 72.18 -21.30 12.46
N GLY G 34 71.33 -21.40 13.46
CA GLY G 34 70.48 -20.28 13.80
C GLY G 34 71.28 -19.12 14.34
N THR G 35 72.01 -19.33 15.43
CA THR G 35 72.68 -18.23 16.10
C THR G 35 73.64 -17.50 15.20
N LEU G 36 74.43 -18.20 14.40
CA LEU G 36 75.35 -17.58 13.47
C LEU G 36 74.67 -16.60 12.52
N LEU G 37 73.47 -16.89 12.07
CA LEU G 37 72.78 -15.94 11.20
C LEU G 37 72.51 -14.63 11.92
N MET G 38 71.97 -14.69 13.13
CA MET G 38 71.73 -13.47 13.88
C MET G 38 72.97 -12.61 13.98
N TRP G 39 74.16 -13.21 13.94
CA TRP G 39 75.37 -12.41 13.87
C TRP G 39 75.42 -11.61 12.58
N LEU G 40 75.06 -12.23 11.46
CA LEU G 40 75.12 -11.53 10.19
C LEU G 40 74.21 -10.32 10.16
N GLY G 41 73.14 -10.32 10.92
CA GLY G 41 72.26 -9.18 11.00
C GLY G 41 72.94 -7.98 11.63
N LEU G 42 73.59 -8.18 12.77
CA LEU G 42 74.31 -7.09 13.40
C LEU G 42 75.38 -6.52 12.47
N ASN G 43 76.15 -7.42 11.85
CA ASN G 43 77.21 -7.01 10.94
C ASN G 43 76.74 -6.93 9.48
N THR G 44 77.65 -7.24 8.55
CA THR G 44 77.34 -7.20 7.12
C THR G 44 77.50 -5.77 6.58
N LYS G 45 76.40 -5.14 6.19
CA LYS G 45 76.51 -3.81 5.61
C LYS G 45 75.37 -3.62 4.64
N ASN G 46 75.38 -4.51 3.64
CA ASN G 46 74.41 -4.53 2.56
C ASN G 46 73.06 -4.93 3.10
N GLY G 47 72.03 -4.68 2.31
CA GLY G 47 70.66 -4.95 2.70
C GLY G 47 70.28 -6.37 3.08
N SER G 48 70.79 -7.39 2.39
CA SER G 48 70.35 -8.73 2.79
C SER G 48 70.21 -8.82 4.31
N ILE G 49 71.01 -8.03 5.02
CA ILE G 49 70.97 -8.04 6.48
C ILE G 49 69.54 -7.99 6.99
N SER G 50 68.62 -7.48 6.17
CA SER G 50 67.22 -7.38 6.54
C SER G 50 66.57 -8.75 6.60
N LEU G 51 67.03 -9.66 5.75
CA LEU G 51 66.50 -11.01 5.71
C LEU G 51 67.18 -11.92 6.72
N MET G 52 68.50 -11.88 6.78
CA MET G 52 69.24 -12.77 7.66
C MET G 52 68.81 -12.56 9.12
N CYS G 53 68.96 -11.33 9.61
CA CYS G 53 68.64 -11.06 11.00
C CYS G 53 67.23 -11.49 11.35
N LEU G 54 66.35 -11.57 10.36
CA LEU G 54 65.05 -12.16 10.60
C LEU G 54 65.12 -13.68 10.60
N ALA G 55 65.83 -14.26 9.63
CA ALA G 55 65.86 -15.71 9.51
C ALA G 55 66.34 -16.38 10.79
N LEU G 56 67.22 -15.71 11.53
CA LEU G 56 67.64 -16.24 12.83
C LEU G 56 66.44 -16.50 13.71
N GLY G 57 65.63 -15.46 13.92
CA GLY G 57 64.41 -15.63 14.68
C GLY G 57 63.58 -16.79 14.16
N GLY G 58 63.48 -16.91 12.83
CA GLY G 58 62.81 -18.06 12.27
C GLY G 58 63.32 -19.36 12.83
N VAL G 59 64.65 -19.52 12.87
CA VAL G 59 65.20 -20.75 13.40
C VAL G 59 65.04 -20.80 14.91
N LEU G 60 65.50 -19.76 15.60
CA LEU G 60 65.51 -19.81 17.06
C LEU G 60 64.15 -20.15 17.63
N ILE G 61 63.09 -19.57 17.06
CA ILE G 61 61.73 -19.89 17.50
C ILE G 61 61.42 -21.37 17.38
N PHE G 62 61.69 -21.98 16.23
CA PHE G 62 61.53 -23.42 16.11
C PHE G 62 62.39 -24.19 17.10
N LEU G 63 63.49 -23.60 17.56
CA LEU G 63 64.26 -24.22 18.63
C LEU G 63 63.69 -23.88 20.00
N SER G 64 62.89 -22.83 20.09
CA SER G 64 62.34 -22.39 21.36
C SER G 64 61.01 -23.05 21.69
N THR G 65 60.54 -23.97 20.85
CA THR G 65 59.30 -24.68 21.11
C THR G 65 59.35 -25.37 22.46
N ALA G 66 60.28 -26.30 22.62
CA ALA G 66 60.49 -27.01 23.87
C ALA G 66 59.22 -27.70 24.33
N ARG H 1 64.91 -54.56 -10.04
CA ARG H 1 65.88 -53.88 -9.20
C ARG H 1 66.73 -52.90 -9.98
N GLU H 2 66.87 -53.07 -11.28
CA GLU H 2 67.75 -52.20 -12.06
C GLU H 2 67.23 -50.77 -12.15
N TYR H 3 65.96 -50.53 -11.85
CA TYR H 3 65.45 -49.17 -11.95
C TYR H 3 65.86 -48.31 -10.78
N THR H 4 65.75 -48.82 -9.55
CA THR H 4 66.09 -48.04 -8.37
C THR H 4 67.49 -48.32 -7.83
N LYS H 5 68.21 -49.29 -8.37
CA LYS H 5 69.49 -49.67 -7.79
C LYS H 5 70.53 -48.57 -7.89
N HIS H 6 70.45 -47.72 -8.90
CA HIS H 6 71.38 -46.60 -8.96
C HIS H 6 70.93 -45.47 -8.05
N LEU H 7 69.62 -45.29 -7.90
CA LEU H 7 69.13 -44.21 -7.06
C LEU H 7 69.22 -44.56 -5.58
N ILE H 8 68.73 -45.73 -5.19
CA ILE H 8 68.59 -46.03 -3.77
C ILE H 8 69.91 -45.87 -3.04
N ARG H 9 71.03 -46.16 -3.71
CA ARG H 9 72.33 -46.02 -3.06
C ARG H 9 72.54 -44.59 -2.58
N VAL H 10 72.24 -43.62 -3.44
CA VAL H 10 72.42 -42.23 -3.04
C VAL H 10 71.48 -41.86 -1.92
N GLU H 11 70.19 -42.15 -2.07
CA GLU H 11 69.21 -41.78 -1.06
C GLU H 11 69.54 -42.33 0.32
N ASN H 12 70.34 -43.39 0.41
CA ASN H 12 70.91 -43.79 1.69
C ASN H 12 72.07 -42.91 2.08
N TRP H 13 73.15 -42.93 1.30
CA TRP H 13 74.39 -42.32 1.75
C TRP H 13 74.22 -40.87 2.20
N ILE H 14 73.25 -40.15 1.67
CA ILE H 14 73.00 -38.81 2.18
C ILE H 14 72.39 -38.90 3.57
N PHE H 15 71.36 -39.73 3.75
CA PHE H 15 70.74 -39.85 5.06
C PHE H 15 71.75 -40.24 6.12
N ARG H 16 72.86 -40.86 5.74
CA ARG H 16 73.91 -41.12 6.71
C ARG H 16 74.75 -39.88 6.96
N ASN H 17 75.23 -39.22 5.90
CA ASN H 17 76.02 -38.01 6.06
C ASN H 17 75.30 -36.84 5.44
N PRO H 18 74.72 -35.94 6.21
CA PRO H 18 74.24 -34.69 5.62
C PRO H 18 75.37 -33.80 5.16
N GLY H 19 76.58 -34.05 5.65
CA GLY H 19 77.64 -33.09 5.53
C GLY H 19 78.03 -32.73 4.11
N PHE H 20 78.43 -33.72 3.31
CA PHE H 20 78.97 -33.43 1.99
C PHE H 20 78.04 -32.55 1.19
N ALA H 21 76.75 -32.58 1.52
CA ALA H 21 75.81 -31.62 0.94
C ALA H 21 76.05 -30.24 1.51
N LEU H 22 76.16 -30.13 2.83
CA LEU H 22 76.27 -28.83 3.44
C LEU H 22 77.44 -28.02 2.89
N ALA H 23 78.58 -28.64 2.69
CA ALA H 23 79.71 -27.92 2.14
C ALA H 23 79.71 -27.93 0.63
N ALA H 24 78.89 -28.78 0.00
CA ALA H 24 78.87 -28.82 -1.45
C ALA H 24 78.70 -27.45 -2.07
N ALA H 25 77.72 -26.67 -1.61
CA ALA H 25 77.50 -25.35 -2.16
C ALA H 25 78.78 -24.53 -2.17
N ALA H 26 79.57 -24.62 -1.11
CA ALA H 26 80.84 -23.91 -1.08
C ALA H 26 81.70 -24.29 -2.27
N ILE H 27 81.81 -25.59 -2.54
CA ILE H 27 82.49 -26.02 -3.76
C ILE H 27 81.74 -25.47 -4.96
N ALA H 28 80.42 -25.49 -4.92
CA ALA H 28 79.63 -24.94 -6.01
C ALA H 28 79.92 -23.48 -6.21
N TRP H 29 79.50 -22.63 -5.26
CA TRP H 29 79.53 -21.19 -5.44
C TRP H 29 80.91 -20.68 -5.83
N LEU H 30 81.95 -21.43 -5.48
CA LEU H 30 83.28 -21.07 -5.92
C LEU H 30 83.67 -21.72 -7.24
N LEU H 31 82.75 -22.44 -7.88
CA LEU H 31 83.07 -23.10 -9.14
C LEU H 31 82.02 -22.74 -10.19
N GLY H 32 82.45 -22.03 -11.23
CA GLY H 32 81.65 -21.72 -12.39
C GLY H 32 80.80 -20.48 -12.23
N SER H 33 80.42 -20.16 -10.99
CA SER H 33 79.99 -18.84 -10.56
C SER H 33 78.84 -18.27 -11.38
N SER H 34 78.06 -19.09 -12.10
CA SER H 34 76.87 -18.56 -12.74
C SER H 34 75.71 -19.54 -12.55
N THR H 35 74.77 -19.17 -11.68
CA THR H 35 73.42 -19.73 -11.69
C THR H 35 73.41 -21.23 -11.95
N SER H 36 72.71 -21.61 -13.03
CA SER H 36 72.69 -23.00 -13.46
C SER H 36 74.10 -23.55 -13.61
N GLN H 37 74.96 -22.85 -14.34
CA GLN H 37 76.33 -23.34 -14.53
C GLN H 37 77.02 -23.59 -13.20
N LYS H 38 76.61 -22.89 -12.15
CA LYS H 38 77.08 -23.16 -10.81
C LYS H 38 76.20 -24.17 -10.07
N VAL H 39 75.04 -24.50 -10.61
CA VAL H 39 74.22 -25.55 -10.01
C VAL H 39 74.67 -26.94 -10.44
N ILE H 40 74.96 -27.09 -11.74
CA ILE H 40 75.32 -28.41 -12.26
C ILE H 40 76.44 -29.03 -11.44
N TYR H 41 77.34 -28.22 -10.92
CA TYR H 41 78.31 -28.73 -9.95
C TYR H 41 77.61 -29.31 -8.73
N LEU H 42 76.82 -28.50 -8.03
CA LEU H 42 76.22 -28.95 -6.78
C LEU H 42 75.39 -30.22 -6.96
N VAL H 43 74.91 -30.50 -8.17
CA VAL H 43 74.40 -31.83 -8.48
C VAL H 43 75.52 -32.81 -8.81
N MET H 44 76.46 -32.44 -9.65
CA MET H 44 77.56 -33.35 -9.96
C MET H 44 78.38 -33.73 -8.74
N ILE H 45 78.55 -32.82 -7.78
CA ILE H 45 79.35 -33.12 -6.61
C ILE H 45 78.61 -34.09 -5.71
N LEU H 46 77.45 -33.70 -5.20
CA LEU H 46 76.66 -34.58 -4.36
C LEU H 46 76.39 -35.91 -5.04
N LEU H 47 76.45 -35.97 -6.37
CA LEU H 47 76.31 -37.24 -7.05
C LEU H 47 77.59 -38.04 -7.10
N ILE H 48 78.74 -37.40 -7.37
CA ILE H 48 80.00 -38.14 -7.33
C ILE H 48 80.41 -38.45 -5.91
N ALA H 49 79.70 -37.89 -4.92
CA ALA H 49 80.10 -38.06 -3.53
C ALA H 49 79.89 -39.48 -3.02
N PRO H 50 78.71 -40.04 -3.23
CA PRO H 50 78.41 -41.40 -2.78
C PRO H 50 79.04 -42.46 -3.68
N ALA H 51 79.85 -42.01 -4.64
CA ALA H 51 80.52 -42.92 -5.56
C ALA H 51 81.99 -43.10 -5.18
N TYR H 52 82.62 -44.13 -5.75
CA TYR H 52 84.02 -44.41 -5.49
C TYR H 52 84.90 -44.05 -6.68
N SER H 53 84.27 -43.58 -7.75
CA SER H 53 84.99 -43.21 -8.96
C SER H 53 85.12 -41.69 -9.07
N GLY I 1 8.64 36.07 19.63
CA GLY I 1 9.30 37.05 18.79
C GLY I 1 10.79 37.18 19.06
N ALA I 2 11.57 37.18 17.99
CA ALA I 2 13.02 37.27 18.08
C ALA I 2 13.41 38.40 19.01
N LEU I 3 13.03 39.63 18.67
CA LEU I 3 13.30 40.77 19.53
C LEU I 3 12.88 40.52 20.97
N ASN I 4 11.79 39.79 21.19
CA ASN I 4 11.45 39.40 22.55
C ASN I 4 12.25 38.18 22.99
N SER I 5 12.53 37.26 22.08
CA SER I 5 13.35 36.10 22.42
C SER I 5 14.70 36.55 22.95
N LEU I 6 15.49 37.20 22.10
CA LEU I 6 16.77 37.72 22.53
C LEU I 6 16.63 38.80 23.59
N GLY I 7 15.45 39.41 23.69
CA GLY I 7 15.22 40.43 24.70
C GLY I 7 15.52 39.93 26.08
N LYS I 8 14.87 38.84 26.51
CA LYS I 8 15.29 38.20 27.73
C LYS I 8 16.67 37.60 27.59
N GLY I 9 17.06 37.26 26.36
CA GLY I 9 18.34 36.61 26.17
C GLY I 9 19.51 37.50 26.50
N ILE I 10 19.63 38.63 25.80
CA ILE I 10 20.77 39.50 26.03
C ILE I 10 20.69 40.14 27.40
N HIS I 11 19.51 40.16 28.00
CA HIS I 11 19.36 40.81 29.29
C HIS I 11 19.82 39.90 30.42
N GLN I 12 19.39 38.64 30.43
CA GLN I 12 19.73 37.76 31.54
C GLN I 12 21.23 37.63 31.72
N ILE I 13 21.99 37.59 30.63
CA ILE I 13 23.43 37.46 30.74
C ILE I 13 24.03 38.76 31.26
N PHE I 14 23.90 39.82 30.48
CA PHE I 14 24.37 41.12 30.93
C PHE I 14 23.84 41.48 32.29
N GLY I 15 22.65 40.99 32.64
CA GLY I 15 22.06 41.35 33.92
C GLY I 15 22.79 40.72 35.09
N ALA I 16 22.95 39.39 35.06
CA ALA I 16 23.56 38.71 36.20
C ALA I 16 24.95 39.26 36.47
N ALA I 17 25.72 39.52 35.41
CA ALA I 17 27.03 40.14 35.60
C ALA I 17 26.91 41.44 36.36
N PHE I 18 25.90 42.24 36.05
CA PHE I 18 25.65 43.44 36.81
C PHE I 18 25.07 43.14 38.18
N LYS I 19 24.50 41.96 38.38
CA LYS I 19 24.03 41.55 39.70
C LYS I 19 25.14 40.98 40.54
N SER I 20 26.37 40.96 40.03
CA SER I 20 27.52 40.48 40.78
C SER I 20 28.57 41.57 40.93
N LEU I 21 29.13 42.07 39.83
CA LEU I 21 30.14 43.12 39.87
C LEU I 21 29.66 44.28 40.74
N PHE I 22 28.67 45.03 40.26
CA PHE I 22 28.02 45.98 41.14
C PHE I 22 26.99 45.21 41.95
N GLY I 23 26.08 45.91 42.62
CA GLY I 23 25.12 45.27 43.48
C GLY I 23 25.46 45.35 44.94
N GLY I 24 26.38 46.22 45.32
CA GLY I 24 26.73 46.34 46.73
C GLY I 24 25.60 46.92 47.56
N MET I 25 25.12 48.09 47.20
CA MET I 25 24.16 48.77 48.06
C MET I 25 23.33 49.73 47.22
N SER I 26 22.57 50.57 47.92
CA SER I 26 21.62 51.47 47.28
C SER I 26 21.75 52.87 47.85
N TRP I 27 20.85 53.74 47.43
CA TRP I 27 20.83 55.12 47.87
C TRP I 27 22.19 55.75 47.69
N PHE I 28 22.67 56.46 48.72
CA PHE I 28 23.91 57.21 48.58
C PHE I 28 25.09 56.30 48.25
N SER I 29 24.93 54.98 48.37
CA SER I 29 25.97 54.08 47.93
C SER I 29 25.95 53.90 46.43
N GLN I 30 24.77 53.63 45.87
CA GLN I 30 24.68 53.39 44.44
C GLN I 30 24.99 54.63 43.65
N ILE I 31 24.42 55.77 44.07
CA ILE I 31 24.58 56.99 43.29
C ILE I 31 26.03 57.39 43.18
N LEU I 32 26.76 57.36 44.29
CA LEU I 32 28.17 57.75 44.27
C LEU I 32 28.91 56.96 43.21
N ILE I 33 29.11 55.65 43.44
CA ILE I 33 29.83 54.80 42.52
C ILE I 33 29.22 54.94 41.15
N GLY I 34 27.94 55.25 41.11
CA GLY I 34 27.32 55.61 39.85
C GLY I 34 27.84 56.91 39.31
N THR I 35 27.71 57.99 40.07
CA THR I 35 28.05 59.31 39.55
C THR I 35 29.50 59.41 39.11
N LEU I 36 30.43 58.84 39.86
CA LEU I 36 31.84 58.85 39.50
C LEU I 36 32.09 58.24 38.13
N LEU I 37 31.37 57.19 37.76
CA LEU I 37 31.57 56.63 36.44
C LEU I 37 31.21 57.62 35.34
N MET I 38 30.05 58.26 35.45
CA MET I 38 29.67 59.26 34.46
C MET I 38 30.75 60.31 34.26
N TRP I 39 31.56 60.56 35.29
CA TRP I 39 32.71 61.44 35.09
C TRP I 39 33.69 60.84 34.10
N LEU I 40 33.95 59.54 34.22
CA LEU I 40 34.92 58.90 33.34
C LEU I 40 34.50 58.98 31.88
N GLY I 41 33.21 59.05 31.62
CA GLY I 41 32.73 59.20 30.26
C GLY I 41 33.13 60.52 29.66
N LEU I 42 32.90 61.62 30.38
CA LEU I 42 33.32 62.92 29.88
C LEU I 42 34.81 62.95 29.63
N ASN I 43 35.59 62.46 30.58
CA ASN I 43 37.04 62.45 30.48
C ASN I 43 37.57 61.16 29.85
N THR I 44 38.76 60.74 30.29
CA THR I 44 39.41 59.53 29.79
C THR I 44 40.15 59.81 28.47
N LYS I 45 39.68 59.26 27.37
CA LYS I 45 40.38 59.46 26.11
C LYS I 45 40.12 58.26 25.22
N ASN I 46 40.55 57.12 25.76
CA ASN I 46 40.45 55.83 25.11
C ASN I 46 38.99 55.42 25.02
N GLY I 47 38.74 54.43 24.17
CA GLY I 47 37.39 53.98 23.92
C GLY I 47 36.57 53.46 25.08
N SER I 48 37.16 52.72 26.02
CA SER I 48 36.30 52.24 27.10
C SER I 48 35.26 53.27 27.48
N ILE I 49 35.60 54.55 27.30
CA ILE I 49 34.70 55.64 27.64
C ILE I 49 33.30 55.37 27.11
N SER I 50 33.20 54.54 26.08
CA SER I 50 31.93 54.19 25.48
C SER I 50 31.09 53.32 26.41
N LEU I 51 31.77 52.51 27.21
CA LEU I 51 31.08 51.62 28.14
C LEU I 51 30.80 52.32 29.46
N MET I 52 31.80 53.01 30.01
CA MET I 52 31.65 53.64 31.31
C MET I 52 30.50 54.63 31.29
N CYS I 53 30.57 55.62 30.41
CA CYS I 53 29.54 56.66 30.36
C CYS I 53 28.15 56.06 30.21
N LEU I 54 28.07 54.85 29.68
CA LEU I 54 26.78 54.16 29.69
C LEU I 54 26.52 53.53 31.05
N ALA I 55 27.53 52.86 31.62
CA ALA I 55 27.31 52.16 32.87
C ALA I 55 26.76 53.06 33.96
N LEU I 56 27.14 54.35 33.94
CA LEU I 56 26.57 55.29 34.88
C LEU I 56 25.06 55.29 34.81
N GLY I 57 24.54 55.52 33.60
CA GLY I 57 23.09 55.44 33.42
C GLY I 57 22.53 54.15 33.94
N GLY I 58 23.23 53.04 33.69
CA GLY I 58 22.81 51.78 34.26
C GLY I 58 22.58 51.87 35.76
N VAL I 59 23.54 52.47 36.47
CA VAL I 59 23.39 52.59 37.91
C VAL I 59 22.34 53.64 38.25
N LEU I 60 22.51 54.84 37.70
CA LEU I 60 21.63 55.95 38.09
C LEU I 60 20.16 55.58 37.95
N ILE I 61 19.81 54.90 36.86
CA ILE I 61 18.43 54.45 36.66
C ILE I 61 17.95 53.56 37.79
N PHE I 62 18.71 52.55 38.16
CA PHE I 62 18.37 51.73 39.32
C PHE I 62 18.27 52.56 40.59
N LEU I 63 18.96 53.70 40.65
CA LEU I 63 18.78 54.60 41.78
C LEU I 63 17.58 55.53 41.58
N SER I 64 17.14 55.68 40.33
CA SER I 64 16.05 56.58 40.01
C SER I 64 14.68 55.91 40.10
N THR I 65 14.64 54.65 40.50
CA THR I 65 13.37 53.93 40.65
C THR I 65 12.46 54.69 41.59
N ALA I 66 12.87 54.84 42.85
CA ALA I 66 12.13 55.59 43.84
C ALA I 66 10.72 55.04 44.02
N ARG J 1 30.08 19.72 61.73
CA ARG J 1 30.46 21.12 61.76
C ARG J 1 31.79 21.36 61.07
N GLU J 2 32.65 20.35 60.97
CA GLU J 2 33.98 20.56 60.40
C GLU J 2 33.94 20.87 58.91
N TYR J 3 32.84 20.61 58.23
CA TYR J 3 32.79 20.88 56.80
C TYR J 3 32.58 22.35 56.51
N THR J 4 31.66 23.01 57.19
CA THR J 4 31.37 24.42 56.94
C THR J 4 32.05 25.36 57.90
N LYS J 5 32.74 24.87 58.93
CA LYS J 5 33.29 25.75 59.95
C LYS J 5 34.38 26.66 59.41
N HIS J 6 35.11 26.22 58.40
CA HIS J 6 36.10 27.11 57.81
C HIS J 6 35.45 28.08 56.83
N LEU J 7 34.38 27.65 56.16
CA LEU J 7 33.73 28.54 55.21
C LEU J 7 32.84 29.56 55.89
N ILE J 8 31.98 29.11 56.80
CA ILE J 8 30.95 29.99 57.35
C ILE J 8 31.57 31.25 57.94
N ARG J 9 32.76 31.15 58.52
CA ARG J 9 33.40 32.31 59.10
C ARG J 9 33.58 33.41 58.06
N VAL J 10 34.08 33.04 56.87
CA VAL J 10 34.27 34.04 55.84
C VAL J 10 32.95 34.61 55.38
N GLU J 11 31.98 33.76 55.05
CA GLU J 11 30.70 34.24 54.55
C GLU J 11 30.01 35.19 55.50
N ASN J 12 30.35 35.17 56.79
CA ASN J 12 29.93 36.23 57.68
C ASN J 12 30.78 37.48 57.49
N TRP J 13 32.06 37.39 57.79
CA TRP J 13 32.88 38.59 57.89
C TRP J 13 32.78 39.48 56.67
N ILE J 14 32.51 38.93 55.49
CA ILE J 14 32.30 39.80 54.34
C ILE J 14 30.97 40.53 54.48
N PHE J 15 29.90 39.80 54.80
CA PHE J 15 28.61 40.46 54.97
C PHE J 15 28.66 41.59 55.98
N ARG J 16 29.61 41.55 56.92
CA ARG J 16 29.78 42.68 57.82
C ARG J 16 30.55 43.81 57.15
N ASN J 17 31.69 43.51 56.54
CA ASN J 17 32.46 44.54 55.86
C ASN J 17 32.53 44.23 54.38
N PRO J 18 31.81 44.96 53.52
CA PRO J 18 32.06 44.82 52.09
C PRO J 18 33.39 45.40 51.69
N GLY J 19 33.98 46.22 52.54
CA GLY J 19 35.08 47.06 52.13
C GLY J 19 36.30 46.33 51.64
N PHE J 20 36.89 45.47 52.49
CA PHE J 20 38.17 44.85 52.15
C PHE J 20 38.10 44.19 50.80
N ALA J 21 36.91 43.81 50.34
CA ALA J 21 36.75 43.35 48.98
C ALA J 21 36.88 44.50 48.00
N LEU J 22 36.19 45.60 48.27
CA LEU J 22 36.18 46.70 47.32
C LEU J 22 37.59 47.19 46.98
N ALA J 23 38.45 47.31 47.97
CA ALA J 23 39.81 47.75 47.68
C ALA J 23 40.73 46.58 47.34
N ALA J 24 40.28 45.35 47.57
CA ALA J 24 41.13 44.21 47.27
C ALA J 24 41.66 44.26 45.85
N ALA J 25 40.80 44.48 44.87
CA ALA J 25 41.24 44.54 43.49
C ALA J 25 42.41 45.50 43.30
N ALA J 26 42.36 46.65 44.00
CA ALA J 26 43.47 47.59 43.91
C ALA J 26 44.77 46.92 44.33
N ILE J 27 44.74 46.19 45.45
CA ILE J 27 45.90 45.39 45.82
C ILE J 27 46.17 44.36 44.74
N ALA J 28 45.11 43.76 44.21
CA ALA J 28 45.28 42.79 43.13
C ALA J 28 45.94 43.43 41.91
N TRP J 29 45.23 44.32 41.23
CA TRP J 29 45.67 44.83 39.94
C TRP J 29 47.08 45.41 40.00
N LEU J 30 47.50 45.85 41.18
CA LEU J 30 48.87 46.30 41.31
C LEU J 30 49.82 45.19 41.74
N LEU J 31 49.34 43.95 41.83
CA LEU J 31 50.21 42.84 42.24
C LEU J 31 50.10 41.72 41.23
N GLY J 32 51.21 41.44 40.55
CA GLY J 32 51.37 40.31 39.66
C GLY J 32 50.88 40.58 38.25
N SER J 33 49.90 41.47 38.10
CA SER J 33 49.60 42.18 36.87
C SER J 33 49.33 41.25 35.69
N SER J 34 48.99 39.99 35.91
CA SER J 34 48.56 39.16 34.77
C SER J 34 47.36 38.33 35.18
N THR J 35 46.18 38.70 34.67
CA THR J 35 45.03 37.80 34.58
C THR J 35 44.87 36.94 35.81
N SER J 36 44.89 35.63 35.60
CA SER J 36 44.84 34.67 36.69
C SER J 36 45.89 34.99 37.75
N GLN J 37 47.15 35.15 37.33
CA GLN J 37 48.22 35.44 38.29
C GLN J 37 47.90 36.66 39.13
N LYS J 38 47.09 37.58 38.59
CA LYS J 38 46.59 38.71 39.35
C LYS J 38 45.26 38.41 40.02
N VAL J 39 44.61 37.30 39.69
CA VAL J 39 43.40 36.91 40.39
C VAL J 39 43.71 36.19 41.70
N ILE J 40 44.68 35.27 41.65
CA ILE J 40 44.99 34.47 42.83
C ILE J 40 45.23 35.34 44.04
N TYR J 41 45.78 36.54 43.84
CA TYR J 41 45.84 37.50 44.92
C TYR J 41 44.44 37.84 45.42
N LEU J 42 43.58 38.35 44.55
CA LEU J 42 42.26 38.82 44.98
C LEU J 42 41.47 37.74 45.70
N VAL J 43 41.77 36.47 45.45
CA VAL J 43 41.28 35.40 46.32
C VAL J 43 42.13 35.25 47.57
N MET J 44 43.44 35.22 47.46
CA MET J 44 44.28 35.10 48.64
C MET J 44 44.09 36.26 49.61
N ILE J 45 43.84 37.47 49.12
CA ILE J 45 43.69 38.62 50.00
C ILE J 45 42.37 38.53 50.75
N LEU J 46 41.26 38.54 50.02
CA LEU J 46 39.95 38.41 50.66
C LEU J 46 39.87 37.17 51.54
N LEU J 47 40.71 36.17 51.30
CA LEU J 47 40.73 35.02 52.19
C LEU J 47 41.58 35.24 53.43
N ILE J 48 42.76 35.85 53.29
CA ILE J 48 43.55 36.16 54.48
C ILE J 48 42.95 37.30 55.27
N ALA J 49 41.93 37.97 54.71
CA ALA J 49 41.37 39.15 55.36
C ALA J 49 40.58 38.81 56.63
N PRO J 50 39.69 37.84 56.56
CA PRO J 50 38.89 37.44 57.73
C PRO J 50 39.70 36.60 58.71
N ALA J 51 40.99 36.45 58.44
CA ALA J 51 41.87 35.66 59.29
C ALA J 51 42.73 36.56 60.17
N TYR J 52 43.35 35.98 61.20
CA TYR J 52 44.20 36.72 62.11
C TYR J 52 45.68 36.38 61.89
N SER J 53 45.93 35.47 60.96
CA SER J 53 47.30 35.06 60.65
C SER J 53 47.79 35.70 59.36
N GLY K 1 7.33 16.35 -41.86
CA GLY K 1 8.68 16.41 -42.34
C GLY K 1 9.35 17.75 -42.10
N ALA K 2 10.57 17.72 -41.58
CA ALA K 2 11.33 18.91 -41.27
C ALA K 2 11.28 19.88 -42.43
N LEU K 3 11.81 19.46 -43.58
CA LEU K 3 11.76 20.28 -44.78
C LEU K 3 10.37 20.82 -45.06
N ASN K 4 9.32 20.06 -44.76
CA ASN K 4 7.98 20.59 -44.86
C ASN K 4 7.61 21.39 -43.62
N SER K 5 8.09 21.00 -42.46
CA SER K 5 7.82 21.75 -41.24
C SER K 5 8.35 23.18 -41.39
N LEU K 6 9.67 23.32 -41.54
CA LEU K 6 10.25 24.64 -41.75
C LEU K 6 9.80 25.26 -43.06
N GLY K 7 9.32 24.44 -44.00
CA GLY K 7 8.84 24.94 -45.28
C GLY K 7 7.78 26.00 -45.09
N LYS K 8 6.69 25.67 -44.39
CA LYS K 8 5.75 26.71 -44.00
C LYS K 8 6.39 27.65 -43.00
N GLY K 9 7.38 27.19 -42.26
CA GLY K 9 7.96 28.02 -41.23
C GLY K 9 8.71 29.21 -41.79
N ILE K 10 9.73 28.95 -42.60
CA ILE K 10 10.52 30.05 -43.15
C ILE K 10 9.70 30.88 -44.10
N HIS K 11 8.62 30.33 -44.64
CA HIS K 11 7.83 31.05 -45.62
C HIS K 11 6.89 32.04 -44.95
N GLN K 12 6.16 31.61 -43.91
CA GLN K 12 5.18 32.50 -43.30
C GLN K 12 5.82 33.78 -42.79
N ILE K 13 7.02 33.69 -42.24
CA ILE K 13 7.67 34.89 -41.73
C ILE K 13 8.12 35.78 -42.89
N PHE K 14 9.04 35.26 -43.70
CA PHE K 14 9.47 36.01 -44.87
C PHE K 14 8.30 36.46 -45.72
N GLY K 15 7.20 35.69 -45.71
CA GLY K 15 6.07 36.05 -46.54
C GLY K 15 5.36 37.30 -46.06
N ALA K 16 4.95 37.32 -44.79
CA ALA K 16 4.17 38.44 -44.28
C ALA K 16 4.94 39.74 -44.46
N ALA K 17 6.25 39.71 -44.19
CA ALA K 17 7.06 40.89 -44.41
C ALA K 17 6.94 41.37 -45.85
N PHE K 18 6.93 40.44 -46.80
CA PHE K 18 6.69 40.80 -48.18
C PHE K 18 5.24 41.17 -48.44
N LYS K 19 4.32 40.76 -47.57
CA LYS K 19 2.93 41.17 -47.68
C LYS K 19 2.69 42.53 -47.05
N SER K 20 3.74 43.17 -46.55
CA SER K 20 3.62 44.50 -45.96
C SER K 20 4.51 45.49 -46.69
N LEU K 21 5.82 45.29 -46.69
CA LEU K 21 6.74 46.19 -47.38
C LEU K 21 6.28 46.43 -48.81
N PHE K 22 6.40 45.42 -49.66
CA PHE K 22 5.75 45.52 -50.96
C PHE K 22 4.29 45.15 -50.77
N GLY K 23 3.57 44.90 -51.86
CA GLY K 23 2.16 44.63 -51.78
C GLY K 23 1.29 45.80 -52.12
N GLY K 24 1.84 46.83 -52.77
CA GLY K 24 1.04 47.96 -53.15
C GLY K 24 0.02 47.63 -54.22
N MET K 25 0.48 47.12 -55.36
CA MET K 25 -0.41 46.95 -56.48
C MET K 25 0.13 45.85 -57.38
N SER K 26 -0.47 45.74 -58.56
CA SER K 26 -0.17 44.67 -59.50
C SER K 26 0.02 45.24 -60.90
N TRP K 27 0.17 44.32 -61.85
CA TRP K 27 0.38 44.67 -63.25
C TRP K 27 1.50 45.69 -63.38
N PHE K 28 1.27 46.75 -64.15
CA PHE K 28 2.33 47.69 -64.45
C PHE K 28 2.88 48.36 -63.18
N SER K 29 2.18 48.20 -62.05
CA SER K 29 2.73 48.69 -60.79
C SER K 29 3.77 47.73 -60.24
N GLN K 30 3.43 46.44 -60.19
CA GLN K 30 4.35 45.48 -59.61
C GLN K 30 5.59 45.32 -60.47
N ILE K 31 5.41 45.22 -61.78
CA ILE K 31 6.55 44.95 -62.66
C ILE K 31 7.58 46.06 -62.57
N LEU K 32 7.14 47.31 -62.62
CA LEU K 32 8.07 48.42 -62.55
C LEU K 32 8.96 48.30 -61.33
N ILE K 33 8.39 48.50 -60.15
CA ILE K 33 9.13 48.44 -58.89
C ILE K 33 9.88 47.12 -58.85
N GLY K 34 9.32 46.12 -59.51
CA GLY K 34 10.05 44.88 -59.67
C GLY K 34 11.27 45.06 -60.57
N THR K 35 11.03 45.50 -61.80
CA THR K 35 12.12 45.55 -62.77
C THR K 35 13.27 46.42 -62.33
N LEU K 36 13.00 47.58 -61.74
CA LEU K 36 14.04 48.45 -61.24
C LEU K 36 14.97 47.77 -60.25
N LEU K 37 14.44 46.89 -59.39
CA LEU K 37 15.31 46.19 -58.46
C LEU K 37 16.32 45.32 -59.19
N MET K 38 15.85 44.52 -60.15
CA MET K 38 16.77 43.68 -60.92
C MET K 38 17.91 44.49 -61.51
N TRP K 39 17.69 45.77 -61.78
CA TRP K 39 18.79 46.62 -62.19
C TRP K 39 19.84 46.73 -61.09
N LEU K 40 19.39 46.92 -59.85
CA LEU K 40 20.33 47.09 -58.75
C LEU K 40 21.21 45.87 -58.56
N GLY K 41 20.73 44.69 -58.93
CA GLY K 41 21.54 43.50 -58.84
C GLY K 41 22.72 43.54 -59.79
N LEU K 42 22.47 43.88 -61.06
CA LEU K 42 23.58 44.00 -62.00
C LEU K 42 24.60 45.02 -61.53
N ASN K 43 24.11 46.18 -61.09
CA ASN K 43 24.99 47.25 -60.63
C ASN K 43 25.24 47.20 -59.13
N THR K 44 25.40 48.36 -58.51
CA THR K 44 25.66 48.47 -57.07
C THR K 44 27.14 48.27 -56.76
N LYS K 45 27.49 47.18 -56.11
CA LYS K 45 28.89 46.97 -55.76
C LYS K 45 28.94 46.14 -54.49
N ASN K 46 28.34 46.72 -53.46
CA ASN K 46 28.26 46.16 -52.13
C ASN K 46 27.38 44.92 -52.15
N GLY K 47 27.49 44.12 -51.10
CA GLY K 47 26.76 42.87 -51.01
C GLY K 47 25.25 42.91 -51.08
N SER K 48 24.59 43.90 -50.48
CA SER K 48 23.13 43.85 -50.57
C SER K 48 22.67 43.34 -51.94
N ILE K 49 23.49 43.59 -52.95
CA ILE K 49 23.17 43.17 -54.32
C ILE K 49 22.70 41.72 -54.33
N SER K 50 23.09 40.95 -53.32
CA SER K 50 22.71 39.55 -53.22
C SER K 50 21.23 39.41 -52.92
N LEU K 51 20.68 40.37 -52.17
CA LEU K 51 19.27 40.35 -51.81
C LEU K 51 18.41 40.99 -52.88
N MET K 52 18.81 42.17 -53.37
CA MET K 52 18.00 42.88 -54.33
C MET K 52 17.77 42.04 -55.59
N CYS K 53 18.86 41.63 -56.24
CA CYS K 53 18.74 40.87 -57.47
C CYS K 53 17.86 39.64 -57.30
N LEU K 54 17.73 39.16 -56.07
CA LEU K 54 16.76 38.11 -55.82
C LEU K 54 15.36 38.69 -55.67
N ALA K 55 15.22 39.79 -54.92
CA ALA K 55 13.90 40.33 -54.65
C ALA K 55 13.15 40.64 -55.94
N LEU K 56 13.87 41.01 -57.00
CA LEU K 56 13.22 41.22 -58.29
C LEU K 56 12.46 39.98 -58.70
N GLY K 57 13.15 38.85 -58.76
CA GLY K 57 12.48 37.59 -59.05
C GLY K 57 11.28 37.37 -58.17
N GLY K 58 11.41 37.69 -56.88
CA GLY K 58 10.26 37.63 -56.00
C GLY K 58 9.07 38.38 -56.55
N VAL K 59 9.30 39.60 -57.01
CA VAL K 59 8.19 40.38 -57.53
C VAL K 59 7.78 39.85 -58.89
N LEU K 60 8.73 39.73 -59.82
CA LEU K 60 8.39 39.36 -61.19
C LEU K 60 7.57 38.09 -61.24
N ILE K 61 7.92 37.09 -60.43
CA ILE K 61 7.13 35.86 -60.37
C ILE K 61 5.69 36.10 -59.98
N PHE K 62 5.44 36.86 -58.93
CA PHE K 62 4.07 37.24 -58.60
C PHE K 62 3.39 38.01 -59.72
N LEU K 63 4.16 38.67 -60.58
CA LEU K 63 3.58 39.29 -61.76
C LEU K 63 3.45 38.29 -62.91
N SER K 64 4.18 37.19 -62.85
CA SER K 64 4.17 36.21 -63.92
C SER K 64 3.11 35.14 -63.72
N THR K 65 2.28 35.25 -62.67
CA THR K 65 1.20 34.30 -62.43
C THR K 65 0.30 34.22 -63.65
N ALA K 66 -0.34 35.33 -63.99
CA ALA K 66 -1.20 35.41 -65.17
C ALA K 66 -2.31 34.37 -65.11
N ARG L 1 -18.60 57.85 -31.66
CA ARG L 1 -17.87 58.28 -32.84
C ARG L 1 -16.54 58.92 -32.49
N GLU L 2 -16.39 59.46 -31.29
CA GLU L 2 -15.16 60.16 -30.94
C GLU L 2 -13.95 59.25 -30.84
N TYR L 3 -14.16 57.94 -30.75
CA TYR L 3 -13.01 57.04 -30.63
C TYR L 3 -12.34 56.80 -31.97
N THR L 4 -13.11 56.55 -33.03
CA THR L 4 -12.53 56.27 -34.34
C THR L 4 -12.50 57.47 -35.26
N LYS L 5 -13.08 58.60 -34.87
CA LYS L 5 -13.19 59.72 -35.79
C LYS L 5 -11.84 60.32 -36.17
N HIS L 6 -10.86 60.25 -35.28
CA HIS L 6 -9.54 60.72 -35.65
C HIS L 6 -8.79 59.67 -36.48
N LEU L 7 -9.04 58.39 -36.23
CA LEU L 7 -8.34 57.36 -36.97
C LEU L 7 -8.95 57.17 -38.35
N ILE L 8 -10.27 57.01 -38.43
CA ILE L 8 -10.89 56.62 -39.69
C ILE L 8 -10.51 57.55 -40.82
N ARG L 9 -10.32 58.83 -40.52
CA ARG L 9 -9.95 59.78 -41.57
C ARG L 9 -8.66 59.36 -42.24
N VAL L 10 -7.65 59.00 -41.45
CA VAL L 10 -6.39 58.58 -42.03
C VAL L 10 -6.55 57.30 -42.83
N GLU L 11 -7.16 56.28 -42.24
CA GLU L 11 -7.29 55.00 -42.92
C GLU L 11 -8.02 55.11 -44.25
N ASN L 12 -8.79 56.17 -44.48
CA ASN L 12 -9.27 56.46 -45.81
C ASN L 12 -8.18 57.11 -46.66
N TRP L 13 -7.74 58.29 -46.28
CA TRP L 13 -6.90 59.09 -47.17
C TRP L 13 -5.70 58.33 -47.69
N ILE L 14 -5.19 57.36 -46.96
CA ILE L 14 -4.12 56.53 -47.51
C ILE L 14 -4.66 55.64 -48.61
N PHE L 15 -5.77 54.94 -48.35
CA PHE L 15 -6.33 54.07 -49.37
C PHE L 15 -6.62 54.83 -50.65
N ARG L 16 -6.82 56.14 -50.58
CA ARG L 16 -6.95 56.91 -51.81
C ARG L 16 -5.61 57.19 -52.45
N ASN L 17 -4.65 57.68 -51.69
CA ASN L 17 -3.31 57.95 -52.22
C ASN L 17 -2.29 57.07 -51.54
N PRO L 18 -1.78 56.03 -52.18
CA PRO L 18 -0.63 55.34 -51.60
C PRO L 18 0.62 56.18 -51.64
N GLY L 19 0.63 57.22 -52.45
CA GLY L 19 1.87 57.90 -52.79
C GLY L 19 2.60 58.50 -51.62
N PHE L 20 1.96 59.42 -50.89
CA PHE L 20 2.67 60.17 -49.86
C PHE L 20 3.39 59.24 -48.91
N ALA L 21 2.92 58.00 -48.79
CA ALA L 21 3.67 56.99 -48.05
C ALA L 21 4.91 56.58 -48.81
N LEU L 22 4.77 56.29 -50.10
CA LEU L 22 5.90 55.78 -50.86
C LEU L 22 7.09 56.71 -50.81
N ALA L 23 6.88 58.01 -50.93
CA ALA L 23 8.01 58.93 -50.85
C ALA L 23 8.31 59.34 -49.43
N ALA L 24 7.42 59.06 -48.48
CA ALA L 24 7.67 59.44 -47.11
C ALA L 24 9.03 59.00 -46.62
N ALA L 25 9.38 57.73 -46.82
CA ALA L 25 10.67 57.23 -46.38
C ALA L 25 11.80 58.10 -46.88
N ALA L 26 11.72 58.57 -48.12
CA ALA L 26 12.75 59.46 -48.64
C ALA L 26 12.89 60.69 -47.75
N ILE L 27 11.75 61.31 -47.39
CA ILE L 27 11.81 62.38 -46.41
C ILE L 27 12.36 61.86 -45.10
N ALA L 28 11.94 60.65 -44.71
CA ALA L 28 12.46 60.06 -43.49
C ALA L 28 13.96 59.88 -43.57
N TRP L 29 14.43 58.95 -44.42
CA TRP L 29 15.83 58.55 -44.41
C TRP L 29 16.78 59.73 -44.55
N LEU L 30 16.30 60.82 -45.13
CA LEU L 30 17.12 62.01 -45.19
C LEU L 30 16.90 62.94 -44.00
N LEU L 31 16.09 62.54 -43.02
CA LEU L 31 15.82 63.38 -41.87
C LEU L 31 16.08 62.61 -40.59
N GLY L 32 17.09 63.03 -39.83
CA GLY L 32 17.39 62.52 -38.51
C GLY L 32 18.28 61.29 -38.52
N SER L 33 18.20 60.50 -39.60
CA SER L 33 19.23 59.56 -40.02
C SER L 33 19.60 58.55 -38.92
N SER L 34 18.76 58.32 -37.92
CA SER L 34 19.05 57.23 -36.98
C SER L 34 17.76 56.47 -36.69
N THR L 35 17.64 55.26 -37.23
CA THR L 35 16.75 54.23 -36.73
C THR L 35 15.40 54.79 -36.31
N SER L 36 15.06 54.59 -35.04
CA SER L 36 13.85 55.16 -34.47
C SER L 36 13.76 56.66 -34.73
N GLN L 37 14.82 57.40 -34.40
CA GLN L 37 14.80 58.84 -34.60
C GLN L 37 14.49 59.19 -36.04
N LYS L 38 14.80 58.30 -36.97
CA LYS L 38 14.39 58.46 -38.37
C LYS L 38 13.06 57.81 -38.65
N VAL L 39 12.52 57.00 -37.73
CA VAL L 39 11.18 56.47 -37.93
C VAL L 39 10.11 57.45 -37.51
N ILE L 40 10.31 58.12 -36.36
CA ILE L 40 9.30 59.03 -35.85
C ILE L 40 8.86 60.02 -36.91
N TYR L 41 9.78 60.43 -37.79
CA TYR L 41 9.38 61.21 -38.94
C TYR L 41 8.37 60.44 -39.81
N LEU L 42 8.75 59.27 -40.29
CA LEU L 42 7.90 58.54 -41.22
C LEU L 42 6.51 58.27 -40.65
N VAL L 43 6.37 58.26 -39.32
CA VAL L 43 5.04 58.33 -38.72
C VAL L 43 4.51 59.76 -38.67
N MET L 44 5.30 60.72 -38.21
CA MET L 44 4.84 62.10 -38.17
C MET L 44 4.46 62.62 -39.55
N ILE L 45 5.16 62.21 -40.61
CA ILE L 45 4.87 62.73 -41.94
C ILE L 45 3.56 62.14 -42.44
N LEU L 46 3.49 60.82 -42.58
CA LEU L 46 2.25 60.18 -43.01
C LEU L 46 1.08 60.57 -42.14
N LEU L 47 1.32 61.00 -40.90
CA LEU L 47 0.23 61.48 -40.08
C LEU L 47 -0.15 62.93 -40.36
N ILE L 48 0.84 63.82 -40.55
CA ILE L 48 0.51 65.19 -40.90
C ILE L 48 0.04 65.28 -42.34
N ALA L 49 0.15 64.19 -43.10
CA ALA L 49 -0.18 64.24 -44.53
C ALA L 49 -1.68 64.39 -44.78
N PRO L 50 -2.49 63.56 -44.13
CA PRO L 50 -3.95 63.63 -44.31
C PRO L 50 -4.57 64.80 -43.55
N ALA L 51 -3.72 65.63 -42.97
CA ALA L 51 -4.17 66.80 -42.21
C ALA L 51 -4.01 68.08 -43.02
N TYR L 52 -4.67 69.15 -42.57
CA TYR L 52 -4.59 70.44 -43.25
C TYR L 52 -3.76 71.43 -42.45
N SER L 53 -3.28 70.99 -41.29
CA SER L 53 -2.46 71.85 -40.43
C SER L 53 -0.98 71.48 -40.53
#